data_3FGC
#
_entry.id   3FGC
#
_cell.length_a   58.886
_cell.length_b   109.301
_cell.length_c   301.419
_cell.angle_alpha   90.00
_cell.angle_beta   90.00
_cell.angle_gamma   90.00
#
_symmetry.space_group_name_H-M   'P 21 21 21'
#
loop_
_entity.id
_entity.type
_entity.pdbx_description
1 polymer 'Alkanal monooxygenase alpha chain'
2 polymer 'Alkanal monooxygenase beta chain'
3 non-polymer 'FLAVIN MONONUCLEOTIDE'
4 non-polymer 'PHOSPHATE ION'
5 non-polymer 'SULFATE ION'
6 water water
#
loop_
_entity_poly.entity_id
_entity_poly.type
_entity_poly.pdbx_seq_one_letter_code
_entity_poly.pdbx_strand_id
1 'polypeptide(L)'
;MKFGNFLLTYQPPELSQTEVMKRLVNLGKASEGCGFDTVWLLEHHFTEFGLLGNPYVAAAHLLGATETLNVGTAAIVLPT
AHPVRQAEDVNLLDQMSKGRFRFGICRGLYDKDFRVFGTDMDNSRALMDCWYDLMKEGFNEGYIAADNEHIKFPKIQLNP
SAYTQGGAPVYVVAESASTTEWAAERGLPMILSWIINTHEKKAQLDLYNEVATEHGYDVTKIDHCLSYITSVDHDSNRAK
DICRNFLGHWYDSYVNATKIFDDSDQTKGYDFNKGQWRDFVLKGHKDTNRRIDYSYEINPVGTPEECIAIIQQDIDATGI
DNICCGFEANGSEEEIIASMKLFQSDVMPYLKEKQ
;
A,C
2 'polypeptide(L)'
;MKFGLFFLNFMNSKRSSDQVIEEMLDTAHYVDQLKFDTLAVYENHFSNNGVVGAPLTVAGFLLGMTKNAKVASLNHVITT
HHPVRVAEEACLLDQMSEGRFAFGFSDCEKSADMRFFNRPTDSQFQLFSECHKIINDAFTTGYCHPNNDFYSFPKISVNP
HAFTEGGPAQFVNATSKEVVEWAAKLGLPLVFRWDDSNAQRKEYAGLYHEVAQAHGVDVSQVRHKLTLLVNQNVDGEAAR
AEARVYLEEFVRESYSNTDFEQKMGELLSENAIGTYEESTQAARVAIECCGAADLLMSFESMEDKAQQRAVIDVVNANIV
KYHSLEHHHHHH
;
B,D
#
# COMPACT_ATOMS: atom_id res chain seq x y z
N MET A 1 -38.71 -24.37 8.29
CA MET A 1 -37.72 -23.47 7.64
C MET A 1 -36.44 -23.53 8.48
N LYS A 2 -35.31 -23.82 7.84
CA LYS A 2 -33.99 -23.82 8.47
C LYS A 2 -33.26 -22.53 8.06
N PHE A 3 -32.45 -22.03 8.96
CA PHE A 3 -31.64 -20.87 8.67
C PHE A 3 -30.16 -21.12 8.91
N GLY A 4 -29.34 -20.71 7.95
CA GLY A 4 -27.91 -20.75 8.06
C GLY A 4 -27.29 -19.36 8.10
N ASN A 5 -26.13 -19.29 8.76
CA ASN A 5 -25.31 -18.07 8.76
C ASN A 5 -23.97 -18.32 8.06
N PHE A 6 -23.72 -17.62 6.95
N PHE A 6 -23.67 -17.58 7.00
CA PHE A 6 -22.47 -17.70 6.21
CA PHE A 6 -22.48 -17.79 6.20
C PHE A 6 -21.42 -16.81 6.83
C PHE A 6 -21.36 -16.82 6.60
N LEU A 7 -20.24 -17.38 7.07
CA LEU A 7 -19.12 -16.61 7.55
C LEU A 7 -18.00 -16.64 6.54
N LEU A 8 -17.60 -15.45 6.06
CA LEU A 8 -16.60 -15.35 4.97
C LEU A 8 -15.15 -15.18 5.48
N THR A 9 -15.01 -14.65 6.70
CA THR A 9 -13.73 -14.33 7.29
C THR A 9 -12.91 -13.39 6.38
N TYR A 10 -13.66 -12.54 5.67
CA TYR A 10 -13.14 -11.50 4.84
C TYR A 10 -12.38 -10.45 5.72
N GLN A 11 -11.23 -10.04 5.25
CA GLN A 11 -10.46 -9.01 5.93
C GLN A 11 -10.55 -7.63 5.24
N PRO A 12 -11.39 -6.72 5.73
CA PRO A 12 -11.33 -5.33 5.26
C PRO A 12 -10.00 -4.65 5.71
N PRO A 13 -9.47 -3.75 4.88
CA PRO A 13 -8.12 -3.22 5.14
C PRO A 13 -7.95 -2.52 6.51
N GLU A 14 -9.05 -2.07 7.12
CA GLU A 14 -8.94 -1.39 8.39
C GLU A 14 -8.91 -2.34 9.60
N LEU A 15 -9.13 -3.63 9.37
CA LEU A 15 -9.04 -4.67 10.42
C LEU A 15 -7.76 -5.47 10.33
N SER A 16 -7.26 -5.88 11.47
CA SER A 16 -6.08 -6.73 11.51
C SER A 16 -6.55 -8.18 11.34
N GLN A 17 -5.59 -9.07 11.10
CA GLN A 17 -5.94 -10.49 10.96
C GLN A 17 -6.48 -11.02 12.30
N THR A 18 -5.92 -10.54 13.40
CA THR A 18 -6.32 -10.98 14.73
C THR A 18 -7.72 -10.61 15.00
N GLU A 19 -8.10 -9.40 14.58
CA GLU A 19 -9.48 -8.89 14.80
C GLU A 19 -10.46 -9.66 13.94
N VAL A 20 -10.11 -9.91 12.69
CA VAL A 20 -10.95 -10.76 11.84
C VAL A 20 -11.15 -12.19 12.42
N MET A 21 -10.07 -12.79 12.95
CA MET A 21 -10.20 -14.07 13.62
C MET A 21 -11.09 -14.08 14.88
N LYS A 22 -10.97 -13.07 15.73
CA LYS A 22 -11.93 -12.88 16.86
C LYS A 22 -13.43 -12.76 16.40
N ARG A 23 -13.66 -12.10 15.29
CA ARG A 23 -14.99 -11.99 14.76
C ARG A 23 -15.52 -13.32 14.29
N LEU A 24 -14.71 -14.14 13.58
CA LEU A 24 -15.15 -15.52 13.27
C LEU A 24 -15.61 -16.25 14.51
N VAL A 25 -14.76 -16.26 15.54
CA VAL A 25 -15.06 -16.95 16.79
C VAL A 25 -16.37 -16.43 17.38
N ASN A 26 -16.48 -15.10 17.48
CA ASN A 26 -17.63 -14.51 18.10
C ASN A 26 -18.94 -14.67 17.31
N LEU A 27 -18.83 -14.58 15.98
CA LEU A 27 -20.01 -14.61 15.19
C LEU A 27 -20.57 -16.03 15.10
N GLY A 28 -19.67 -17.01 15.18
CA GLY A 28 -20.07 -18.42 15.26
C GLY A 28 -20.83 -18.68 16.52
N LYS A 29 -20.31 -18.19 17.64
CA LYS A 29 -21.00 -18.30 18.97
C LYS A 29 -22.30 -17.53 19.16
N ALA A 30 -22.48 -16.43 18.40
CA ALA A 30 -23.67 -15.60 18.45
C ALA A 30 -24.85 -16.18 17.66
N SER A 31 -24.55 -17.05 16.71
CA SER A 31 -25.48 -17.52 15.67
C SER A 31 -26.71 -18.26 16.19
N GLU A 32 -26.51 -19.29 17.02
CA GLU A 32 -27.63 -20.00 17.64
C GLU A 32 -28.65 -19.08 18.37
N GLY A 33 -28.11 -18.08 19.08
CA GLY A 33 -28.96 -17.17 19.87
C GLY A 33 -29.83 -16.33 18.93
N CYS A 34 -29.41 -16.20 17.68
CA CYS A 34 -30.12 -15.40 16.71
C CYS A 34 -31.06 -16.24 15.82
N GLY A 35 -31.24 -17.52 16.14
CA GLY A 35 -32.27 -18.33 15.51
C GLY A 35 -31.68 -19.08 14.31
N PHE A 36 -30.34 -19.06 14.20
CA PHE A 36 -29.67 -19.86 13.13
C PHE A 36 -29.38 -21.30 13.58
N ASP A 37 -29.81 -22.28 12.80
CA ASP A 37 -29.49 -23.71 13.02
C ASP A 37 -28.09 -24.15 12.60
N THR A 38 -27.49 -23.49 11.64
CA THR A 38 -26.21 -23.90 11.04
C THR A 38 -25.32 -22.69 10.82
N VAL A 39 -24.01 -22.85 11.07
CA VAL A 39 -23.05 -21.86 10.63
C VAL A 39 -22.27 -22.48 9.47
N TRP A 40 -22.15 -21.76 8.33
CA TRP A 40 -21.40 -22.27 7.18
C TRP A 40 -20.14 -21.48 7.02
N LEU A 41 -19.02 -22.18 6.78
CA LEU A 41 -17.69 -21.54 6.71
C LEU A 41 -17.09 -21.62 5.31
N LEU A 42 -16.72 -20.48 4.74
CA LEU A 42 -15.97 -20.43 3.46
C LEU A 42 -14.45 -20.73 3.59
N GLU A 43 -13.88 -21.41 2.60
CA GLU A 43 -12.43 -21.63 2.56
C GLU A 43 -11.73 -20.70 1.58
N HIS A 44 -10.64 -20.09 2.02
CA HIS A 44 -9.82 -19.25 1.14
C HIS A 44 -8.39 -19.19 1.68
N HIS A 45 -7.44 -19.04 0.76
CA HIS A 45 -6.03 -19.11 1.12
C HIS A 45 -5.28 -17.87 0.64
N PHE A 46 -4.38 -17.36 1.48
CA PHE A 46 -3.25 -16.55 1.01
C PHE A 46 -3.63 -15.09 0.91
N THR A 47 -4.91 -14.78 0.80
CA THR A 47 -5.38 -13.44 0.64
C THR A 47 -6.49 -13.00 1.55
N GLU A 48 -6.67 -11.71 1.63
CA GLU A 48 -7.69 -11.06 2.49
C GLU A 48 -9.13 -11.30 2.09
N PHE A 49 -9.34 -11.92 0.90
CA PHE A 49 -10.69 -12.24 0.40
C PHE A 49 -11.37 -13.11 1.45
N GLY A 50 -10.59 -13.98 2.08
CA GLY A 50 -11.07 -14.75 3.23
C GLY A 50 -9.89 -15.32 3.94
N LEU A 51 -9.83 -15.22 5.26
CA LEU A 51 -8.58 -15.67 5.96
C LEU A 51 -8.60 -17.11 6.45
N LEU A 52 -9.76 -17.76 6.37
CA LEU A 52 -9.87 -19.16 6.82
C LEU A 52 -9.57 -20.15 5.69
N GLY A 53 -8.43 -20.81 5.74
CA GLY A 53 -8.08 -21.73 4.72
C GLY A 53 -8.41 -23.15 5.09
N ASN A 54 -8.76 -23.41 6.37
CA ASN A 54 -9.01 -24.77 6.81
C ASN A 54 -10.32 -24.92 7.54
N PRO A 55 -11.46 -24.88 6.83
CA PRO A 55 -12.75 -24.99 7.53
C PRO A 55 -12.95 -26.26 8.36
N TYR A 56 -12.27 -27.39 8.08
CA TYR A 56 -12.47 -28.55 8.98
C TYR A 56 -12.07 -28.23 10.41
N VAL A 57 -10.96 -27.49 10.56
CA VAL A 57 -10.38 -27.17 11.84
C VAL A 57 -11.16 -26.06 12.55
N ALA A 58 -11.57 -25.04 11.81
CA ALA A 58 -12.48 -24.02 12.37
C ALA A 58 -13.84 -24.57 12.73
N ALA A 59 -14.37 -25.50 11.94
CA ALA A 59 -15.61 -26.24 12.34
C ALA A 59 -15.43 -27.08 13.61
N ALA A 60 -14.32 -27.78 13.72
CA ALA A 60 -13.97 -28.47 14.97
C ALA A 60 -14.12 -27.53 16.18
N HIS A 61 -13.51 -26.36 16.10
CA HIS A 61 -13.51 -25.40 17.16
C HIS A 61 -14.93 -25.00 17.54
N LEU A 62 -15.70 -24.50 16.58
CA LEU A 62 -17.13 -24.12 16.84
C LEU A 62 -18.02 -25.27 17.26
N LEU A 63 -17.82 -26.42 16.65
CA LEU A 63 -18.57 -27.59 17.12
C LEU A 63 -18.21 -27.99 18.60
N GLY A 64 -16.93 -27.83 18.94
CA GLY A 64 -16.42 -28.11 20.26
C GLY A 64 -17.07 -27.23 21.33
N ALA A 65 -17.26 -25.96 20.96
CA ALA A 65 -17.84 -24.91 21.83
C ALA A 65 -19.36 -24.94 21.88
N THR A 66 -19.98 -25.87 21.17
CA THR A 66 -21.44 -25.89 21.02
C THR A 66 -22.00 -27.29 21.19
N GLU A 67 -23.32 -27.39 21.15
CA GLU A 67 -24.01 -28.63 21.55
C GLU A 67 -24.99 -29.07 20.47
N THR A 68 -25.85 -28.15 20.05
CA THR A 68 -26.94 -28.48 19.12
C THR A 68 -26.79 -27.74 17.81
N LEU A 69 -25.85 -26.81 17.76
CA LEU A 69 -25.61 -26.02 16.55
C LEU A 69 -24.93 -26.88 15.48
N ASN A 70 -25.33 -26.74 14.21
CA ASN A 70 -24.67 -27.46 13.13
C ASN A 70 -23.65 -26.53 12.52
N VAL A 71 -22.56 -27.09 12.03
CA VAL A 71 -21.55 -26.27 11.37
C VAL A 71 -21.23 -26.98 10.07
N GLY A 72 -21.17 -26.22 8.99
CA GLY A 72 -20.82 -26.78 7.70
C GLY A 72 -19.76 -26.00 6.95
N THR A 73 -19.26 -26.59 5.87
CA THR A 73 -18.31 -25.91 5.02
C THR A 73 -19.12 -25.47 3.78
N ALA A 74 -18.89 -24.23 3.36
CA ALA A 74 -19.43 -23.76 2.10
C ALA A 74 -18.36 -22.90 1.47
N ALA A 75 -17.34 -23.51 0.83
CA ALA A 75 -17.27 -24.96 0.66
C ALA A 75 -15.81 -25.39 0.80
N ILE A 76 -15.58 -26.66 1.10
CA ILE A 76 -14.26 -27.23 0.99
C ILE A 76 -13.84 -27.22 -0.47
N VAL A 77 -12.61 -26.80 -0.75
CA VAL A 77 -12.07 -26.96 -2.08
C VAL A 77 -11.54 -28.39 -2.17
N LEU A 78 -12.39 -29.28 -2.70
CA LEU A 78 -12.13 -30.74 -2.58
C LEU A 78 -10.78 -31.21 -3.22
N PRO A 79 -10.49 -30.79 -4.48
CA PRO A 79 -9.30 -31.29 -5.22
C PRO A 79 -7.91 -31.02 -4.59
N THR A 80 -7.80 -29.99 -3.76
CA THR A 80 -6.50 -29.49 -3.36
C THR A 80 -5.94 -30.13 -2.09
N ALA A 81 -6.65 -31.15 -1.62
CA ALA A 81 -6.20 -31.93 -0.48
C ALA A 81 -6.46 -33.42 -0.72
N HIS A 82 -5.61 -34.22 -0.11
CA HIS A 82 -5.67 -35.65 -0.21
C HIS A 82 -6.95 -36.23 0.28
N PRO A 83 -7.61 -37.10 -0.57
CA PRO A 83 -8.94 -37.56 -0.24
C PRO A 83 -9.01 -38.41 1.05
N VAL A 84 -7.96 -39.16 1.37
CA VAL A 84 -7.96 -39.96 2.61
C VAL A 84 -7.80 -39.08 3.87
N ARG A 85 -6.91 -38.09 3.82
CA ARG A 85 -6.80 -37.13 4.92
C ARG A 85 -8.13 -36.41 5.18
N GLN A 86 -8.81 -35.99 4.10
CA GLN A 86 -10.12 -35.33 4.20
C GLN A 86 -11.21 -36.26 4.77
N ALA A 87 -11.18 -37.53 4.36
CA ALA A 87 -12.14 -38.52 4.96
C ALA A 87 -11.99 -38.73 6.45
N GLU A 88 -10.75 -38.79 6.94
CA GLU A 88 -10.41 -38.80 8.35
C GLU A 88 -10.96 -37.58 9.07
N ASP A 89 -10.72 -36.39 8.50
CA ASP A 89 -11.19 -35.12 9.06
C ASP A 89 -12.72 -35.11 9.14
N VAL A 90 -13.39 -35.46 8.05
CA VAL A 90 -14.90 -35.52 8.04
C VAL A 90 -15.44 -36.50 9.12
N ASN A 91 -14.88 -37.71 9.16
CA ASN A 91 -15.36 -38.68 10.18
C ASN A 91 -15.16 -38.27 11.62
N LEU A 92 -13.99 -37.72 11.89
CA LEU A 92 -13.62 -37.09 13.18
C LEU A 92 -14.56 -36.00 13.59
N LEU A 93 -14.83 -35.07 12.67
CA LEU A 93 -15.85 -34.01 12.91
C LEU A 93 -17.20 -34.58 13.21
N ASP A 94 -17.62 -35.52 12.35
CA ASP A 94 -18.85 -36.34 12.48
C ASP A 94 -18.94 -37.03 13.86
N GLN A 95 -17.88 -37.71 14.26
CA GLN A 95 -17.84 -38.38 15.57
C GLN A 95 -17.87 -37.45 16.76
N MET A 96 -16.92 -36.51 16.81
CA MET A 96 -16.82 -35.52 17.92
C MET A 96 -18.07 -34.70 18.10
N SER A 97 -18.69 -34.23 17.00
CA SER A 97 -19.88 -33.41 17.13
C SER A 97 -21.16 -34.22 17.23
N LYS A 98 -21.03 -35.54 17.08
CA LYS A 98 -22.19 -36.41 17.07
C LYS A 98 -23.16 -36.00 15.96
N GLY A 99 -22.65 -35.90 14.75
CA GLY A 99 -23.58 -35.73 13.63
C GLY A 99 -23.96 -34.32 13.25
N ARG A 100 -23.27 -33.32 13.81
CA ARG A 100 -23.59 -31.93 13.49
C ARG A 100 -22.75 -31.27 12.41
N PHE A 101 -21.89 -32.04 11.73
CA PHE A 101 -21.06 -31.51 10.66
C PHE A 101 -21.77 -31.62 9.29
N ARG A 102 -21.74 -30.54 8.50
CA ARG A 102 -22.32 -30.56 7.16
C ARG A 102 -21.19 -30.28 6.15
N PHE A 103 -21.04 -31.24 5.25
CA PHE A 103 -19.89 -31.29 4.38
C PHE A 103 -20.15 -30.69 2.99
N GLY A 104 -20.06 -29.36 2.89
CA GLY A 104 -20.20 -28.64 1.59
C GLY A 104 -18.90 -28.68 0.79
N ILE A 105 -18.99 -28.98 -0.52
CA ILE A 105 -17.81 -29.17 -1.41
C ILE A 105 -17.89 -28.38 -2.70
N CYS A 106 -16.75 -27.93 -3.20
CA CYS A 106 -16.77 -27.29 -4.54
C CYS A 106 -15.48 -27.73 -5.27
N ARG A 107 -15.38 -27.43 -6.57
CA ARG A 107 -14.15 -27.74 -7.37
C ARG A 107 -13.00 -26.77 -7.09
N GLY A 108 -13.31 -25.55 -6.63
CA GLY A 108 -12.33 -24.52 -6.33
C GLY A 108 -12.28 -23.41 -7.38
N LEU A 109 -12.26 -22.17 -6.90
CA LEU A 109 -12.32 -20.99 -7.79
C LEU A 109 -10.91 -20.42 -8.14
N TYR A 110 -9.90 -20.69 -7.34
CA TYR A 110 -8.64 -19.99 -7.54
C TYR A 110 -7.45 -20.85 -7.83
N ASP A 111 -6.80 -20.58 -8.96
CA ASP A 111 -5.60 -21.32 -9.36
C ASP A 111 -4.46 -21.29 -8.33
N LYS A 112 -4.41 -20.25 -7.50
CA LYS A 112 -3.28 -20.08 -6.58
C LYS A 112 -3.24 -21.26 -5.63
N ASP A 113 -4.42 -21.79 -5.27
CA ASP A 113 -4.53 -22.93 -4.37
C ASP A 113 -3.93 -24.17 -5.01
N PHE A 114 -4.29 -24.35 -6.28
CA PHE A 114 -3.81 -25.51 -7.02
C PHE A 114 -2.31 -25.39 -7.18
N ARG A 115 -1.83 -24.18 -7.50
CA ARG A 115 -0.41 -23.88 -7.56
C ARG A 115 0.40 -24.25 -6.31
N VAL A 116 -0.05 -23.79 -5.16
CA VAL A 116 0.71 -24.01 -3.92
C VAL A 116 0.60 -25.45 -3.44
N PHE A 117 -0.63 -25.96 -3.35
CA PHE A 117 -0.84 -27.34 -2.94
C PHE A 117 -0.48 -28.38 -4.01
N GLY A 118 -0.21 -27.97 -5.25
CA GLY A 118 0.52 -28.81 -6.16
C GLY A 118 -0.38 -29.74 -6.92
N THR A 119 -1.45 -29.18 -7.43
CA THR A 119 -2.29 -30.01 -8.27
C THR A 119 -2.84 -29.11 -9.37
N ASP A 120 -3.62 -29.73 -10.26
CA ASP A 120 -3.98 -29.11 -11.56
C ASP A 120 -5.40 -28.54 -11.61
N MET A 121 -5.55 -27.24 -11.68
CA MET A 121 -6.90 -26.65 -11.80
C MET A 121 -7.67 -27.02 -13.05
N ASP A 122 -6.95 -27.28 -14.14
CA ASP A 122 -7.61 -27.73 -15.36
C ASP A 122 -8.26 -29.11 -15.19
N ASN A 123 -7.91 -29.80 -14.10
CA ASN A 123 -8.43 -31.14 -13.82
C ASN A 123 -9.41 -31.16 -12.65
N SER A 124 -9.86 -29.98 -12.23
CA SER A 124 -10.59 -29.82 -10.97
C SER A 124 -11.87 -30.66 -10.88
N ARG A 125 -12.56 -30.79 -12.02
CA ARG A 125 -13.83 -31.51 -12.10
C ARG A 125 -13.64 -33.00 -11.95
N ALA A 126 -12.68 -33.55 -12.68
CA ALA A 126 -12.38 -34.99 -12.53
C ALA A 126 -11.82 -35.33 -11.11
N LEU A 127 -11.05 -34.42 -10.51
CA LEU A 127 -10.49 -34.64 -9.16
C LEU A 127 -11.61 -34.59 -8.13
N MET A 128 -12.54 -33.64 -8.28
CA MET A 128 -13.64 -33.51 -7.34
C MET A 128 -14.48 -34.77 -7.43
N ASP A 129 -14.74 -35.18 -8.68
CA ASP A 129 -15.47 -36.41 -8.90
C ASP A 129 -14.77 -37.65 -8.28
N CYS A 130 -13.45 -37.77 -8.45
CA CYS A 130 -12.78 -38.98 -8.01
C CYS A 130 -12.65 -38.99 -6.47
N TRP A 131 -12.24 -37.85 -5.92
CA TRP A 131 -12.11 -37.65 -4.47
C TRP A 131 -13.43 -37.95 -3.76
N TYR A 132 -14.54 -37.46 -4.31
CA TYR A 132 -15.87 -37.80 -3.77
C TYR A 132 -16.14 -39.30 -3.68
N ASP A 133 -15.96 -40.04 -4.78
CA ASP A 133 -16.12 -41.51 -4.74
C ASP A 133 -15.26 -42.20 -3.67
N LEU A 134 -13.97 -41.86 -3.61
CA LEU A 134 -13.07 -42.43 -2.62
C LEU A 134 -13.54 -42.11 -1.21
N MET A 135 -13.94 -40.84 -0.95
CA MET A 135 -14.41 -40.46 0.41
C MET A 135 -15.65 -41.21 0.78
N LYS A 136 -16.60 -41.27 -0.16
CA LYS A 136 -17.89 -41.92 0.10
C LYS A 136 -17.70 -43.43 0.26
N GLU A 137 -16.76 -44.02 -0.48
CA GLU A 137 -16.39 -45.39 -0.28
C GLU A 137 -15.85 -45.63 1.17
N GLY A 138 -14.98 -44.74 1.65
CA GLY A 138 -14.52 -44.79 3.03
C GLY A 138 -15.64 -44.62 4.03
N PHE A 139 -16.50 -43.63 3.85
CA PHE A 139 -17.71 -43.42 4.74
C PHE A 139 -18.60 -44.67 4.81
N ASN A 140 -18.85 -45.27 3.63
CA ASN A 140 -19.71 -46.45 3.49
C ASN A 140 -19.11 -47.75 4.00
N GLU A 141 -17.86 -48.01 3.63
CA GLU A 141 -17.23 -49.33 3.87
C GLU A 141 -16.23 -49.34 4.99
N GLY A 142 -15.61 -48.22 5.36
CA GLY A 142 -14.71 -48.23 6.49
C GLY A 142 -13.29 -48.40 6.02
N TYR A 143 -13.12 -48.38 4.68
CA TYR A 143 -11.89 -48.68 3.97
C TYR A 143 -11.93 -47.91 2.72
N ILE A 144 -10.76 -47.56 2.22
CA ILE A 144 -10.60 -46.89 0.91
C ILE A 144 -9.39 -47.51 0.22
N ALA A 145 -9.49 -47.73 -1.09
CA ALA A 145 -8.39 -48.16 -1.95
C ALA A 145 -8.50 -47.40 -3.25
N ALA A 146 -7.37 -47.11 -3.88
CA ALA A 146 -7.41 -46.45 -5.19
C ALA A 146 -6.47 -47.13 -6.18
N ASP A 147 -6.94 -47.34 -7.39
CA ASP A 147 -6.10 -47.87 -8.49
C ASP A 147 -6.60 -47.23 -9.78
N ASN A 148 -6.51 -45.91 -9.85
CA ASN A 148 -7.02 -45.25 -11.03
C ASN A 148 -6.01 -44.28 -11.65
N GLU A 149 -6.44 -43.69 -12.75
CA GLU A 149 -5.80 -42.63 -13.52
C GLU A 149 -5.34 -41.43 -12.71
N HIS A 150 -6.09 -41.08 -11.65
CA HIS A 150 -5.77 -39.85 -10.90
C HIS A 150 -4.92 -40.09 -9.67
N ILE A 151 -5.06 -41.27 -9.07
CA ILE A 151 -4.42 -41.51 -7.82
C ILE A 151 -4.42 -43.03 -7.58
N LYS A 152 -3.44 -43.51 -6.86
CA LYS A 152 -3.35 -44.91 -6.56
C LYS A 152 -2.73 -45.04 -5.18
N PHE A 153 -3.31 -45.92 -4.38
CA PHE A 153 -2.79 -46.24 -3.05
C PHE A 153 -3.39 -47.56 -2.63
N PRO A 154 -2.70 -48.29 -1.75
CA PRO A 154 -3.27 -49.58 -1.31
C PRO A 154 -4.46 -49.41 -0.36
N LYS A 155 -5.24 -50.46 -0.18
CA LYS A 155 -6.37 -50.38 0.68
C LYS A 155 -5.90 -50.06 2.09
N ILE A 156 -6.61 -49.13 2.71
CA ILE A 156 -6.42 -48.80 4.10
C ILE A 156 -7.71 -48.81 4.90
N GLN A 157 -7.57 -49.21 6.17
CA GLN A 157 -8.60 -48.94 7.16
C GLN A 157 -8.72 -47.43 7.40
N LEU A 158 -9.91 -46.90 7.22
CA LEU A 158 -10.18 -45.50 7.49
C LEU A 158 -10.67 -45.34 8.96
N ASN A 159 -9.95 -44.54 9.77
CA ASN A 159 -10.38 -44.26 11.13
C ASN A 159 -10.84 -42.78 11.23
N PRO A 160 -11.81 -42.49 12.13
CA PRO A 160 -12.70 -43.37 12.88
C PRO A 160 -13.81 -43.74 11.92
N SER A 161 -14.80 -44.52 12.35
CA SER A 161 -15.94 -44.81 11.47
C SER A 161 -16.83 -43.59 11.38
N ALA A 162 -17.78 -43.60 10.44
CA ALA A 162 -18.68 -42.48 10.30
C ALA A 162 -19.74 -42.58 11.41
N TYR A 163 -19.98 -41.46 12.11
CA TYR A 163 -21.08 -41.34 13.02
C TYR A 163 -22.43 -41.43 12.26
N THR A 164 -22.52 -40.70 11.14
CA THR A 164 -23.68 -40.63 10.28
C THR A 164 -23.52 -41.71 9.22
N GLN A 165 -24.58 -42.49 8.99
N GLN A 165 -24.59 -42.49 8.99
CA GLN A 165 -24.58 -43.58 8.02
CA GLN A 165 -24.62 -43.55 7.98
C GLN A 165 -24.39 -43.02 6.60
C GLN A 165 -24.33 -42.92 6.62
N GLY A 166 -23.37 -43.48 5.90
CA GLY A 166 -22.98 -42.92 4.59
C GLY A 166 -22.13 -41.66 4.67
N GLY A 167 -21.71 -41.31 5.90
CA GLY A 167 -20.81 -40.22 6.16
C GLY A 167 -21.61 -38.97 6.39
N ALA A 168 -20.95 -37.90 6.83
CA ALA A 168 -21.62 -36.63 7.11
C ALA A 168 -22.33 -36.13 5.84
N PRO A 169 -23.51 -35.51 6.00
CA PRO A 169 -24.24 -35.07 4.79
C PRO A 169 -23.45 -34.10 3.90
N VAL A 170 -23.36 -34.44 2.62
CA VAL A 170 -22.64 -33.67 1.59
C VAL A 170 -23.57 -32.67 0.86
N TYR A 171 -23.03 -31.45 0.60
CA TYR A 171 -23.72 -30.39 -0.12
C TYR A 171 -22.80 -30.01 -1.20
N VAL A 172 -23.33 -29.59 -2.34
CA VAL A 172 -22.48 -29.22 -3.45
C VAL A 172 -22.72 -27.75 -3.82
N VAL A 173 -21.68 -26.93 -3.76
CA VAL A 173 -21.77 -25.63 -4.37
C VAL A 173 -21.71 -25.82 -5.91
N ALA A 174 -22.79 -25.43 -6.58
CA ALA A 174 -22.95 -25.73 -8.00
C ALA A 174 -23.55 -24.55 -8.75
N GLU A 175 -22.98 -24.24 -9.91
N GLU A 175 -22.98 -24.24 -9.91
CA GLU A 175 -23.39 -23.09 -10.69
CA GLU A 175 -23.39 -23.09 -10.69
C GLU A 175 -22.95 -23.27 -12.13
N SER A 176 -22.62 -24.51 -12.48
CA SER A 176 -22.69 -24.94 -13.88
C SER A 176 -23.63 -26.12 -14.04
N ALA A 177 -24.13 -26.30 -15.26
CA ALA A 177 -25.06 -27.37 -15.56
C ALA A 177 -24.37 -28.69 -15.25
N SER A 178 -23.08 -28.76 -15.54
CA SER A 178 -22.37 -30.00 -15.32
C SER A 178 -22.21 -30.35 -13.82
N THR A 179 -22.11 -29.36 -12.93
CA THR A 179 -21.95 -29.65 -11.49
C THR A 179 -23.33 -29.97 -10.90
N THR A 180 -24.36 -29.31 -11.42
CA THR A 180 -25.78 -29.61 -11.09
C THR A 180 -26.16 -31.08 -11.35
N GLU A 181 -25.85 -31.55 -12.55
CA GLU A 181 -26.07 -32.91 -12.96
C GLU A 181 -25.25 -33.89 -12.13
N TRP A 182 -23.98 -33.55 -11.90
CA TRP A 182 -23.12 -34.35 -11.07
C TRP A 182 -23.77 -34.57 -9.68
N ALA A 183 -24.23 -33.47 -9.05
CA ALA A 183 -24.93 -33.52 -7.77
C ALA A 183 -26.25 -34.29 -7.85
N ALA A 184 -27.01 -34.03 -8.89
CA ALA A 184 -28.27 -34.74 -9.08
C ALA A 184 -28.10 -36.29 -9.20
N GLU A 185 -27.08 -36.72 -9.94
CA GLU A 185 -26.81 -38.20 -10.14
C GLU A 185 -26.55 -38.87 -8.81
N ARG A 186 -26.20 -38.07 -7.82
CA ARG A 186 -25.86 -38.55 -6.49
C ARG A 186 -26.94 -38.25 -5.47
N GLY A 187 -27.97 -37.53 -5.86
CA GLY A 187 -29.04 -37.21 -4.92
C GLY A 187 -28.64 -36.15 -3.89
N LEU A 188 -27.62 -35.36 -4.19
CA LEU A 188 -27.02 -34.49 -3.19
C LEU A 188 -27.63 -33.07 -3.28
N PRO A 189 -27.90 -32.46 -2.12
CA PRO A 189 -28.36 -31.08 -2.08
C PRO A 189 -27.31 -30.11 -2.59
N MET A 190 -27.81 -29.06 -3.23
CA MET A 190 -26.99 -27.98 -3.68
C MET A 190 -27.16 -26.75 -2.82
N ILE A 191 -26.14 -25.90 -2.84
CA ILE A 191 -26.20 -24.60 -2.25
C ILE A 191 -26.14 -23.68 -3.43
N LEU A 192 -27.19 -22.90 -3.60
CA LEU A 192 -27.39 -22.10 -4.82
C LEU A 192 -26.70 -20.78 -4.64
N SER A 193 -26.23 -20.23 -5.76
CA SER A 193 -25.55 -18.94 -5.78
C SER A 193 -26.50 -17.73 -5.46
N TRP A 194 -25.94 -16.71 -4.84
CA TRP A 194 -26.68 -15.52 -4.50
C TRP A 194 -26.47 -14.49 -5.63
N ILE A 195 -25.66 -14.82 -6.66
CA ILE A 195 -25.59 -13.91 -7.78
C ILE A 195 -26.47 -14.19 -8.96
N ILE A 196 -27.32 -15.21 -8.89
CA ILE A 196 -28.22 -15.51 -9.99
C ILE A 196 -29.64 -15.17 -9.57
N ASN A 197 -30.55 -15.03 -10.53
CA ASN A 197 -31.90 -14.63 -10.20
C ASN A 197 -32.86 -15.78 -10.02
N THR A 198 -34.08 -15.46 -9.63
CA THR A 198 -35.12 -16.47 -9.42
C THR A 198 -35.31 -17.36 -10.62
N HIS A 199 -35.28 -16.75 -11.78
CA HIS A 199 -35.52 -17.50 -13.01
C HIS A 199 -34.39 -18.52 -13.24
N GLU A 200 -33.13 -18.08 -13.05
CA GLU A 200 -31.93 -18.94 -13.09
C GLU A 200 -31.88 -20.07 -12.03
N LYS A 201 -32.30 -19.74 -10.81
CA LYS A 201 -32.46 -20.68 -9.72
C LYS A 201 -33.44 -21.80 -10.03
N LYS A 202 -34.59 -21.42 -10.57
CA LYS A 202 -35.65 -22.35 -10.92
C LYS A 202 -35.20 -23.28 -12.08
N ALA A 203 -34.49 -22.72 -13.05
CA ALA A 203 -33.97 -23.48 -14.18
C ALA A 203 -32.87 -24.47 -13.75
N GLN A 204 -32.02 -24.09 -12.78
CA GLN A 204 -30.99 -24.96 -12.25
C GLN A 204 -31.67 -26.09 -11.49
N LEU A 205 -32.71 -25.76 -10.72
CA LEU A 205 -33.46 -26.80 -10.03
C LEU A 205 -34.17 -27.78 -10.97
N ASP A 206 -34.87 -27.25 -11.99
CA ASP A 206 -35.61 -28.08 -12.95
C ASP A 206 -34.68 -29.05 -13.61
N LEU A 207 -33.47 -28.60 -13.96
CA LEU A 207 -32.39 -29.43 -14.48
C LEU A 207 -31.98 -30.52 -13.49
N TYR A 208 -31.67 -30.10 -12.26
CA TYR A 208 -31.34 -31.03 -11.20
C TYR A 208 -32.41 -32.11 -11.09
N ASN A 209 -33.66 -31.68 -10.96
CA ASN A 209 -34.73 -32.60 -10.64
C ASN A 209 -34.97 -33.66 -11.71
N GLU A 210 -34.77 -33.30 -12.98
CA GLU A 210 -34.85 -34.22 -14.11
C GLU A 210 -33.94 -35.49 -13.97
N VAL A 211 -32.66 -35.22 -13.73
CA VAL A 211 -31.63 -36.20 -13.49
C VAL A 211 -31.84 -36.91 -12.17
N ALA A 212 -32.16 -36.17 -11.10
CA ALA A 212 -32.38 -36.82 -9.81
C ALA A 212 -33.55 -37.82 -9.84
N THR A 213 -34.69 -37.43 -10.43
CA THR A 213 -35.80 -38.34 -10.67
C THR A 213 -35.47 -39.60 -11.49
N GLU A 214 -34.68 -39.47 -12.53
CA GLU A 214 -34.23 -40.64 -13.31
C GLU A 214 -33.49 -41.66 -12.44
N HIS A 215 -32.66 -41.19 -11.51
CA HIS A 215 -32.06 -42.09 -10.51
C HIS A 215 -32.97 -42.68 -9.42
N GLY A 216 -34.17 -42.13 -9.28
CA GLY A 216 -35.13 -42.62 -8.28
C GLY A 216 -35.12 -41.83 -6.97
N TYR A 217 -34.35 -40.73 -6.92
CA TYR A 217 -34.35 -39.88 -5.73
C TYR A 217 -35.70 -39.14 -5.59
N ASP A 218 -36.13 -38.99 -4.35
CA ASP A 218 -37.24 -38.10 -4.01
C ASP A 218 -36.77 -36.69 -3.99
N VAL A 219 -37.11 -35.94 -5.04
CA VAL A 219 -36.68 -34.57 -5.21
C VAL A 219 -37.27 -33.60 -4.20
N THR A 220 -38.31 -34.03 -3.47
CA THR A 220 -38.95 -33.18 -2.49
C THR A 220 -38.28 -33.30 -1.11
N LYS A 221 -37.42 -34.30 -0.91
CA LYS A 221 -36.78 -34.47 0.36
C LYS A 221 -35.28 -34.17 0.30
N ILE A 222 -34.86 -33.26 -0.59
CA ILE A 222 -33.43 -32.96 -0.75
C ILE A 222 -33.18 -31.55 -0.19
N ASP A 223 -32.18 -31.43 0.69
CA ASP A 223 -31.96 -30.20 1.50
C ASP A 223 -31.16 -29.05 0.78
N HIS A 224 -31.68 -28.62 -0.38
CA HIS A 224 -31.06 -27.58 -1.17
C HIS A 224 -31.13 -26.27 -0.35
N CYS A 225 -30.12 -25.40 -0.50
CA CYS A 225 -30.05 -24.15 0.22
C CYS A 225 -30.00 -23.00 -0.77
N LEU A 226 -30.76 -21.97 -0.45
CA LEU A 226 -30.69 -20.63 -1.05
C LEU A 226 -29.65 -19.83 -0.24
N SER A 227 -28.67 -19.31 -0.93
CA SER A 227 -27.73 -18.50 -0.24
C SER A 227 -27.89 -17.03 -0.67
N TYR A 228 -27.51 -16.14 0.25
CA TYR A 228 -27.87 -14.71 0.23
C TYR A 228 -26.79 -13.86 0.91
N ILE A 229 -26.43 -12.75 0.26
N ILE A 229 -26.43 -12.73 0.30
CA ILE A 229 -25.91 -11.55 0.93
CA ILE A 229 -25.80 -11.62 1.02
C ILE A 229 -27.12 -10.84 1.58
C ILE A 229 -26.96 -10.74 1.54
N THR A 230 -27.00 -10.51 2.85
CA THR A 230 -28.18 -10.03 3.54
C THR A 230 -27.90 -8.76 4.36
N SER A 231 -28.80 -7.81 4.21
CA SER A 231 -28.69 -6.52 4.93
C SER A 231 -30.09 -5.97 5.09
N VAL A 232 -30.61 -6.18 6.29
CA VAL A 232 -31.92 -5.79 6.68
C VAL A 232 -31.82 -4.49 7.51
N ASP A 233 -32.58 -3.49 7.13
CA ASP A 233 -32.50 -2.19 7.76
C ASP A 233 -33.85 -1.53 7.48
N HIS A 234 -34.44 -0.87 8.46
CA HIS A 234 -35.71 -0.10 8.25
C HIS A 234 -35.55 1.02 7.27
N ASP A 235 -34.31 1.48 7.15
CA ASP A 235 -33.87 2.40 6.13
C ASP A 235 -33.39 1.59 4.92
N SER A 236 -34.22 1.48 3.91
CA SER A 236 -33.97 0.62 2.76
C SER A 236 -32.69 0.99 2.02
N ASN A 237 -32.51 2.27 1.74
CA ASN A 237 -31.39 2.76 0.94
C ASN A 237 -30.06 2.68 1.65
N ARG A 238 -30.06 2.75 2.97
CA ARG A 238 -28.83 2.60 3.74
C ARG A 238 -28.39 1.13 3.62
N ALA A 239 -29.31 0.18 3.75
CA ALA A 239 -28.99 -1.23 3.50
C ALA A 239 -28.38 -1.43 2.12
N LYS A 240 -28.95 -0.80 1.09
CA LYS A 240 -28.43 -1.00 -0.28
C LYS A 240 -27.03 -0.42 -0.46
N ASP A 241 -26.77 0.75 0.15
CA ASP A 241 -25.46 1.42 0.10
C ASP A 241 -24.36 0.56 0.77
N ILE A 242 -24.65 0.11 1.97
CA ILE A 242 -23.74 -0.78 2.69
C ILE A 242 -23.35 -2.00 1.79
N CYS A 243 -24.34 -2.68 1.26
CA CYS A 243 -24.12 -3.87 0.42
CA CYS A 243 -24.11 -3.85 0.41
C CYS A 243 -23.42 -3.55 -0.93
N ARG A 244 -23.88 -2.50 -1.61
CA ARG A 244 -23.21 -2.04 -2.87
C ARG A 244 -21.74 -1.74 -2.59
N ASN A 245 -21.42 -0.97 -1.54
CA ASN A 245 -20.00 -0.71 -1.17
C ASN A 245 -19.16 -1.99 -0.87
N PHE A 246 -19.72 -2.89 -0.07
CA PHE A 246 -19.11 -4.19 0.20
C PHE A 246 -18.85 -5.06 -1.04
N LEU A 247 -19.86 -5.19 -1.92
CA LEU A 247 -19.76 -6.04 -3.10
C LEU A 247 -18.66 -5.53 -4.05
N GLY A 248 -18.50 -4.21 -4.11
CA GLY A 248 -17.39 -3.63 -4.83
C GLY A 248 -16.03 -4.04 -4.24
N HIS A 249 -15.90 -3.96 -2.94
CA HIS A 249 -14.61 -4.30 -2.30
C HIS A 249 -14.24 -5.75 -2.43
N TRP A 250 -15.26 -6.61 -2.35
CA TRP A 250 -15.08 -8.04 -2.26
C TRP A 250 -14.77 -8.55 -3.66
N TYR A 251 -15.42 -7.94 -4.64
CA TYR A 251 -15.16 -8.24 -6.04
C TYR A 251 -13.74 -7.86 -6.42
N ASP A 252 -13.26 -6.72 -5.91
CA ASP A 252 -11.87 -6.28 -6.19
C ASP A 252 -10.91 -7.21 -5.53
N SER A 253 -11.30 -7.65 -4.36
CA SER A 253 -10.48 -8.62 -3.63
C SER A 253 -10.45 -10.03 -4.36
N TYR A 254 -11.57 -10.41 -4.98
CA TYR A 254 -11.68 -11.64 -5.79
C TYR A 254 -10.73 -11.57 -7.01
N VAL A 255 -10.71 -10.41 -7.66
CA VAL A 255 -9.86 -10.11 -8.79
C VAL A 255 -8.39 -10.20 -8.42
N ASN A 256 -8.05 -9.54 -7.33
CA ASN A 256 -6.67 -9.54 -6.79
CA ASN A 256 -6.67 -9.56 -6.88
C ASN A 256 -6.19 -10.97 -6.47
N ALA A 257 -7.10 -11.79 -5.96
CA ALA A 257 -6.75 -13.19 -5.62
C ALA A 257 -6.50 -14.03 -6.88
N THR A 258 -7.14 -13.69 -8.00
CA THR A 258 -6.95 -14.39 -9.26
C THR A 258 -5.61 -14.01 -9.93
N LYS A 259 -5.05 -12.89 -9.54
CA LYS A 259 -3.86 -12.39 -10.19
C LYS A 259 -2.62 -12.44 -9.32
N ILE A 260 -2.71 -13.13 -8.17
CA ILE A 260 -1.63 -13.01 -7.17
C ILE A 260 -0.25 -13.46 -7.64
N PHE A 261 -0.20 -14.54 -8.41
CA PHE A 261 1.06 -15.12 -8.94
C PHE A 261 1.34 -14.65 -10.38
N ASP A 262 0.74 -13.52 -10.73
CA ASP A 262 0.69 -12.99 -12.11
C ASP A 262 2.00 -12.97 -12.84
N ASP A 263 3.08 -12.49 -12.22
CA ASP A 263 4.38 -12.49 -12.94
C ASP A 263 5.49 -13.43 -12.36
N SER A 264 5.09 -14.56 -11.79
CA SER A 264 6.00 -15.31 -10.93
C SER A 264 6.74 -16.48 -11.61
N ASP A 265 7.76 -17.01 -10.94
CA ASP A 265 8.45 -18.23 -11.39
C ASP A 265 7.52 -19.43 -11.26
N GLN A 266 7.15 -19.98 -12.42
CA GLN A 266 6.20 -21.06 -12.56
C GLN A 266 6.76 -22.43 -12.20
N THR A 267 7.99 -22.48 -11.65
CA THR A 267 8.66 -23.76 -11.38
C THR A 267 8.04 -24.47 -10.16
N LYS A 268 7.62 -25.70 -10.37
CA LYS A 268 7.07 -26.57 -9.35
C LYS A 268 8.18 -27.38 -8.67
N GLY A 269 7.94 -27.78 -7.43
CA GLY A 269 8.83 -28.62 -6.68
C GLY A 269 8.45 -30.05 -6.94
N TYR A 270 8.81 -30.92 -6.03
CA TYR A 270 8.57 -32.32 -6.16
C TYR A 270 7.07 -32.63 -6.42
N ASP A 271 6.84 -33.52 -7.38
CA ASP A 271 5.49 -33.94 -7.71
C ASP A 271 4.99 -35.10 -6.86
N PHE A 272 4.36 -34.77 -5.74
CA PHE A 272 3.80 -35.74 -4.82
C PHE A 272 2.41 -36.23 -5.35
N ASN A 273 1.91 -35.61 -6.43
CA ASN A 273 0.52 -35.84 -6.93
C ASN A 273 0.50 -36.24 -8.41
N LYS A 274 1.46 -37.07 -8.79
CA LYS A 274 1.75 -37.42 -10.19
C LYS A 274 0.53 -37.69 -11.13
N GLY A 275 -0.46 -38.44 -10.65
CA GLY A 275 -1.59 -38.81 -11.52
C GLY A 275 -2.63 -37.74 -11.69
N GLN A 276 -2.43 -36.60 -11.02
CA GLN A 276 -3.43 -35.54 -10.92
C GLN A 276 -3.38 -34.50 -12.07
N TRP A 277 -2.25 -34.43 -12.78
CA TRP A 277 -2.00 -33.47 -13.88
C TRP A 277 -2.55 -33.87 -15.24
N ARG A 278 -3.06 -32.87 -15.97
CA ARG A 278 -3.42 -33.00 -17.38
C ARG A 278 -2.42 -32.30 -18.23
N ASP A 279 -2.12 -32.86 -19.40
CA ASP A 279 -1.25 -32.23 -20.38
C ASP A 279 -1.74 -30.86 -20.90
N PHE A 280 -3.06 -30.69 -21.00
CA PHE A 280 -3.59 -29.54 -21.69
C PHE A 280 -4.37 -28.59 -20.79
N VAL A 281 -4.40 -27.33 -21.19
CA VAL A 281 -5.23 -26.34 -20.52
C VAL A 281 -6.67 -26.54 -20.98
N LEU A 282 -7.62 -25.96 -20.26
CA LEU A 282 -9.01 -25.93 -20.69
C LEU A 282 -9.14 -24.96 -21.86
N LYS A 283 -10.16 -25.10 -22.72
CA LYS A 283 -10.42 -24.10 -23.81
C LYS A 283 -10.56 -22.65 -23.26
N ARG A 290 -17.28 -11.74 -14.16
CA ARG A 290 -18.49 -10.94 -14.38
C ARG A 290 -18.85 -10.18 -13.10
N ARG A 291 -19.06 -8.88 -13.24
CA ARG A 291 -19.23 -8.03 -12.05
C ARG A 291 -20.61 -8.19 -11.35
N ILE A 292 -20.62 -7.95 -10.05
CA ILE A 292 -21.76 -8.26 -9.23
C ILE A 292 -22.27 -7.03 -8.47
N ASP A 293 -22.03 -5.84 -9.03
CA ASP A 293 -22.39 -4.55 -8.39
C ASP A 293 -23.90 -4.39 -8.12
N TYR A 294 -24.73 -4.90 -9.02
CA TYR A 294 -26.17 -4.74 -8.81
C TYR A 294 -26.85 -5.92 -8.11
N SER A 295 -26.07 -6.87 -7.62
CA SER A 295 -26.67 -8.09 -7.10
C SER A 295 -27.47 -7.88 -5.80
N TYR A 296 -27.29 -6.75 -5.11
CA TYR A 296 -28.16 -6.50 -3.97
C TYR A 296 -29.63 -6.40 -4.37
N GLU A 297 -29.91 -6.18 -5.67
CA GLU A 297 -31.32 -6.06 -6.07
C GLU A 297 -32.04 -7.38 -5.98
N ILE A 298 -31.27 -8.49 -6.07
CA ILE A 298 -31.83 -9.86 -6.09
C ILE A 298 -31.49 -10.63 -4.81
N ASN A 299 -31.19 -9.84 -3.78
CA ASN A 299 -30.81 -10.34 -2.46
C ASN A 299 -31.65 -9.64 -1.44
N PRO A 300 -31.77 -10.21 -0.22
CA PRO A 300 -32.56 -9.57 0.86
C PRO A 300 -31.72 -8.42 1.49
N VAL A 301 -31.78 -7.27 0.81
CA VAL A 301 -31.09 -6.07 1.13
C VAL A 301 -32.19 -5.01 1.06
N GLY A 302 -32.60 -4.47 2.22
CA GLY A 302 -33.65 -3.47 2.28
C GLY A 302 -34.38 -3.67 3.58
N THR A 303 -35.65 -3.23 3.64
CA THR A 303 -36.44 -3.34 4.84
C THR A 303 -36.84 -4.79 5.10
N PRO A 304 -37.21 -5.13 6.33
CA PRO A 304 -37.74 -6.52 6.49
C PRO A 304 -38.74 -7.01 5.40
N GLU A 305 -39.72 -6.19 5.10
N GLU A 305 -39.79 -6.27 5.10
CA GLU A 305 -40.75 -6.43 4.09
CA GLU A 305 -40.74 -6.77 4.09
C GLU A 305 -40.18 -6.76 2.73
C GLU A 305 -40.18 -6.81 2.66
N GLU A 306 -39.16 -6.02 2.37
CA GLU A 306 -38.48 -6.21 1.10
C GLU A 306 -37.68 -7.51 1.10
N CYS A 307 -37.09 -7.83 2.25
CA CYS A 307 -36.36 -9.07 2.47
C CYS A 307 -37.30 -10.25 2.41
N ILE A 308 -38.44 -10.13 3.06
CA ILE A 308 -39.46 -11.17 3.00
C ILE A 308 -39.90 -11.45 1.59
N ALA A 309 -40.13 -10.40 0.78
CA ALA A 309 -40.64 -10.63 -0.57
C ALA A 309 -39.58 -11.32 -1.53
N ILE A 310 -38.33 -10.88 -1.47
CA ILE A 310 -37.27 -11.45 -2.28
C ILE A 310 -37.12 -12.96 -1.89
N ILE A 311 -37.13 -13.27 -0.61
CA ILE A 311 -36.85 -14.65 -0.24
C ILE A 311 -38.09 -15.49 -0.53
N GLN A 312 -39.28 -15.01 -0.17
CA GLN A 312 -40.50 -15.76 -0.56
C GLN A 312 -40.61 -16.02 -2.07
N GLN A 313 -40.23 -15.04 -2.88
CA GLN A 313 -40.24 -15.29 -4.29
C GLN A 313 -39.32 -16.48 -4.66
N ASP A 314 -38.10 -16.54 -4.09
CA ASP A 314 -37.19 -17.72 -4.31
C ASP A 314 -37.74 -19.04 -3.78
N ILE A 315 -38.26 -19.06 -2.55
CA ILE A 315 -38.93 -20.23 -1.99
C ILE A 315 -40.05 -20.68 -2.89
N ASP A 316 -40.94 -19.76 -3.26
CA ASP A 316 -42.07 -20.14 -4.17
C ASP A 316 -41.68 -20.71 -5.54
N ALA A 317 -40.54 -20.35 -6.07
CA ALA A 317 -40.10 -20.87 -7.36
C ALA A 317 -39.29 -22.16 -7.28
N THR A 318 -38.76 -22.45 -6.10
CA THR A 318 -37.83 -23.53 -5.97
C THR A 318 -38.22 -24.60 -4.99
N GLY A 319 -39.14 -24.31 -4.05
CA GLY A 319 -39.47 -25.24 -2.97
C GLY A 319 -38.38 -25.46 -1.90
N ILE A 320 -37.33 -24.64 -1.88
CA ILE A 320 -36.29 -24.71 -0.87
C ILE A 320 -36.79 -24.11 0.45
N ASP A 321 -36.43 -24.78 1.56
CA ASP A 321 -36.74 -24.31 2.89
C ASP A 321 -35.46 -24.24 3.75
N ASN A 322 -34.31 -24.00 3.15
CA ASN A 322 -33.09 -23.85 3.91
C ASN A 322 -32.45 -22.58 3.38
N ILE A 323 -32.46 -21.54 4.21
CA ILE A 323 -32.08 -20.15 3.83
C ILE A 323 -30.78 -19.77 4.52
N CYS A 324 -29.68 -19.66 3.76
CA CYS A 324 -28.36 -19.31 4.30
C CYS A 324 -27.93 -17.87 3.94
N CYS A 325 -27.68 -17.07 4.98
CA CYS A 325 -27.50 -15.64 4.81
C CYS A 325 -26.13 -15.23 5.29
N GLY A 326 -25.48 -14.37 4.54
CA GLY A 326 -24.25 -13.74 4.92
C GLY A 326 -24.57 -12.33 5.40
N PHE A 327 -24.07 -11.98 6.60
CA PHE A 327 -24.32 -10.69 7.20
C PHE A 327 -23.07 -9.78 7.35
N GLU A 328 -21.91 -10.26 6.90
CA GLU A 328 -20.67 -9.56 7.18
C GLU A 328 -20.45 -8.27 6.37
N ALA A 329 -21.28 -7.98 5.36
CA ALA A 329 -21.22 -6.65 4.74
C ALA A 329 -21.57 -5.55 5.73
N ASN A 330 -22.19 -5.89 6.86
CA ASN A 330 -22.83 -4.90 7.71
C ASN A 330 -21.98 -4.12 8.68
N GLY A 331 -20.66 -4.23 8.63
CA GLY A 331 -19.85 -3.30 9.46
C GLY A 331 -19.17 -3.98 10.65
N SER A 332 -19.28 -3.38 11.82
CA SER A 332 -18.57 -3.83 12.99
C SER A 332 -19.20 -5.15 13.46
N GLU A 333 -18.51 -5.87 14.34
CA GLU A 333 -19.14 -7.05 14.90
C GLU A 333 -20.55 -6.73 15.46
N GLU A 334 -20.67 -5.59 16.11
CA GLU A 334 -21.91 -5.14 16.72
C GLU A 334 -23.03 -4.89 15.70
N GLU A 335 -22.68 -4.35 14.56
CA GLU A 335 -23.63 -4.03 13.49
C GLU A 335 -24.06 -5.27 12.68
N ILE A 336 -23.17 -6.25 12.61
CA ILE A 336 -23.45 -7.57 12.02
C ILE A 336 -24.46 -8.31 12.91
N ILE A 337 -24.17 -8.34 14.20
CA ILE A 337 -25.06 -9.01 15.14
C ILE A 337 -26.47 -8.38 15.12
N ALA A 338 -26.50 -7.04 15.10
CA ALA A 338 -27.77 -6.31 15.04
C ALA A 338 -28.51 -6.59 13.75
N SER A 339 -27.80 -6.61 12.64
CA SER A 339 -28.43 -7.08 11.39
C SER A 339 -29.03 -8.57 11.48
N MET A 340 -28.29 -9.47 12.10
CA MET A 340 -28.77 -10.86 12.33
C MET A 340 -29.99 -10.85 13.19
N LYS A 341 -29.96 -10.03 14.25
CA LYS A 341 -31.08 -9.93 15.16
C LYS A 341 -32.37 -9.36 14.53
N LEU A 342 -32.26 -8.37 13.65
CA LEU A 342 -33.41 -7.83 12.92
C LEU A 342 -33.93 -8.83 11.85
N PHE A 343 -33.02 -9.52 11.19
CA PHE A 343 -33.44 -10.62 10.35
C PHE A 343 -34.26 -11.66 11.19
N GLN A 344 -33.73 -12.00 12.37
CA GLN A 344 -34.39 -12.98 13.22
C GLN A 344 -35.78 -12.59 13.66
N SER A 345 -35.92 -11.33 14.06
CA SER A 345 -37.19 -10.86 14.65
C SER A 345 -38.24 -10.50 13.58
N ASP A 346 -37.80 -9.91 12.45
CA ASP A 346 -38.69 -9.30 11.48
C ASP A 346 -38.76 -9.97 10.10
N VAL A 347 -37.86 -10.93 9.83
CA VAL A 347 -37.87 -11.68 8.56
C VAL A 347 -38.16 -13.16 8.83
N MET A 348 -37.32 -13.83 9.65
CA MET A 348 -37.53 -15.31 9.91
C MET A 348 -38.98 -15.72 10.10
N PRO A 349 -39.75 -15.05 11.00
CA PRO A 349 -41.07 -15.64 11.35
C PRO A 349 -42.08 -15.56 10.19
N TYR A 350 -41.80 -14.74 9.20
CA TYR A 350 -42.74 -14.49 8.09
C TYR A 350 -42.45 -15.23 6.80
N LEU A 351 -41.34 -15.96 6.72
CA LEU A 351 -41.10 -16.83 5.58
C LEU A 351 -41.91 -18.13 5.75
N LYS A 352 -42.48 -18.60 4.67
CA LYS A 352 -43.35 -19.80 4.65
C LYS A 352 -42.84 -20.76 3.58
N GLU A 353 -43.01 -22.06 3.81
CA GLU A 353 -42.64 -23.06 2.79
C GLU A 353 -43.60 -22.93 1.63
N LYS A 354 -43.10 -23.17 0.43
CA LYS A 354 -43.91 -23.25 -0.80
C LYS A 354 -45.19 -24.06 -0.59
N GLN A 355 -46.33 -23.48 -0.95
CA GLN A 355 -47.63 -24.18 -0.98
C GLN A 355 -47.56 -25.49 -1.74
N MET B 1 7.97 -29.23 37.74
CA MET B 1 7.41 -30.14 36.72
C MET B 1 5.96 -29.74 36.52
N LYS B 2 5.57 -29.63 35.25
CA LYS B 2 4.18 -29.53 34.82
C LYS B 2 3.77 -30.93 34.36
N PHE B 3 2.48 -31.25 34.45
CA PHE B 3 1.94 -32.58 34.14
C PHE B 3 0.71 -32.40 33.26
N GLY B 4 0.51 -33.28 32.28
CA GLY B 4 -0.60 -33.17 31.37
C GLY B 4 -1.03 -34.56 31.00
N LEU B 5 -2.01 -34.61 30.07
CA LEU B 5 -2.55 -35.85 29.56
C LEU B 5 -2.32 -35.90 28.09
N PHE B 6 -2.20 -37.14 27.58
CA PHE B 6 -2.26 -37.43 26.15
C PHE B 6 -3.23 -38.57 25.88
N PHE B 7 -3.69 -38.59 24.65
CA PHE B 7 -4.66 -39.50 24.12
C PHE B 7 -4.09 -40.27 22.93
N LEU B 8 -3.90 -41.57 23.10
CA LEU B 8 -3.50 -42.46 22.03
C LEU B 8 -4.75 -42.83 21.23
N ASN B 9 -5.88 -42.99 21.89
CA ASN B 9 -7.13 -43.38 21.26
C ASN B 9 -7.05 -44.74 20.53
N PHE B 10 -6.49 -45.76 21.20
CA PHE B 10 -6.44 -47.13 20.67
C PHE B 10 -7.86 -47.70 20.71
N MET B 11 -8.22 -48.47 19.68
CA MET B 11 -9.51 -49.19 19.63
C MET B 11 -9.29 -50.69 19.49
N ASN B 12 -10.32 -51.46 19.69
CA ASN B 12 -10.24 -52.90 19.43
C ASN B 12 -11.64 -53.36 19.04
N SER B 13 -11.87 -54.67 19.03
CA SER B 13 -13.13 -55.25 18.56
C SER B 13 -14.34 -54.89 19.43
N LYS B 14 -14.14 -54.75 20.74
CA LYS B 14 -15.26 -54.36 21.60
C LYS B 14 -15.35 -52.87 21.94
N ARG B 15 -14.32 -52.10 21.55
CA ARG B 15 -14.16 -50.70 21.93
C ARG B 15 -13.96 -50.01 20.61
N SER B 16 -15.08 -49.55 20.07
CA SER B 16 -15.14 -48.95 18.76
C SER B 16 -14.47 -47.63 18.79
N SER B 17 -14.09 -47.17 17.59
CA SER B 17 -13.58 -45.82 17.37
C SER B 17 -14.54 -44.76 17.86
N ASP B 18 -15.85 -44.93 17.60
CA ASP B 18 -16.89 -44.08 18.18
C ASP B 18 -16.67 -43.97 19.74
N GLN B 19 -16.54 -45.12 20.42
N GLN B 19 -16.54 -45.13 20.39
CA GLN B 19 -16.44 -45.18 21.88
CA GLN B 19 -16.44 -45.25 21.86
C GLN B 19 -15.20 -44.45 22.41
C GLN B 19 -15.21 -44.54 22.44
N VAL B 20 -14.04 -44.68 21.80
CA VAL B 20 -12.79 -44.10 22.33
C VAL B 20 -12.74 -42.58 22.11
N ILE B 21 -13.37 -42.09 21.04
CA ILE B 21 -13.40 -40.66 20.81
C ILE B 21 -14.27 -40.03 21.89
N GLU B 22 -15.35 -40.69 22.23
CA GLU B 22 -16.25 -40.19 23.22
C GLU B 22 -15.57 -40.17 24.57
N GLU B 23 -14.88 -41.27 24.89
CA GLU B 23 -13.98 -41.32 26.05
C GLU B 23 -13.01 -40.20 26.19
N MET B 24 -12.34 -39.83 25.12
CA MET B 24 -11.36 -38.78 25.16
C MET B 24 -12.06 -37.47 25.48
N LEU B 25 -13.22 -37.19 24.86
CA LEU B 25 -13.86 -35.91 25.07
C LEU B 25 -14.30 -35.79 26.53
N ASP B 26 -14.89 -36.86 27.06
CA ASP B 26 -15.33 -36.91 28.45
C ASP B 26 -14.17 -36.72 29.39
N THR B 27 -13.03 -37.33 29.03
CA THR B 27 -11.82 -37.18 29.80
C THR B 27 -11.30 -35.80 29.76
N ALA B 28 -11.31 -35.16 28.58
CA ALA B 28 -10.91 -33.74 28.47
C ALA B 28 -11.75 -32.81 29.40
N HIS B 29 -13.07 -33.05 29.39
CA HIS B 29 -14.00 -32.33 30.20
C HIS B 29 -13.76 -32.59 31.68
N TYR B 30 -13.52 -33.82 32.05
CA TYR B 30 -13.23 -34.16 33.42
C TYR B 30 -11.99 -33.46 33.99
N VAL B 31 -10.90 -33.43 33.23
CA VAL B 31 -9.64 -32.93 33.81
C VAL B 31 -9.42 -31.41 33.68
N ASP B 32 -10.38 -30.74 33.08
CA ASP B 32 -10.19 -29.35 32.68
C ASP B 32 -10.24 -28.41 33.89
N GLN B 33 -10.91 -28.80 34.94
CA GLN B 33 -10.87 -28.01 36.17
C GLN B 33 -9.79 -28.48 37.16
N LEU B 34 -8.98 -29.44 36.73
CA LEU B 34 -7.90 -29.96 37.56
C LEU B 34 -6.61 -29.25 37.22
N LYS B 35 -5.50 -29.70 37.76
CA LYS B 35 -4.23 -28.95 37.60
C LYS B 35 -3.33 -29.42 36.48
N PHE B 36 -3.76 -30.44 35.71
CA PHE B 36 -3.10 -30.86 34.45
C PHE B 36 -3.03 -29.71 33.51
N ASP B 37 -1.87 -29.50 32.90
CA ASP B 37 -1.73 -28.24 32.19
C ASP B 37 -1.91 -28.31 30.64
N THR B 38 -1.83 -29.53 30.09
CA THR B 38 -1.83 -29.82 28.66
C THR B 38 -2.73 -31.04 28.38
N LEU B 39 -3.49 -30.99 27.29
CA LEU B 39 -4.14 -32.15 26.67
C LEU B 39 -3.45 -32.40 25.30
N ALA B 40 -2.80 -33.54 25.09
CA ALA B 40 -2.06 -33.77 23.85
C ALA B 40 -2.67 -34.93 23.05
N VAL B 41 -2.65 -34.81 21.72
CA VAL B 41 -3.33 -35.76 20.85
C VAL B 41 -2.34 -36.46 19.93
N TYR B 42 -2.30 -37.79 20.05
CA TYR B 42 -1.55 -38.68 19.17
C TYR B 42 -2.12 -38.85 17.75
N GLU B 43 -1.23 -38.78 16.75
CA GLU B 43 -1.57 -39.08 15.37
C GLU B 43 -1.20 -40.54 14.97
N ASN B 44 -2.17 -41.22 14.37
CA ASN B 44 -1.97 -42.55 13.79
C ASN B 44 -2.85 -42.68 12.57
N HIS B 45 -2.41 -43.47 11.59
CA HIS B 45 -3.29 -43.84 10.46
C HIS B 45 -3.40 -45.39 10.21
N PHE B 46 -4.59 -45.80 9.81
CA PHE B 46 -4.83 -47.08 9.13
C PHE B 46 -4.72 -48.34 10.00
N SER B 47 -4.86 -48.19 11.32
CA SER B 47 -4.79 -49.32 12.22
C SER B 47 -5.54 -49.02 13.49
N ASN B 48 -5.79 -50.08 14.25
CA ASN B 48 -6.45 -49.93 15.53
C ASN B 48 -5.70 -49.07 16.55
N ASN B 49 -4.40 -48.90 16.36
CA ASN B 49 -3.61 -48.29 17.41
C ASN B 49 -3.56 -46.80 17.30
N GLY B 50 -4.74 -46.19 17.36
CA GLY B 50 -4.92 -44.74 17.22
C GLY B 50 -5.91 -44.43 16.13
N VAL B 51 -7.08 -43.91 16.49
CA VAL B 51 -8.11 -43.60 15.52
C VAL B 51 -8.14 -42.14 15.09
N VAL B 52 -7.13 -41.38 15.52
CA VAL B 52 -7.04 -39.98 15.14
C VAL B 52 -5.89 -39.78 14.15
N GLY B 53 -6.21 -39.49 12.88
CA GLY B 53 -5.16 -39.18 11.90
C GLY B 53 -4.91 -37.70 11.70
N ALA B 54 -5.76 -36.85 12.29
CA ALA B 54 -5.73 -35.40 12.08
C ALA B 54 -5.77 -34.72 13.45
N PRO B 55 -4.61 -34.72 14.17
CA PRO B 55 -4.56 -34.22 15.54
C PRO B 55 -4.84 -32.71 15.66
N LEU B 56 -4.53 -31.93 14.62
CA LEU B 56 -4.91 -30.51 14.58
C LEU B 56 -6.43 -30.31 14.51
N THR B 57 -7.16 -31.22 13.90
CA THR B 57 -8.62 -31.04 13.85
C THR B 57 -9.19 -31.36 15.23
N VAL B 58 -8.71 -32.46 15.81
CA VAL B 58 -9.10 -32.80 17.17
C VAL B 58 -8.74 -31.72 18.14
N ALA B 59 -7.54 -31.15 18.00
CA ALA B 59 -7.12 -29.99 18.82
C ALA B 59 -8.14 -28.84 18.81
N GLY B 60 -8.65 -28.48 17.63
CA GLY B 60 -9.70 -27.46 17.51
C GLY B 60 -10.93 -27.74 18.34
N PHE B 61 -11.42 -28.97 18.23
CA PHE B 61 -12.54 -29.38 19.02
C PHE B 61 -12.31 -29.28 20.49
N LEU B 62 -11.19 -29.81 20.97
CA LEU B 62 -10.84 -29.79 22.38
C LEU B 62 -10.69 -28.39 22.92
N LEU B 63 -10.08 -27.53 22.10
CA LEU B 63 -9.94 -26.15 22.46
C LEU B 63 -11.32 -25.47 22.54
N GLY B 64 -12.25 -25.81 21.62
CA GLY B 64 -13.59 -25.24 21.67
C GLY B 64 -14.36 -25.66 22.91
N MET B 65 -14.10 -26.86 23.42
CA MET B 65 -14.88 -27.32 24.56
C MET B 65 -14.29 -27.14 25.92
N THR B 66 -13.02 -26.74 25.99
CA THR B 66 -12.34 -26.60 27.24
C THR B 66 -12.05 -25.12 27.42
N LYS B 67 -11.68 -24.73 28.62
CA LYS B 67 -11.30 -23.34 28.89
C LYS B 67 -9.94 -23.15 29.55
N ASN B 68 -9.41 -24.17 30.25
CA ASN B 68 -8.17 -24.00 31.03
C ASN B 68 -6.90 -24.65 30.45
N ALA B 69 -7.02 -25.91 30.04
CA ALA B 69 -5.91 -26.69 29.50
C ALA B 69 -5.38 -26.07 28.24
N LYS B 70 -4.07 -26.12 28.08
CA LYS B 70 -3.47 -26.02 26.78
C LYS B 70 -3.77 -27.30 26.04
N VAL B 71 -3.73 -27.22 24.72
CA VAL B 71 -3.99 -28.36 23.87
C VAL B 71 -2.85 -28.43 22.87
N ALA B 72 -2.32 -29.64 22.71
CA ALA B 72 -1.18 -29.90 21.85
C ALA B 72 -1.47 -31.06 20.86
N SER B 73 -0.86 -30.96 19.67
CA SER B 73 -0.56 -32.17 18.91
C SER B 73 0.64 -32.78 19.63
N LEU B 74 0.67 -34.09 19.68
CA LEU B 74 1.72 -34.80 20.37
C LEU B 74 2.86 -35.08 19.36
N ASN B 75 2.50 -35.46 18.15
CA ASN B 75 3.44 -35.97 17.15
C ASN B 75 2.86 -35.73 15.73
N HIS B 76 2.40 -34.52 15.45
CA HIS B 76 1.85 -34.25 14.09
C HIS B 76 2.93 -34.52 13.04
N VAL B 77 2.65 -35.48 12.18
CA VAL B 77 3.66 -35.97 11.21
C VAL B 77 3.72 -35.06 10.00
N ILE B 78 4.73 -34.21 10.01
CA ILE B 78 4.92 -33.21 8.96
C ILE B 78 5.56 -33.74 7.66
N THR B 79 6.31 -34.82 7.77
CA THR B 79 7.08 -35.34 6.64
C THR B 79 6.23 -35.78 5.47
N THR B 80 5.03 -36.30 5.75
CA THR B 80 4.08 -36.90 4.77
C THR B 80 3.00 -35.89 4.31
N HIS B 81 3.09 -34.63 4.75
CA HIS B 81 1.97 -33.64 4.69
C HIS B 81 2.43 -32.35 4.00
N HIS B 82 1.51 -31.57 3.48
CA HIS B 82 1.88 -30.30 2.89
C HIS B 82 2.12 -29.28 4.02
N PRO B 83 3.33 -28.68 4.10
CA PRO B 83 3.66 -27.75 5.24
C PRO B 83 2.86 -26.48 5.23
N VAL B 84 2.28 -26.13 4.07
CA VAL B 84 1.41 -24.97 4.06
C VAL B 84 0.14 -25.28 4.81
N ARG B 85 -0.41 -26.48 4.63
CA ARG B 85 -1.60 -26.92 5.42
C ARG B 85 -1.35 -26.92 6.89
N VAL B 86 -0.21 -27.45 7.28
CA VAL B 86 0.22 -27.49 8.67
C VAL B 86 0.34 -26.10 9.29
N ALA B 87 1.04 -25.22 8.59
CA ALA B 87 1.25 -23.88 9.14
C ALA B 87 -0.06 -23.12 9.25
N GLU B 88 -0.85 -23.15 8.17
CA GLU B 88 -2.18 -22.60 8.19
C GLU B 88 -2.94 -23.09 9.39
N GLU B 89 -2.98 -24.39 9.58
CA GLU B 89 -3.81 -24.95 10.64
C GLU B 89 -3.36 -24.59 12.04
N ALA B 90 -2.05 -24.65 12.25
CA ALA B 90 -1.49 -24.41 13.55
C ALA B 90 -1.67 -22.93 13.90
N CYS B 91 -1.51 -22.03 12.93
CA CYS B 91 -1.81 -20.60 13.14
C CYS B 91 -3.28 -20.31 13.39
N LEU B 92 -4.15 -21.00 12.68
CA LEU B 92 -5.60 -20.95 12.92
C LEU B 92 -5.95 -21.36 14.35
N LEU B 93 -5.37 -22.46 14.81
CA LEU B 93 -5.56 -22.91 16.18
C LEU B 93 -5.02 -21.88 17.18
N ASP B 94 -3.80 -21.41 16.93
CA ASP B 94 -3.24 -20.30 17.69
C ASP B 94 -4.24 -19.16 17.82
N GLN B 95 -4.88 -18.80 16.71
CA GLN B 95 -5.69 -17.60 16.64
C GLN B 95 -7.05 -17.81 17.30
N MET B 96 -7.70 -18.90 16.93
CA MET B 96 -9.03 -19.21 17.46
C MET B 96 -9.04 -19.39 18.98
N SER B 97 -7.96 -19.92 19.52
CA SER B 97 -7.88 -20.09 20.98
C SER B 97 -7.17 -18.98 21.69
N GLU B 98 -6.61 -18.04 20.93
CA GLU B 98 -5.83 -16.96 21.51
C GLU B 98 -4.67 -17.53 22.32
N GLY B 99 -3.93 -18.42 21.67
CA GLY B 99 -2.65 -18.86 22.20
C GLY B 99 -2.60 -20.07 23.15
N ARG B 100 -3.68 -20.87 23.16
CA ARG B 100 -3.75 -22.10 24.00
C ARG B 100 -3.31 -23.39 23.29
N PHE B 101 -2.89 -23.30 22.02
CA PHE B 101 -2.37 -24.44 21.24
C PHE B 101 -0.84 -24.53 21.26
N ALA B 102 -0.32 -25.74 21.42
CA ALA B 102 1.15 -26.00 21.37
C ALA B 102 1.40 -27.00 20.26
N PHE B 103 2.39 -26.73 19.45
CA PHE B 103 2.61 -27.53 18.27
C PHE B 103 3.69 -28.61 18.44
N GLY B 104 3.28 -29.78 18.88
CA GLY B 104 4.11 -30.99 18.85
C GLY B 104 4.13 -31.68 17.48
N PHE B 105 5.32 -31.95 16.99
CA PHE B 105 5.44 -32.47 15.65
C PHE B 105 6.43 -33.65 15.61
N SER B 106 6.45 -34.35 14.49
CA SER B 106 7.21 -35.56 14.41
C SER B 106 7.60 -35.78 12.95
N ASP B 107 8.71 -36.47 12.78
CA ASP B 107 9.04 -37.11 11.52
C ASP B 107 8.17 -38.37 11.42
N CYS B 108 8.10 -38.97 10.24
CA CYS B 108 7.30 -40.18 9.99
C CYS B 108 8.00 -41.42 10.54
N GLU B 109 7.25 -42.26 11.25
CA GLU B 109 7.78 -43.44 11.95
C GLU B 109 7.43 -44.75 11.20
N LYS B 110 6.53 -44.72 10.22
CA LYS B 110 6.19 -45.88 9.41
C LYS B 110 6.50 -45.59 7.96
N SER B 111 7.41 -46.34 7.36
CA SER B 111 7.77 -46.11 5.95
C SER B 111 6.58 -46.34 5.03
N ALA B 112 5.70 -47.24 5.43
CA ALA B 112 4.42 -47.49 4.80
C ALA B 112 3.59 -46.21 4.61
N ASP B 113 3.61 -45.32 5.61
CA ASP B 113 2.92 -44.04 5.53
C ASP B 113 3.62 -43.09 4.52
N MET B 114 4.96 -43.07 4.51
CA MET B 114 5.73 -42.34 3.46
C MET B 114 5.35 -42.76 2.07
N ARG B 115 5.32 -44.08 1.82
N ARG B 115 5.26 -44.08 1.86
CA ARG B 115 4.95 -44.58 0.50
CA ARG B 115 4.97 -44.63 0.54
C ARG B 115 3.50 -44.19 0.19
C ARG B 115 3.49 -44.47 0.16
N PHE B 116 2.62 -44.41 1.18
CA PHE B 116 1.18 -44.11 0.97
C PHE B 116 0.95 -42.71 0.40
N PHE B 117 1.70 -41.75 0.91
CA PHE B 117 1.53 -40.32 0.59
C PHE B 117 2.62 -39.82 -0.37
N ASN B 118 3.36 -40.77 -0.94
CA ASN B 118 4.31 -40.56 -2.08
C ASN B 118 5.47 -39.72 -1.76
N ARG B 119 5.89 -39.79 -0.51
CA ARG B 119 7.11 -39.06 -0.05
C ARG B 119 8.30 -39.99 -0.11
N PRO B 120 9.38 -39.59 -0.81
CA PRO B 120 10.45 -40.62 -0.99
C PRO B 120 11.25 -40.86 0.28
N THR B 121 11.45 -42.12 0.63
CA THR B 121 12.15 -42.50 1.85
C THR B 121 13.67 -42.21 1.84
N ASP B 122 14.28 -42.21 0.65
N ASP B 122 14.29 -42.22 0.67
CA ASP B 122 15.72 -41.97 0.51
CA ASP B 122 15.73 -41.99 0.55
C ASP B 122 16.10 -40.55 0.96
C ASP B 122 16.11 -40.49 0.68
N SER B 123 15.12 -39.65 0.98
CA SER B 123 15.37 -38.24 1.31
C SER B 123 14.49 -37.69 2.43
N GLN B 124 14.05 -38.62 3.27
CA GLN B 124 13.10 -38.38 4.37
C GLN B 124 13.55 -37.31 5.33
N PHE B 125 14.83 -37.33 5.69
CA PHE B 125 15.28 -36.33 6.65
C PHE B 125 15.34 -34.91 6.07
N GLN B 126 15.74 -34.76 4.80
CA GLN B 126 15.84 -33.42 4.22
C GLN B 126 14.44 -32.86 3.93
N LEU B 127 13.56 -33.73 3.43
CA LEU B 127 12.13 -33.43 3.39
C LEU B 127 11.54 -32.91 4.75
N PHE B 128 11.74 -33.67 5.83
CA PHE B 128 11.37 -33.22 7.16
C PHE B 128 11.90 -31.82 7.45
N SER B 129 13.20 -31.58 7.24
CA SER B 129 13.79 -30.27 7.53
C SER B 129 13.19 -29.13 6.73
N GLU B 130 12.97 -29.38 5.44
CA GLU B 130 12.35 -28.39 4.56
C GLU B 130 10.92 -28.13 4.94
N CYS B 131 10.19 -29.16 5.36
CA CYS B 131 8.80 -28.95 5.83
C CYS B 131 8.83 -28.04 7.04
N HIS B 132 9.71 -28.35 8.02
CA HIS B 132 9.76 -27.52 9.24
C HIS B 132 10.20 -26.09 8.93
N LYS B 133 11.08 -25.93 7.93
CA LYS B 133 11.57 -24.61 7.55
C LYS B 133 10.46 -23.71 7.02
N ILE B 134 9.60 -24.27 6.20
CA ILE B 134 8.42 -23.54 5.69
C ILE B 134 7.42 -23.19 6.78
N ILE B 135 7.13 -24.18 7.65
CA ILE B 135 6.22 -23.98 8.81
C ILE B 135 6.79 -22.87 9.71
N ASN B 136 8.08 -22.93 10.02
CA ASN B 136 8.72 -21.93 10.88
C ASN B 136 8.81 -20.56 10.24
N ASP B 137 9.14 -20.51 8.96
CA ASP B 137 9.05 -19.21 8.30
C ASP B 137 7.67 -18.63 8.44
N ALA B 138 6.64 -19.45 8.26
CA ALA B 138 5.26 -18.92 8.35
C ALA B 138 4.94 -18.48 9.79
N PHE B 139 5.34 -19.28 10.78
CA PHE B 139 5.08 -18.96 12.17
C PHE B 139 5.72 -17.62 12.53
N THR B 140 6.98 -17.42 12.09
CA THR B 140 7.79 -16.27 12.51
C THR B 140 7.57 -15.03 11.67
N THR B 141 7.19 -15.18 10.41
CA THR B 141 7.03 -13.96 9.57
C THR B 141 5.64 -13.74 8.98
N GLY B 142 4.82 -14.79 8.94
CA GLY B 142 3.52 -14.68 8.26
C GLY B 142 3.62 -15.08 6.80
N TYR B 143 4.82 -15.47 6.35
CA TYR B 143 5.13 -15.73 4.90
C TYR B 143 6.00 -16.90 4.77
N CYS B 144 5.92 -17.49 3.59
CA CYS B 144 6.89 -18.47 3.18
C CYS B 144 7.08 -18.40 1.64
N HIS B 145 8.16 -18.99 1.17
CA HIS B 145 8.59 -18.83 -0.19
C HIS B 145 9.70 -19.84 -0.42
N PRO B 146 9.35 -21.13 -0.55
CA PRO B 146 10.39 -22.12 -0.76
C PRO B 146 10.84 -22.13 -2.23
N ASN B 147 12.11 -22.49 -2.47
CA ASN B 147 12.58 -22.74 -3.82
C ASN B 147 13.57 -23.90 -3.84
N ASN B 148 13.10 -25.08 -3.45
CA ASN B 148 13.97 -26.21 -3.33
C ASN B 148 13.42 -27.41 -4.09
N ASP B 149 14.06 -28.56 -3.94
CA ASP B 149 13.67 -29.70 -4.70
C ASP B 149 12.33 -30.28 -4.23
N PHE B 150 11.96 -30.04 -2.98
CA PHE B 150 10.71 -30.58 -2.42
C PHE B 150 9.54 -29.66 -2.64
N TYR B 151 9.70 -28.39 -2.34
CA TYR B 151 8.64 -27.39 -2.52
C TYR B 151 9.19 -26.16 -3.20
N SER B 152 8.50 -25.71 -4.23
CA SER B 152 8.86 -24.47 -4.93
C SER B 152 7.58 -23.83 -5.44
N PHE B 153 7.22 -22.70 -4.87
CA PHE B 153 6.08 -21.92 -5.31
C PHE B 153 6.32 -20.48 -4.90
N PRO B 154 5.55 -19.56 -5.46
CA PRO B 154 5.78 -18.14 -5.11
C PRO B 154 5.49 -17.75 -3.66
N LYS B 155 6.07 -16.61 -3.23
CA LYS B 155 5.85 -16.04 -1.90
C LYS B 155 4.35 -15.89 -1.52
N ILE B 156 3.99 -16.39 -0.33
CA ILE B 156 2.61 -16.34 0.13
C ILE B 156 2.48 -15.85 1.59
N SER B 157 1.43 -15.10 1.86
CA SER B 157 0.98 -14.87 3.22
C SER B 157 0.25 -16.15 3.61
N VAL B 158 0.63 -16.68 4.78
CA VAL B 158 0.07 -17.91 5.32
C VAL B 158 -0.90 -17.46 6.38
N ASN B 159 -2.19 -17.58 6.07
CA ASN B 159 -3.30 -16.99 6.88
C ASN B 159 -4.08 -18.00 7.71
N PRO B 160 -4.54 -17.59 8.91
CA PRO B 160 -4.28 -16.28 9.51
C PRO B 160 -2.81 -16.23 10.10
N HIS B 161 -2.25 -15.02 10.25
CA HIS B 161 -0.94 -14.88 10.92
C HIS B 161 -1.07 -15.32 12.36
N ALA B 162 0.02 -15.78 12.93
CA ALA B 162 -0.03 -16.36 14.28
C ALA B 162 -0.47 -15.32 15.23
N PHE B 163 -1.24 -15.75 16.24
CA PHE B 163 -1.64 -14.88 17.32
C PHE B 163 -0.45 -14.65 18.26
N THR B 164 0.34 -15.70 18.49
CA THR B 164 1.49 -15.67 19.35
C THR B 164 2.66 -15.28 18.49
N GLU B 165 3.38 -14.27 18.98
CA GLU B 165 4.57 -13.76 18.29
C GLU B 165 5.52 -14.89 18.27
N GLY B 166 5.95 -15.29 17.05
CA GLY B 166 6.86 -16.40 16.83
C GLY B 166 6.11 -17.70 16.52
N GLY B 167 4.77 -17.65 16.61
CA GLY B 167 3.90 -18.82 16.42
C GLY B 167 3.70 -19.60 17.70
N PRO B 168 2.83 -20.67 17.65
CA PRO B 168 2.61 -21.48 18.83
C PRO B 168 3.92 -22.15 19.24
N ALA B 169 4.07 -22.41 20.55
CA ALA B 169 5.28 -23.08 21.07
C ALA B 169 5.41 -24.46 20.37
N GLN B 170 6.63 -24.91 20.10
CA GLN B 170 6.89 -26.11 19.34
C GLN B 170 7.66 -27.10 20.19
N PHE B 171 7.53 -28.38 19.85
CA PHE B 171 8.35 -29.42 20.41
C PHE B 171 8.39 -30.56 19.40
N VAL B 172 9.48 -31.32 19.41
CA VAL B 172 9.65 -32.36 18.39
C VAL B 172 9.83 -33.73 19.00
N ASN B 173 9.22 -34.72 18.36
CA ASN B 173 9.24 -36.11 18.78
C ASN B 173 10.67 -36.65 18.65
N ALA B 174 11.22 -37.19 19.74
CA ALA B 174 12.59 -37.74 19.70
C ALA B 174 12.58 -39.13 19.06
N THR B 175 12.69 -39.15 17.74
CA THR B 175 12.48 -40.38 16.94
C THR B 175 13.74 -40.93 16.32
N SER B 176 14.79 -40.12 16.26
CA SER B 176 16.11 -40.60 15.71
C SER B 176 17.24 -39.70 16.18
N LYS B 177 18.46 -40.19 16.13
CA LYS B 177 19.61 -39.34 16.56
C LYS B 177 19.72 -38.11 15.66
N GLU B 178 19.40 -38.32 14.40
CA GLU B 178 19.42 -37.26 13.41
C GLU B 178 18.43 -36.13 13.75
N VAL B 179 17.19 -36.49 14.07
CA VAL B 179 16.25 -35.50 14.51
C VAL B 179 16.64 -34.81 15.84
N VAL B 180 17.10 -35.61 16.79
CA VAL B 180 17.53 -35.06 18.10
C VAL B 180 18.65 -34.02 17.91
N GLU B 181 19.58 -34.30 17.01
CA GLU B 181 20.68 -33.36 16.74
C GLU B 181 20.23 -32.07 16.09
N TRP B 182 19.37 -32.22 15.09
CA TRP B 182 18.71 -31.10 14.41
C TRP B 182 18.01 -30.17 15.39
N ALA B 183 17.22 -30.75 16.30
CA ALA B 183 16.50 -30.02 17.35
C ALA B 183 17.43 -29.31 18.33
N ALA B 184 18.49 -30.01 18.73
CA ALA B 184 19.47 -29.42 19.68
C ALA B 184 20.08 -28.15 19.10
N LYS B 185 20.47 -28.25 17.82
CA LYS B 185 21.05 -27.11 17.07
C LYS B 185 20.06 -25.95 16.98
N LEU B 186 18.76 -26.29 17.01
CA LEU B 186 17.75 -25.25 16.90
C LEU B 186 17.33 -24.77 18.27
N GLY B 187 17.74 -25.47 19.32
CA GLY B 187 17.26 -25.11 20.68
C GLY B 187 15.79 -25.51 20.93
N LEU B 188 15.30 -26.47 20.15
CA LEU B 188 13.92 -26.96 20.27
C LEU B 188 13.74 -28.03 21.38
N PRO B 189 12.63 -27.93 22.12
CA PRO B 189 12.36 -28.96 23.12
C PRO B 189 11.93 -30.26 22.44
N LEU B 190 12.25 -31.37 23.10
CA LEU B 190 11.91 -32.69 22.65
C LEU B 190 10.71 -33.17 23.44
N VAL B 191 9.93 -34.05 22.84
CA VAL B 191 9.17 -34.99 23.59
C VAL B 191 9.80 -36.39 23.45
N PHE B 192 10.07 -37.01 24.60
CA PHE B 192 10.48 -38.40 24.66
C PHE B 192 9.28 -39.29 24.79
N ARG B 193 9.31 -40.41 24.09
CA ARG B 193 8.13 -41.23 23.98
C ARG B 193 8.07 -42.39 24.91
N TRP B 194 6.85 -42.65 25.37
CA TRP B 194 6.55 -43.72 26.29
C TRP B 194 6.96 -45.09 25.82
N ASP B 195 7.02 -45.30 24.51
CA ASP B 195 7.27 -46.62 23.98
C ASP B 195 8.76 -46.86 23.69
N ASP B 196 9.60 -45.83 23.85
CA ASP B 196 11.04 -46.02 23.86
C ASP B 196 11.52 -46.55 25.21
N SER B 197 12.63 -47.29 25.18
CA SER B 197 13.22 -47.78 26.42
C SER B 197 13.77 -46.54 27.16
N ASN B 198 13.80 -46.62 28.49
CA ASN B 198 14.64 -45.72 29.28
C ASN B 198 16.05 -45.47 28.75
N ALA B 199 16.71 -46.52 28.28
CA ALA B 199 18.09 -46.35 27.74
C ALA B 199 18.09 -45.48 26.51
N GLN B 200 17.16 -45.78 25.62
CA GLN B 200 17.01 -44.99 24.41
C GLN B 200 16.76 -43.52 24.72
N ARG B 201 15.87 -43.27 25.69
CA ARG B 201 15.47 -41.88 26.01
C ARG B 201 16.63 -41.13 26.64
N LYS B 202 17.44 -41.87 27.40
CA LYS B 202 18.66 -41.36 28.03
C LYS B 202 19.71 -41.04 26.98
N GLU B 203 19.90 -41.95 26.04
CA GLU B 203 20.80 -41.70 24.95
C GLU B 203 20.40 -40.43 24.22
N TYR B 204 19.11 -40.27 23.90
CA TYR B 204 18.64 -39.05 23.20
C TYR B 204 18.83 -37.78 24.02
N ALA B 205 18.47 -37.84 25.30
CA ALA B 205 18.73 -36.74 26.23
C ALA B 205 20.20 -36.33 26.20
N GLY B 206 21.11 -37.31 26.17
CA GLY B 206 22.53 -36.99 26.32
C GLY B 206 23.08 -36.39 25.03
N LEU B 207 22.64 -36.96 23.92
CA LEU B 207 23.01 -36.51 22.60
C LEU B 207 22.58 -35.05 22.47
N TYR B 208 21.32 -34.78 22.77
CA TYR B 208 20.83 -33.42 22.76
C TYR B 208 21.72 -32.44 23.50
N HIS B 209 22.02 -32.73 24.77
CA HIS B 209 22.82 -31.83 25.62
C HIS B 209 24.18 -31.55 25.00
N GLU B 210 24.79 -32.60 24.44
CA GLU B 210 26.12 -32.50 23.90
C GLU B 210 26.21 -31.73 22.57
N VAL B 211 25.33 -32.06 21.63
CA VAL B 211 25.19 -31.27 20.41
C VAL B 211 24.91 -29.80 20.75
N ALA B 212 24.07 -29.56 21.75
CA ALA B 212 23.81 -28.18 22.17
C ALA B 212 25.10 -27.45 22.66
N GLN B 213 25.81 -28.06 23.59
CA GLN B 213 27.09 -27.56 24.10
C GLN B 213 28.08 -27.29 22.94
N ALA B 214 28.36 -28.30 22.10
CA ALA B 214 29.24 -28.21 20.95
C ALA B 214 28.99 -27.00 20.03
N HIS B 215 27.74 -26.51 20.04
CA HIS B 215 27.25 -25.54 19.06
C HIS B 215 26.93 -24.21 19.69
N GLY B 216 27.14 -24.10 20.99
CA GLY B 216 26.92 -22.85 21.68
C GLY B 216 25.45 -22.48 21.88
N VAL B 217 24.55 -23.46 21.75
CA VAL B 217 23.10 -23.18 21.94
C VAL B 217 22.71 -23.24 23.41
N ASP B 218 22.22 -22.13 23.97
CA ASP B 218 21.74 -22.10 25.34
C ASP B 218 20.43 -22.89 25.44
N VAL B 219 20.52 -24.13 25.97
CA VAL B 219 19.33 -24.98 26.23
C VAL B 219 18.91 -25.02 27.71
N SER B 220 19.40 -24.07 28.50
CA SER B 220 19.18 -24.13 29.95
C SER B 220 17.74 -23.93 30.36
N GLN B 221 16.98 -23.23 29.52
CA GLN B 221 15.55 -23.00 29.72
C GLN B 221 14.64 -23.89 28.80
N VAL B 222 15.23 -24.87 28.11
CA VAL B 222 14.45 -25.80 27.30
C VAL B 222 13.74 -26.82 28.23
N ARG B 223 12.40 -26.85 28.16
CA ARG B 223 11.63 -27.85 28.90
C ARG B 223 11.28 -29.07 28.01
N HIS B 224 12.03 -30.17 28.12
CA HIS B 224 11.67 -31.39 27.36
C HIS B 224 10.43 -32.00 28.01
N LYS B 225 9.71 -32.80 27.23
CA LYS B 225 8.57 -33.52 27.75
C LYS B 225 8.86 -34.99 27.65
N LEU B 226 8.24 -35.73 28.54
CA LEU B 226 8.19 -37.16 28.46
C LEU B 226 6.72 -37.59 28.46
N THR B 227 6.40 -38.61 27.68
CA THR B 227 5.11 -39.27 27.83
C THR B 227 5.28 -40.61 28.50
N LEU B 228 4.31 -40.97 29.33
CA LEU B 228 4.27 -42.27 29.96
C LEU B 228 2.83 -42.73 30.04
N LEU B 229 2.66 -44.03 30.03
CA LEU B 229 1.39 -44.67 30.33
C LEU B 229 1.24 -44.84 31.83
N VAL B 230 0.01 -44.64 32.32
CA VAL B 230 -0.31 -44.83 33.73
C VAL B 230 -1.46 -45.80 33.83
N ASN B 231 -1.25 -46.88 34.59
CA ASN B 231 -2.31 -47.80 34.98
C ASN B 231 -2.00 -48.21 36.41
N GLN B 232 -2.82 -47.73 37.36
CA GLN B 232 -2.57 -47.97 38.79
C GLN B 232 -3.73 -48.78 39.38
N ASN B 233 -3.38 -49.81 40.13
CA ASN B 233 -4.34 -50.69 40.77
C ASN B 233 -3.62 -51.22 41.98
N VAL B 234 -4.30 -51.21 43.12
CA VAL B 234 -3.80 -51.83 44.35
C VAL B 234 -3.42 -53.35 44.13
N ASP B 235 -4.16 -54.01 43.24
CA ASP B 235 -3.74 -55.27 42.58
C ASP B 235 -2.78 -54.95 41.39
N GLY B 236 -1.50 -54.95 41.67
CA GLY B 236 -0.51 -54.56 40.71
C GLY B 236 -0.40 -55.53 39.53
N GLU B 237 -0.69 -56.79 39.78
CA GLU B 237 -0.63 -57.84 38.76
C GLU B 237 -1.79 -57.62 37.78
N ALA B 238 -2.94 -57.17 38.26
CA ALA B 238 -4.10 -56.80 37.43
C ALA B 238 -3.80 -55.61 36.54
N ALA B 239 -3.07 -54.64 37.05
CA ALA B 239 -2.67 -53.47 36.25
C ALA B 239 -1.81 -53.93 35.08
N ARG B 240 -0.82 -54.80 35.32
CA ARG B 240 0.07 -55.33 34.26
C ARG B 240 -0.69 -56.19 33.22
N ALA B 241 -1.61 -57.03 33.69
CA ALA B 241 -2.41 -57.86 32.81
C ALA B 241 -3.32 -57.05 31.88
N GLU B 242 -3.88 -55.97 32.40
CA GLU B 242 -4.75 -55.10 31.64
C GLU B 242 -3.97 -54.29 30.59
N ALA B 243 -2.85 -53.71 30.99
CA ALA B 243 -1.96 -53.01 30.07
C ALA B 243 -1.40 -53.94 28.99
N ARG B 244 -1.12 -55.19 29.38
CA ARG B 244 -0.63 -56.18 28.43
CA ARG B 244 -0.63 -56.18 28.43
C ARG B 244 -1.61 -56.24 27.26
N VAL B 245 -2.83 -56.68 27.55
CA VAL B 245 -3.85 -56.83 26.53
C VAL B 245 -4.02 -55.53 25.64
N TYR B 246 -4.03 -54.36 26.29
CA TYR B 246 -4.15 -53.06 25.64
C TYR B 246 -3.02 -52.79 24.67
N LEU B 247 -1.84 -53.25 25.00
CA LEU B 247 -0.64 -52.95 24.29
C LEU B 247 -0.27 -53.97 23.19
N GLU B 248 -0.89 -55.14 23.21
CA GLU B 248 -0.49 -56.26 22.38
C GLU B 248 -0.44 -56.02 20.87
N GLU B 249 -1.55 -55.61 20.25
CA GLU B 249 -1.56 -55.23 18.80
C GLU B 249 -0.49 -54.19 18.52
N PHE B 250 -0.39 -53.14 19.34
CA PHE B 250 0.65 -52.10 19.18
C PHE B 250 2.08 -52.67 19.06
N VAL B 251 2.41 -53.60 19.97
CA VAL B 251 3.76 -54.12 20.03
C VAL B 251 3.98 -54.96 18.76
N ARG B 252 2.92 -55.60 18.30
CA ARG B 252 2.97 -56.39 17.08
C ARG B 252 3.03 -55.51 15.82
N GLU B 253 2.40 -54.32 15.86
CA GLU B 253 2.42 -53.40 14.73
C GLU B 253 3.74 -52.62 14.69
N SER B 254 4.08 -51.95 15.79
CA SER B 254 5.22 -51.02 15.84
C SER B 254 6.61 -51.63 16.22
N TYR B 255 6.63 -52.83 16.82
CA TYR B 255 7.91 -53.49 17.18
C TYR B 255 7.91 -54.92 16.65
N SER B 256 7.57 -55.05 15.37
CA SER B 256 7.46 -56.38 14.74
C SER B 256 8.83 -57.05 14.60
N ASN B 257 9.87 -56.22 14.40
CA ASN B 257 11.24 -56.70 14.18
C ASN B 257 12.05 -56.93 15.46
N THR B 258 11.35 -56.98 16.59
CA THR B 258 11.99 -57.11 17.91
C THR B 258 11.20 -58.17 18.72
N ASP B 259 11.86 -58.78 19.71
CA ASP B 259 11.21 -59.88 20.44
C ASP B 259 9.98 -59.42 21.26
N PHE B 260 8.83 -60.04 20.98
CA PHE B 260 7.56 -59.66 21.58
C PHE B 260 7.60 -59.63 23.12
N GLU B 261 7.94 -60.75 23.75
CA GLU B 261 7.84 -60.87 25.19
C GLU B 261 8.80 -59.95 25.94
N GLN B 262 9.95 -59.72 25.36
CA GLN B 262 10.99 -58.94 26.02
C GLN B 262 10.58 -57.46 26.00
N LYS B 263 9.93 -57.05 24.90
CA LYS B 263 9.57 -55.66 24.66
C LYS B 263 8.34 -55.31 25.49
N MET B 264 7.32 -56.17 25.45
CA MET B 264 6.16 -56.10 26.35
C MET B 264 6.54 -55.96 27.84
N GLY B 265 7.39 -56.87 28.32
CA GLY B 265 7.93 -56.82 29.67
C GLY B 265 8.60 -55.52 30.00
N GLU B 266 9.37 -54.99 29.06
CA GLU B 266 10.00 -53.70 29.26
C GLU B 266 9.00 -52.51 29.34
N LEU B 267 8.05 -52.44 28.38
CA LEU B 267 7.00 -51.41 28.41
C LEU B 267 6.23 -51.44 29.72
N LEU B 268 5.93 -52.64 30.23
CA LEU B 268 5.18 -52.84 31.50
C LEU B 268 5.89 -52.48 32.79
N SER B 269 7.23 -52.64 32.84
CA SER B 269 8.03 -52.28 34.02
C SER B 269 8.56 -50.84 33.98
N GLU B 270 8.67 -50.28 32.77
CA GLU B 270 9.26 -48.95 32.63
C GLU B 270 8.20 -47.82 32.56
N ASN B 271 6.99 -48.17 32.08
CA ASN B 271 5.85 -47.25 32.15
C ASN B 271 5.30 -47.22 33.57
N ALA B 272 4.50 -46.20 33.88
CA ALA B 272 3.99 -45.97 35.24
C ALA B 272 2.83 -46.90 35.54
N ILE B 273 3.12 -48.19 35.54
CA ILE B 273 2.07 -49.20 35.61
C ILE B 273 2.29 -50.04 36.87
N GLY B 274 1.22 -50.47 37.55
CA GLY B 274 1.39 -51.36 38.69
C GLY B 274 0.61 -50.83 39.85
N THR B 275 1.10 -51.08 41.08
CA THR B 275 0.51 -50.50 42.30
C THR B 275 0.86 -49.00 42.24
N TYR B 276 0.21 -48.13 43.05
CA TYR B 276 0.63 -46.71 43.16
C TYR B 276 2.14 -46.50 43.38
N GLU B 277 2.64 -47.25 44.36
N GLU B 277 2.74 -47.22 44.32
CA GLU B 277 4.07 -47.37 44.67
CA GLU B 277 4.20 -47.08 44.48
C GLU B 277 4.94 -47.72 43.45
C GLU B 277 5.00 -47.66 43.31
N GLU B 278 4.60 -48.81 42.75
CA GLU B 278 5.36 -49.30 41.58
C GLU B 278 5.31 -48.27 40.45
N SER B 279 4.09 -47.85 40.14
CA SER B 279 3.76 -46.83 39.17
C SER B 279 4.52 -45.52 39.29
N THR B 280 4.45 -44.88 40.45
CA THR B 280 5.18 -43.60 40.68
C THR B 280 6.72 -43.82 40.72
N GLN B 281 7.15 -44.97 41.21
CA GLN B 281 8.59 -45.23 41.18
C GLN B 281 9.12 -45.31 39.73
N ALA B 282 8.38 -46.01 38.85
CA ALA B 282 8.77 -46.05 37.44
C ALA B 282 8.79 -44.69 36.81
N ALA B 283 7.85 -43.82 37.20
CA ALA B 283 7.82 -42.44 36.71
C ALA B 283 9.09 -41.67 37.10
N ARG B 284 9.50 -41.79 38.36
CA ARG B 284 10.72 -41.13 38.87
C ARG B 284 11.95 -41.57 38.10
N VAL B 285 12.09 -42.88 37.91
CA VAL B 285 13.19 -43.43 37.13
C VAL B 285 13.18 -42.86 35.70
N ALA B 286 12.01 -42.90 35.04
CA ALA B 286 11.87 -42.45 33.66
C ALA B 286 12.25 -40.97 33.49
N ILE B 287 11.82 -40.12 34.41
CA ILE B 287 12.20 -38.71 34.36
C ILE B 287 13.71 -38.46 34.58
N GLU B 288 14.27 -39.18 35.55
CA GLU B 288 15.69 -39.07 35.84
C GLU B 288 16.53 -39.46 34.62
N CYS B 289 16.15 -40.55 33.93
CA CYS B 289 16.87 -40.95 32.74
C CYS B 289 16.91 -39.91 31.62
N CYS B 290 15.80 -39.21 31.36
CA CYS B 290 15.77 -38.31 30.17
C CYS B 290 15.85 -36.85 30.52
N GLY B 291 15.63 -36.49 31.77
CA GLY B 291 15.72 -35.11 32.21
C GLY B 291 14.53 -34.25 31.81
N ALA B 292 13.35 -34.86 31.63
CA ALA B 292 12.19 -34.11 31.17
C ALA B 292 11.63 -33.24 32.31
N ALA B 293 11.24 -32.02 31.97
CA ALA B 293 10.71 -31.07 32.91
C ALA B 293 9.21 -31.24 32.99
N ASP B 294 8.58 -31.85 31.96
CA ASP B 294 7.12 -31.96 31.98
C ASP B 294 6.74 -33.37 31.68
N LEU B 295 5.73 -33.86 32.35
CA LEU B 295 5.32 -35.24 32.17
C LEU B 295 3.91 -35.24 31.60
N LEU B 296 3.70 -35.97 30.50
CA LEU B 296 2.39 -36.24 29.94
C LEU B 296 2.01 -37.70 30.15
N MET B 297 0.80 -37.95 30.66
CA MET B 297 0.35 -39.27 31.03
C MET B 297 -0.92 -39.66 30.27
N SER B 298 -0.97 -40.93 29.84
CA SER B 298 -2.21 -41.52 29.36
C SER B 298 -2.71 -42.57 30.36
N PHE B 299 -3.98 -42.47 30.72
CA PHE B 299 -4.67 -43.32 31.68
C PHE B 299 -5.56 -44.28 30.99
N GLU B 300 -5.49 -44.33 29.65
CA GLU B 300 -6.56 -44.95 28.83
C GLU B 300 -6.62 -46.46 28.90
N SER B 301 -5.53 -47.09 29.36
CA SER B 301 -5.53 -48.56 29.48
C SER B 301 -6.37 -49.07 30.62
N MET B 302 -6.75 -48.19 31.55
CA MET B 302 -7.69 -48.56 32.58
C MET B 302 -9.10 -48.47 32.03
N GLU B 303 -9.67 -49.62 31.78
CA GLU B 303 -11.01 -49.77 31.19
C GLU B 303 -12.17 -49.38 32.11
N ASP B 304 -12.02 -49.64 33.40
CA ASP B 304 -12.97 -49.17 34.34
C ASP B 304 -12.78 -47.66 34.52
N LYS B 305 -13.71 -46.90 33.92
CA LYS B 305 -13.83 -45.49 34.03
C LYS B 305 -13.76 -44.94 35.49
N ALA B 306 -14.53 -45.49 36.39
CA ALA B 306 -14.50 -44.98 37.80
C ALA B 306 -13.11 -45.16 38.44
N GLN B 307 -12.45 -46.30 38.20
CA GLN B 307 -11.05 -46.53 38.59
C GLN B 307 -10.11 -45.56 37.94
N GLN B 308 -10.32 -45.30 36.67
CA GLN B 308 -9.49 -44.37 35.95
C GLN B 308 -9.50 -42.95 36.56
N ARG B 309 -10.70 -42.45 36.84
CA ARG B 309 -10.90 -41.12 37.47
C ARG B 309 -10.29 -41.05 38.85
N ALA B 310 -10.39 -42.13 39.62
CA ALA B 310 -9.78 -42.23 40.93
C ALA B 310 -8.30 -42.10 40.88
N VAL B 311 -7.65 -42.68 39.86
CA VAL B 311 -6.19 -42.56 39.68
C VAL B 311 -5.85 -41.13 39.18
N ILE B 312 -6.64 -40.60 38.25
CA ILE B 312 -6.43 -39.22 37.83
C ILE B 312 -6.47 -38.26 39.05
N ASP B 313 -7.44 -38.46 39.93
CA ASP B 313 -7.60 -37.65 41.14
C ASP B 313 -6.43 -37.73 42.10
N VAL B 314 -5.97 -38.96 42.37
CA VAL B 314 -4.81 -39.23 43.20
C VAL B 314 -3.55 -38.58 42.59
N VAL B 315 -3.41 -38.67 41.28
CA VAL B 315 -2.28 -38.11 40.61
C VAL B 315 -2.35 -36.61 40.69
N ASN B 316 -3.53 -36.06 40.40
CA ASN B 316 -3.77 -34.63 40.53
C ASN B 316 -3.39 -34.11 41.93
N ALA B 317 -3.66 -34.93 42.94
CA ALA B 317 -3.59 -34.48 44.32
C ALA B 317 -2.16 -34.33 44.79
N ASN B 318 -1.33 -35.33 44.47
CA ASN B 318 0.12 -35.16 44.51
C ASN B 318 0.70 -34.82 43.15
N MET C 1 7.64 59.74 -14.93
CA MET C 1 8.94 59.13 -14.53
C MET C 1 8.67 57.94 -13.61
N LYS C 2 8.98 56.75 -14.13
CA LYS C 2 8.87 55.50 -13.38
C LYS C 2 10.25 54.96 -12.98
N PHE C 3 10.28 54.20 -11.89
CA PHE C 3 11.52 53.64 -11.38
C PHE C 3 11.51 52.14 -11.04
N GLY C 4 12.63 51.51 -11.41
CA GLY C 4 12.81 50.10 -11.20
C GLY C 4 14.05 49.81 -10.40
N ASN C 5 13.95 48.82 -9.53
CA ASN C 5 15.06 48.40 -8.71
C ASN C 5 15.58 47.05 -9.24
N PHE C 6 16.81 47.01 -9.74
N PHE C 6 16.80 47.04 -9.76
CA PHE C 6 17.42 45.82 -10.34
CA PHE C 6 17.47 45.84 -10.26
C PHE C 6 18.18 45.00 -9.30
C PHE C 6 18.14 45.04 -9.18
N LEU C 7 17.68 43.80 -9.01
CA LEU C 7 18.33 42.88 -8.05
C LEU C 7 19.06 41.73 -8.75
N LEU C 8 20.39 41.70 -8.59
CA LEU C 8 21.29 40.73 -9.25
C LEU C 8 21.50 39.43 -8.47
N THR C 9 21.23 39.45 -7.17
CA THR C 9 21.59 38.33 -6.27
C THR C 9 23.06 37.94 -6.49
N TYR C 10 23.92 38.96 -6.60
N TYR C 10 23.93 38.96 -6.64
CA TYR C 10 25.36 38.76 -6.76
CA TYR C 10 25.38 38.75 -6.75
C TYR C 10 25.92 38.31 -5.42
C TYR C 10 25.90 38.29 -5.42
N GLN C 11 26.83 37.34 -5.43
CA GLN C 11 27.50 36.87 -4.20
C GLN C 11 28.92 37.44 -3.99
N PRO C 12 29.00 38.55 -3.23
CA PRO C 12 30.24 39.16 -2.85
C PRO C 12 31.09 38.18 -2.01
N PRO C 13 32.30 38.62 -1.63
CA PRO C 13 33.18 37.63 -1.01
C PRO C 13 32.74 37.32 0.44
N GLU C 14 32.40 38.38 1.16
CA GLU C 14 32.01 38.38 2.53
C GLU C 14 30.63 37.76 2.86
N LEU C 15 29.88 37.37 1.85
CA LEU C 15 28.55 36.77 2.10
C LEU C 15 28.39 35.28 1.75
N SER C 16 27.76 34.53 2.65
CA SER C 16 27.27 33.21 2.34
C SER C 16 26.08 33.31 1.36
N GLN C 17 25.78 32.19 0.69
CA GLN C 17 24.57 32.05 -0.12
C GLN C 17 23.28 32.38 0.67
N THR C 18 23.22 31.98 1.93
CA THR C 18 22.05 32.22 2.81
C THR C 18 21.79 33.71 2.99
N GLU C 19 22.87 34.43 3.32
CA GLU C 19 22.86 35.87 3.47
C GLU C 19 22.50 36.55 2.17
N VAL C 20 22.98 36.03 1.05
CA VAL C 20 22.56 36.60 -0.24
C VAL C 20 21.03 36.48 -0.49
N MET C 21 20.45 35.34 -0.14
CA MET C 21 19.04 35.04 -0.33
C MET C 21 18.17 35.85 0.59
N LYS C 22 18.58 35.97 1.85
CA LYS C 22 17.97 36.92 2.77
C LYS C 22 17.87 38.30 2.15
N ARG C 23 18.98 38.78 1.60
CA ARG C 23 19.02 40.11 1.00
C ARG C 23 17.96 40.26 -0.10
N LEU C 24 17.93 39.31 -1.03
CA LEU C 24 16.96 39.33 -2.10
C LEU C 24 15.54 39.46 -1.57
N VAL C 25 15.24 38.71 -0.51
CA VAL C 25 13.96 38.82 0.18
C VAL C 25 13.76 40.23 0.74
N ASN C 26 14.70 40.70 1.54
CA ASN C 26 14.56 41.98 2.23
C ASN C 26 14.57 43.18 1.28
N LEU C 27 15.48 43.18 0.30
CA LEU C 27 15.52 44.31 -0.63
C LEU C 27 14.30 44.34 -1.54
N GLY C 28 13.80 43.17 -1.90
CA GLY C 28 12.62 43.08 -2.77
C GLY C 28 11.48 43.76 -2.06
N LYS C 29 11.36 43.44 -0.79
CA LYS C 29 10.35 43.96 0.14
C LYS C 29 10.46 45.49 0.48
N ALA C 30 11.69 46.02 0.55
CA ALA C 30 11.97 47.44 0.86
C ALA C 30 11.68 48.33 -0.34
N SER C 31 11.58 47.73 -1.52
CA SER C 31 11.63 48.49 -2.76
C SER C 31 10.55 49.54 -2.99
N GLU C 32 9.29 49.13 -2.90
CA GLU C 32 8.20 50.00 -3.29
C GLU C 32 8.15 51.32 -2.48
N GLY C 33 8.44 51.20 -1.18
CA GLY C 33 8.44 52.34 -0.31
C GLY C 33 9.68 53.22 -0.42
N CYS C 34 10.65 52.82 -1.24
CA CYS C 34 11.80 53.65 -1.63
C CYS C 34 11.55 54.22 -3.01
N GLY C 35 10.34 54.06 -3.54
CA GLY C 35 9.90 54.83 -4.72
C GLY C 35 9.97 54.07 -6.02
N PHE C 36 10.28 52.78 -5.94
CA PHE C 36 10.37 51.94 -7.12
C PHE C 36 9.11 51.08 -7.29
N ASP C 37 8.49 51.18 -8.45
CA ASP C 37 7.22 50.50 -8.70
C ASP C 37 7.45 49.12 -9.30
N THR C 38 8.70 48.81 -9.61
CA THR C 38 9.06 47.51 -10.18
C THR C 38 10.38 47.00 -9.62
N VAL C 39 10.42 45.72 -9.27
CA VAL C 39 11.67 45.04 -9.00
C VAL C 39 11.95 44.07 -10.17
N TRP C 40 13.17 44.17 -10.70
CA TRP C 40 13.58 43.39 -11.86
C TRP C 40 14.65 42.40 -11.36
N LEU C 41 14.52 41.16 -11.80
CA LEU C 41 15.29 40.04 -11.30
C LEU C 41 16.12 39.42 -12.42
N LEU C 42 17.45 39.30 -12.17
CA LEU C 42 18.37 38.67 -13.13
C LEU C 42 18.36 37.15 -12.96
N GLU C 43 18.45 36.43 -14.08
CA GLU C 43 18.65 35.00 -14.08
C GLU C 43 20.16 34.67 -14.28
N HIS C 44 20.70 33.77 -13.45
CA HIS C 44 22.08 33.30 -13.58
C HIS C 44 22.21 31.92 -12.95
N HIS C 45 23.07 31.09 -13.56
CA HIS C 45 23.24 29.70 -13.14
C HIS C 45 24.68 29.34 -12.81
N PHE C 46 24.87 28.54 -11.76
CA PHE C 46 26.13 27.81 -11.47
C PHE C 46 27.29 28.61 -10.99
N THR C 47 27.16 29.94 -10.86
CA THR C 47 28.24 30.77 -10.35
C THR C 47 27.77 31.91 -9.46
N GLU C 48 28.73 32.44 -8.69
CA GLU C 48 28.61 33.60 -7.80
C GLU C 48 28.21 34.91 -8.48
N PHE C 49 28.26 34.97 -9.81
CA PHE C 49 27.81 36.15 -10.57
C PHE C 49 26.34 36.52 -10.21
N GLY C 50 25.50 35.50 -10.10
CA GLY C 50 24.11 35.64 -9.65
C GLY C 50 23.64 34.29 -9.14
N LEU C 51 23.12 34.29 -7.90
CA LEU C 51 22.63 33.08 -7.24
C LEU C 51 21.24 32.65 -7.65
N LEU C 52 20.51 33.51 -8.34
CA LEU C 52 19.11 33.22 -8.68
C LEU C 52 19.04 32.70 -10.10
N GLY C 53 18.75 31.39 -10.25
CA GLY C 53 18.64 30.79 -11.54
C GLY C 53 17.20 30.80 -12.07
N ASN C 54 16.21 31.00 -11.19
CA ASN C 54 14.78 30.80 -11.52
C ASN C 54 13.90 32.00 -11.08
N PRO C 55 14.01 33.11 -11.84
CA PRO C 55 13.27 34.31 -11.53
C PRO C 55 11.76 34.13 -11.55
N TYR C 56 11.20 33.18 -12.29
CA TYR C 56 9.70 33.02 -12.17
C TYR C 56 9.31 32.72 -10.72
N VAL C 57 10.08 31.85 -10.10
CA VAL C 57 9.80 31.38 -8.73
C VAL C 57 10.09 32.45 -7.71
N ALA C 58 11.22 33.15 -7.87
CA ALA C 58 11.53 34.23 -6.94
C ALA C 58 10.55 35.38 -7.13
N ALA C 59 10.08 35.58 -8.37
CA ALA C 59 9.02 36.56 -8.61
C ALA C 59 7.74 36.17 -7.95
N ALA C 60 7.39 34.89 -7.95
CA ALA C 60 6.17 34.41 -7.32
C ALA C 60 6.22 34.77 -5.86
N HIS C 61 7.37 34.50 -5.24
CA HIS C 61 7.55 34.78 -3.81
C HIS C 61 7.32 36.25 -3.42
N LEU C 62 7.98 37.14 -4.14
CA LEU C 62 7.91 38.58 -3.90
C LEU C 62 6.55 39.12 -4.36
N LEU C 63 6.05 38.64 -5.48
CA LEU C 63 4.61 38.91 -5.80
C LEU C 63 3.65 38.51 -4.67
N GLY C 64 3.82 37.33 -4.08
CA GLY C 64 2.96 36.86 -2.97
C GLY C 64 3.03 37.75 -1.73
N ALA C 65 4.22 38.27 -1.47
CA ALA C 65 4.52 39.08 -0.29
C ALA C 65 4.07 40.55 -0.38
N THR C 66 3.54 40.96 -1.54
CA THR C 66 3.29 42.37 -1.81
C THR C 66 1.91 42.51 -2.47
N GLU C 67 1.37 43.74 -2.47
CA GLU C 67 0.03 44.01 -2.95
C GLU C 67 0.09 44.83 -4.25
N THR C 68 0.91 45.90 -4.31
CA THR C 68 0.95 46.77 -5.56
C THR C 68 2.23 46.72 -6.45
N LEU C 69 3.30 46.20 -5.85
CA LEU C 69 4.58 46.17 -6.47
C LEU C 69 4.52 45.31 -7.73
N ASN C 70 5.04 45.83 -8.84
CA ASN C 70 5.26 44.99 -10.01
C ASN C 70 6.56 44.26 -9.86
N VAL C 71 6.64 43.05 -10.43
CA VAL C 71 7.90 42.33 -10.42
C VAL C 71 8.20 41.82 -11.81
N GLY C 72 9.45 42.01 -12.26
CA GLY C 72 9.82 41.59 -13.60
C GLY C 72 11.11 40.82 -13.68
N THR C 73 11.30 40.17 -14.82
CA THR C 73 12.53 39.50 -15.12
C THR C 73 13.41 40.38 -16.04
N ALA C 74 14.67 40.56 -15.67
CA ALA C 74 15.63 41.24 -16.56
C ALA C 74 16.95 40.44 -16.59
N ALA C 75 17.03 39.30 -17.29
CA ALA C 75 15.90 38.74 -18.05
C ALA C 75 15.89 37.23 -18.01
N ILE C 76 14.75 36.66 -18.33
CA ILE C 76 14.70 35.22 -18.53
C ILE C 76 15.55 34.83 -19.77
N VAL C 77 16.40 33.81 -19.62
CA VAL C 77 17.08 33.23 -20.78
C VAL C 77 16.10 32.33 -21.51
N LEU C 78 15.34 32.92 -22.41
CA LEU C 78 14.21 32.23 -23.00
C LEU C 78 14.53 30.81 -23.55
N PRO C 79 15.65 30.64 -24.29
CA PRO C 79 15.89 29.37 -24.95
C PRO C 79 16.13 28.14 -24.09
N THR C 80 16.65 28.32 -22.87
CA THR C 80 17.14 27.15 -22.12
C THR C 80 16.12 26.43 -21.21
N ALA C 81 14.85 26.75 -21.40
CA ALA C 81 13.71 26.12 -20.70
C ALA C 81 12.65 25.83 -21.75
N HIS C 82 11.85 24.78 -21.54
CA HIS C 82 10.72 24.45 -22.43
C HIS C 82 9.69 25.56 -22.49
N PRO C 83 9.34 26.02 -23.70
CA PRO C 83 8.46 27.19 -23.81
C PRO C 83 7.05 26.91 -23.27
N VAL C 84 6.58 25.66 -23.33
CA VAL C 84 5.28 25.33 -22.73
C VAL C 84 5.32 25.41 -21.18
N ARG C 85 6.35 24.85 -20.54
CA ARG C 85 6.52 25.09 -19.11
C ARG C 85 6.57 26.59 -18.74
N GLN C 86 7.16 27.40 -19.60
CA GLN C 86 7.38 28.80 -19.26
C GLN C 86 6.11 29.55 -19.43
N ALA C 87 5.32 29.16 -20.43
CA ALA C 87 3.99 29.78 -20.60
C ALA C 87 3.07 29.54 -19.39
N GLU C 88 3.07 28.32 -18.84
CA GLU C 88 2.32 28.01 -17.62
C GLU C 88 2.75 28.95 -16.55
N ASP C 89 4.10 29.07 -16.43
CA ASP C 89 4.77 29.86 -15.38
C ASP C 89 4.37 31.32 -15.52
N VAL C 90 4.47 31.87 -16.74
CA VAL C 90 4.08 33.28 -16.92
C VAL C 90 2.61 33.50 -16.58
N ASN C 91 1.75 32.65 -17.10
CA ASN C 91 0.31 32.79 -16.82
C ASN C 91 -0.03 32.62 -15.36
N LEU C 92 0.69 31.71 -14.67
CA LEU C 92 0.50 31.49 -13.21
C LEU C 92 0.77 32.75 -12.44
N LEU C 93 1.91 33.36 -12.70
CA LEU C 93 2.30 34.64 -12.13
C LEU C 93 1.34 35.77 -12.44
N ASP C 94 0.89 35.85 -13.68
CA ASP C 94 -0.05 36.89 -14.18
C ASP C 94 -1.35 36.72 -13.36
N GLN C 95 -1.81 35.47 -13.29
CA GLN C 95 -3.04 35.15 -12.47
C GLN C 95 -2.89 35.40 -10.96
N MET C 96 -1.90 34.82 -10.32
CA MET C 96 -1.79 34.99 -8.87
C MET C 96 -1.62 36.45 -8.46
N SER C 97 -0.82 37.19 -9.24
CA SER C 97 -0.47 38.59 -8.89
C SER C 97 -1.49 39.60 -9.42
N LYS C 98 -2.48 39.10 -10.16
CA LYS C 98 -3.44 39.94 -10.86
C LYS C 98 -2.71 41.06 -11.68
N GLY C 99 -1.90 40.62 -12.65
CA GLY C 99 -1.35 41.49 -13.69
C GLY C 99 -0.09 42.32 -13.44
N ARG C 100 0.65 42.00 -12.36
CA ARG C 100 1.82 42.71 -11.83
C ARG C 100 3.18 42.08 -12.22
N PHE C 101 3.16 41.03 -13.05
CA PHE C 101 4.36 40.42 -13.57
C PHE C 101 4.73 41.00 -14.97
N ARG C 102 6.05 41.15 -15.16
CA ARG C 102 6.66 41.82 -16.29
C ARG C 102 7.65 40.86 -16.86
N PHE C 103 7.36 40.39 -18.05
CA PHE C 103 8.07 39.28 -18.63
C PHE C 103 9.28 39.71 -19.51
N GLY C 104 10.42 40.03 -18.87
CA GLY C 104 11.66 40.39 -19.58
C GLY C 104 12.41 39.17 -20.08
N ILE C 105 12.82 39.20 -21.35
CA ILE C 105 13.48 38.05 -21.99
C ILE C 105 14.84 38.42 -22.68
N CYS C 106 15.72 37.45 -22.80
CA CYS C 106 16.96 37.67 -23.54
C CYS C 106 17.25 36.33 -24.21
N ARG C 107 18.31 36.24 -24.99
CA ARG C 107 18.60 35.04 -25.77
C ARG C 107 19.68 34.20 -25.11
N GLY C 108 20.45 34.83 -24.22
CA GLY C 108 21.27 34.09 -23.27
C GLY C 108 22.76 34.25 -23.54
N LEU C 109 23.45 34.89 -22.61
CA LEU C 109 24.89 35.13 -22.75
C LEU C 109 25.66 33.81 -22.66
N TYR C 110 25.55 33.14 -21.53
CA TYR C 110 26.52 32.13 -21.12
C TYR C 110 26.27 30.74 -21.67
N ASP C 111 27.34 30.11 -22.17
N ASP C 111 27.34 30.13 -22.18
CA ASP C 111 27.25 28.84 -22.88
CA ASP C 111 27.25 28.87 -22.88
C ASP C 111 27.18 27.64 -21.94
C ASP C 111 26.97 27.74 -21.90
N LYS C 112 27.45 27.89 -20.66
CA LYS C 112 27.23 26.90 -19.60
C LYS C 112 25.71 26.55 -19.38
N ASP C 113 24.81 27.52 -19.53
CA ASP C 113 23.33 27.28 -19.42
C ASP C 113 22.86 26.35 -20.53
N PHE C 114 23.23 26.67 -21.77
CA PHE C 114 22.91 25.82 -22.94
C PHE C 114 23.47 24.42 -22.81
N ARG C 115 24.70 24.32 -22.32
CA ARG C 115 25.34 23.03 -22.05
C ARG C 115 24.63 22.17 -20.98
N VAL C 116 24.25 22.78 -19.86
CA VAL C 116 23.63 22.02 -18.76
C VAL C 116 22.17 21.60 -19.07
N PHE C 117 21.42 22.52 -19.70
CA PHE C 117 20.00 22.36 -19.94
C PHE C 117 19.79 21.80 -21.33
N GLY C 118 20.89 21.42 -22.00
CA GLY C 118 20.83 20.65 -23.24
C GLY C 118 20.10 21.42 -24.33
N THR C 119 20.51 22.65 -24.56
CA THR C 119 19.90 23.49 -25.59
C THR C 119 20.88 23.73 -26.74
N ASP C 120 20.31 23.89 -27.93
CA ASP C 120 21.04 24.26 -29.12
C ASP C 120 21.58 25.69 -28.96
N MET C 121 22.90 25.81 -28.77
CA MET C 121 23.47 27.15 -28.70
C MET C 121 23.90 27.80 -30.02
N ASP C 122 23.68 27.13 -31.13
CA ASP C 122 24.16 27.62 -32.40
C ASP C 122 23.41 28.80 -32.97
N ASN C 123 22.13 28.93 -32.66
CA ASN C 123 21.53 30.26 -32.74
C ASN C 123 20.43 30.39 -31.69
N SER C 124 20.84 31.05 -30.62
CA SER C 124 20.03 31.33 -29.48
C SER C 124 18.96 32.37 -29.80
N ARG C 125 19.28 33.33 -30.68
CA ARG C 125 18.30 34.37 -31.06
C ARG C 125 17.13 33.83 -31.91
N ALA C 126 17.39 32.84 -32.76
CA ALA C 126 16.35 32.11 -33.44
C ALA C 126 15.49 31.22 -32.49
N LEU C 127 16.14 30.53 -31.55
CA LEU C 127 15.42 29.78 -30.47
C LEU C 127 14.52 30.68 -29.67
N MET C 128 15.09 31.81 -29.22
CA MET C 128 14.31 32.82 -28.53
C MET C 128 13.11 33.27 -29.40
N ASP C 129 13.32 33.52 -30.70
CA ASP C 129 12.23 33.86 -31.63
C ASP C 129 11.19 32.75 -31.76
N CYS C 130 11.66 31.51 -31.86
CA CYS C 130 10.78 30.35 -31.90
C CYS C 130 9.94 30.29 -30.59
N TRP C 131 10.60 30.11 -29.43
CA TRP C 131 9.94 30.10 -28.11
C TRP C 131 8.98 31.22 -27.91
N TYR C 132 9.33 32.42 -28.37
CA TYR C 132 8.46 33.57 -28.18
C TYR C 132 7.12 33.47 -28.96
N ASP C 133 7.19 32.94 -30.18
CA ASP C 133 6.00 32.78 -30.98
C ASP C 133 5.09 31.73 -30.39
N LEU C 134 5.68 30.62 -29.92
CA LEU C 134 4.91 29.54 -29.27
C LEU C 134 4.20 30.05 -28.02
N MET C 135 4.92 30.79 -27.17
CA MET C 135 4.33 31.39 -25.96
C MET C 135 3.20 32.37 -26.25
N LYS C 136 3.36 33.21 -27.27
N LYS C 136 3.38 33.23 -27.25
CA LYS C 136 2.33 34.17 -27.68
CA LYS C 136 2.36 34.21 -27.61
C LYS C 136 1.08 33.42 -28.20
C LYS C 136 1.09 33.54 -28.13
N GLU C 137 1.31 32.41 -29.02
N GLU C 137 1.26 32.54 -29.00
CA GLU C 137 0.22 31.54 -29.47
CA GLU C 137 0.14 31.71 -29.39
C GLU C 137 -0.62 31.06 -28.25
C GLU C 137 -0.63 31.32 -28.12
N GLY C 138 0.06 30.69 -27.17
CA GLY C 138 -0.58 30.26 -25.89
C GLY C 138 -1.27 31.38 -25.14
N PHE C 139 -0.56 32.48 -24.95
CA PHE C 139 -1.16 33.65 -24.28
C PHE C 139 -2.44 34.12 -25.00
N ASN C 140 -2.42 34.01 -26.34
CA ASN C 140 -3.51 34.50 -27.14
C ASN C 140 -4.65 33.53 -27.40
N GLU C 141 -4.31 32.25 -27.64
CA GLU C 141 -5.29 31.20 -27.97
C GLU C 141 -5.67 30.26 -26.83
N GLY C 142 -4.82 30.13 -25.81
CA GLY C 142 -4.98 29.16 -24.74
C GLY C 142 -4.59 27.75 -25.12
N TYR C 143 -3.84 27.63 -26.21
CA TYR C 143 -3.41 26.33 -26.75
C TYR C 143 -2.07 26.55 -27.41
N ILE C 144 -1.24 25.51 -27.46
CA ILE C 144 0.05 25.58 -28.11
C ILE C 144 0.32 24.27 -28.82
N ALA C 145 0.85 24.37 -30.04
CA ALA C 145 1.32 23.21 -30.84
C ALA C 145 2.65 23.58 -31.54
N ALA C 146 3.44 22.61 -31.95
CA ALA C 146 4.72 22.90 -32.62
C ALA C 146 5.15 21.81 -33.59
N ASP C 147 5.46 22.24 -34.81
CA ASP C 147 6.06 21.40 -35.83
C ASP C 147 7.05 22.29 -36.57
N ASN C 148 8.27 22.36 -36.03
CA ASN C 148 9.29 23.19 -36.60
C ASN C 148 10.68 22.62 -36.46
N GLU C 149 11.65 23.39 -36.97
N GLU C 149 11.63 23.46 -36.85
CA GLU C 149 13.07 23.02 -37.04
CA GLU C 149 13.00 23.08 -37.06
C GLU C 149 13.63 22.77 -35.63
C GLU C 149 13.77 22.97 -35.72
N HIS C 150 13.20 23.61 -34.68
CA HIS C 150 13.69 23.56 -33.31
C HIS C 150 12.89 22.69 -32.35
N ILE C 151 11.56 22.74 -32.46
CA ILE C 151 10.76 21.95 -31.53
C ILE C 151 9.49 21.37 -32.18
N LYS C 152 9.15 20.14 -31.82
CA LYS C 152 7.88 19.52 -32.23
C LYS C 152 7.12 18.93 -31.01
N PHE C 153 5.84 19.27 -30.90
CA PHE C 153 4.97 18.63 -29.91
C PHE C 153 3.50 18.80 -30.30
N PRO C 154 2.60 17.87 -29.86
CA PRO C 154 1.19 17.94 -30.26
C PRO C 154 0.45 19.15 -29.65
N LYS C 155 -0.69 19.53 -30.21
CA LYS C 155 -1.41 20.68 -29.68
C LYS C 155 -1.91 20.41 -28.26
N ILE C 156 -1.77 21.38 -27.35
CA ILE C 156 -2.16 21.19 -25.94
C ILE C 156 -2.92 22.38 -25.40
N GLN C 157 -3.83 22.15 -24.47
CA GLN C 157 -4.45 23.23 -23.73
C GLN C 157 -3.39 23.73 -22.77
N LEU C 158 -3.22 25.05 -22.73
CA LEU C 158 -2.33 25.67 -21.79
C LEU C 158 -3.20 26.12 -20.61
N ASN C 159 -2.80 25.72 -19.40
CA ASN C 159 -3.35 26.24 -18.17
C ASN C 159 -2.28 27.11 -17.45
N PRO C 160 -2.72 28.11 -16.64
CA PRO C 160 -4.12 28.62 -16.60
C PRO C 160 -4.31 29.57 -17.81
N SER C 161 -5.46 30.20 -17.96
CA SER C 161 -5.60 31.28 -18.93
C SER C 161 -4.69 32.50 -18.56
N ALA C 162 -4.45 33.41 -19.50
CA ALA C 162 -3.74 34.64 -19.20
C ALA C 162 -4.62 35.62 -18.47
N TYR C 163 -4.09 36.31 -17.48
CA TYR C 163 -4.89 37.30 -16.77
C TYR C 163 -4.98 38.63 -17.57
N THR C 164 -3.84 39.01 -18.15
CA THR C 164 -3.68 40.17 -19.01
C THR C 164 -3.92 39.70 -20.43
N GLN C 165 -4.85 40.36 -21.12
CA GLN C 165 -5.08 40.18 -22.54
C GLN C 165 -3.78 40.18 -23.34
N GLY C 166 -3.51 39.10 -24.06
CA GLY C 166 -2.23 38.88 -24.71
C GLY C 166 -1.05 38.40 -23.86
N GLY C 167 -1.29 38.04 -22.59
CA GLY C 167 -0.22 37.60 -21.70
C GLY C 167 0.44 38.78 -21.03
N ALA C 168 1.28 38.48 -20.06
CA ALA C 168 2.10 39.46 -19.39
C ALA C 168 2.98 40.20 -20.40
N PRO C 169 3.12 41.53 -20.22
CA PRO C 169 3.82 42.33 -21.24
C PRO C 169 5.30 41.95 -21.36
N VAL C 170 5.72 41.63 -22.59
CA VAL C 170 7.07 41.20 -22.85
C VAL C 170 8.01 42.42 -23.01
N TYR C 171 9.21 42.28 -22.42
CA TYR C 171 10.31 43.22 -22.51
C TYR C 171 11.52 42.49 -23.08
N VAL C 172 12.36 43.21 -23.84
CA VAL C 172 13.55 42.60 -24.47
C VAL C 172 14.87 43.21 -23.97
N VAL C 173 15.71 42.38 -23.36
CA VAL C 173 17.08 42.82 -23.02
C VAL C 173 17.87 42.75 -24.31
N ALA C 174 18.23 43.94 -24.79
CA ALA C 174 18.71 44.13 -26.16
C ALA C 174 19.96 44.99 -26.14
N GLU C 175 20.98 44.55 -26.88
CA GLU C 175 22.16 45.39 -27.11
C GLU C 175 22.56 45.42 -28.60
N SER C 176 22.55 44.22 -29.21
CA SER C 176 22.87 44.00 -30.61
C SER C 176 21.80 44.58 -31.53
N ALA C 177 22.26 45.03 -32.70
CA ALA C 177 21.42 45.56 -33.76
C ALA C 177 20.33 44.58 -34.07
N SER C 178 20.71 43.32 -34.32
CA SER C 178 19.76 42.25 -34.64
C SER C 178 18.62 42.08 -33.65
N THR C 179 18.91 42.17 -32.34
CA THR C 179 17.88 41.97 -31.28
C THR C 179 16.97 43.17 -31.19
N THR C 180 17.58 44.36 -31.22
CA THR C 180 16.88 45.66 -31.26
C THR C 180 15.84 45.72 -32.40
N GLU C 181 16.21 45.12 -33.53
CA GLU C 181 15.36 45.11 -34.72
C GLU C 181 14.25 44.10 -34.53
N TRP C 182 14.62 42.92 -33.99
CA TRP C 182 13.64 41.90 -33.61
C TRP C 182 12.59 42.49 -32.66
N ALA C 183 13.02 43.27 -31.67
CA ALA C 183 12.10 43.84 -30.70
C ALA C 183 11.20 44.88 -31.40
N ALA C 184 11.84 45.66 -32.27
CA ALA C 184 11.20 46.78 -32.97
C ALA C 184 10.08 46.33 -33.95
N GLU C 185 10.37 45.30 -34.76
CA GLU C 185 9.39 44.66 -35.60
C GLU C 185 8.15 44.18 -34.84
N ARG C 186 8.17 44.21 -33.49
CA ARG C 186 7.04 43.72 -32.68
C ARG C 186 6.52 44.74 -31.66
N GLY C 187 7.04 45.96 -31.70
CA GLY C 187 6.57 46.99 -30.77
C GLY C 187 6.94 46.78 -29.29
N LEU C 188 7.84 45.85 -29.01
CA LEU C 188 8.17 45.50 -27.61
C LEU C 188 9.19 46.43 -26.99
N PRO C 189 9.01 46.77 -25.70
CA PRO C 189 9.96 47.68 -25.08
C PRO C 189 11.26 46.97 -24.76
N MET C 190 12.34 47.74 -24.70
CA MET C 190 13.70 47.22 -24.51
C MET C 190 14.19 47.60 -23.14
N ILE C 191 15.05 46.77 -22.56
CA ILE C 191 15.81 47.19 -21.36
C ILE C 191 17.26 47.49 -21.85
N LEU C 192 17.73 48.71 -21.67
CA LEU C 192 19.03 49.09 -22.24
C LEU C 192 20.25 48.79 -21.31
N SER C 193 21.42 48.59 -21.91
CA SER C 193 22.62 48.23 -21.14
C SER C 193 23.17 49.39 -20.34
N TRP C 194 23.75 49.09 -19.19
CA TRP C 194 24.34 50.12 -18.34
C TRP C 194 25.82 50.33 -18.72
N ILE C 195 26.28 49.47 -19.63
CA ILE C 195 27.65 49.39 -20.14
C ILE C 195 27.87 50.30 -21.39
N ILE C 196 26.78 50.78 -22.00
CA ILE C 196 26.86 51.65 -23.17
C ILE C 196 26.66 53.13 -22.81
N ASN C 197 27.26 54.02 -23.60
CA ASN C 197 27.16 55.46 -23.37
C ASN C 197 25.94 56.12 -24.02
N THR C 198 25.75 57.39 -23.71
CA THR C 198 24.64 58.14 -24.28
C THR C 198 24.52 58.02 -25.80
N HIS C 199 25.64 58.01 -26.50
CA HIS C 199 25.66 58.01 -27.96
C HIS C 199 25.20 56.67 -28.50
N GLU C 200 25.64 55.59 -27.83
CA GLU C 200 25.29 54.24 -28.26
C GLU C 200 23.79 53.99 -27.96
N LYS C 201 23.28 54.62 -26.91
CA LYS C 201 21.86 54.59 -26.54
C LYS C 201 20.93 55.28 -27.55
N LYS C 202 21.24 56.54 -27.90
CA LYS C 202 20.63 57.23 -29.03
C LYS C 202 20.67 56.35 -30.29
N ALA C 203 21.82 55.78 -30.61
CA ALA C 203 21.96 54.95 -31.81
C ALA C 203 21.02 53.73 -31.79
N GLN C 204 20.84 53.15 -30.60
CA GLN C 204 19.98 51.99 -30.45
C GLN C 204 18.50 52.40 -30.56
N LEU C 205 18.10 53.45 -29.85
CA LEU C 205 16.71 53.90 -29.92
C LEU C 205 16.31 54.45 -31.30
N ASP C 206 17.26 55.17 -31.95
CA ASP C 206 17.04 55.65 -33.31
C ASP C 206 16.81 54.47 -34.22
N LEU C 207 17.66 53.46 -34.13
CA LEU C 207 17.50 52.28 -34.97
C LEU C 207 16.13 51.66 -34.68
N TYR C 208 15.87 51.36 -33.40
CA TYR C 208 14.56 50.84 -32.96
C TYR C 208 13.42 51.59 -33.65
N ASN C 209 13.34 52.89 -33.43
CA ASN C 209 12.26 53.72 -33.98
C ASN C 209 12.06 53.69 -35.51
N GLU C 210 13.14 53.69 -36.27
CA GLU C 210 13.04 53.60 -37.72
C GLU C 210 12.24 52.36 -38.06
N VAL C 211 12.60 51.26 -37.38
CA VAL C 211 12.03 49.93 -37.64
C VAL C 211 10.61 49.81 -37.06
N ALA C 212 10.36 50.47 -35.93
CA ALA C 212 9.10 50.40 -35.25
C ALA C 212 8.02 51.18 -36.02
N THR C 213 8.33 52.43 -36.37
CA THR C 213 7.46 53.28 -37.19
C THR C 213 7.11 52.61 -38.54
N GLU C 214 8.11 51.96 -39.13
CA GLU C 214 7.93 51.15 -40.34
C GLU C 214 6.91 50.02 -40.20
N HIS C 215 6.82 49.45 -38.99
CA HIS C 215 5.87 48.37 -38.72
C HIS C 215 4.59 48.90 -38.08
N GLY C 216 4.47 50.22 -37.98
CA GLY C 216 3.19 50.81 -37.61
C GLY C 216 2.95 51.08 -36.14
N TYR C 217 4.01 50.97 -35.34
CA TYR C 217 3.90 51.23 -33.91
C TYR C 217 4.04 52.71 -33.63
N ASP C 218 3.24 53.19 -32.67
CA ASP C 218 3.41 54.53 -32.10
C ASP C 218 4.61 54.52 -31.15
N VAL C 219 5.76 55.03 -31.58
CA VAL C 219 7.00 54.85 -30.81
C VAL C 219 7.07 55.57 -29.48
N THR C 220 6.12 56.49 -29.22
CA THR C 220 6.04 57.24 -27.94
C THR C 220 5.23 56.57 -26.82
N LYS C 221 4.66 55.41 -27.10
CA LYS C 221 3.91 54.68 -26.04
C LYS C 221 4.49 53.27 -25.80
N ILE C 222 5.82 53.18 -25.75
CA ILE C 222 6.54 51.93 -25.57
C ILE C 222 7.39 52.04 -24.32
N ASP C 223 7.26 51.09 -23.38
CA ASP C 223 7.87 51.24 -22.03
C ASP C 223 9.36 50.78 -21.95
N HIS C 224 10.23 51.37 -22.79
CA HIS C 224 11.70 51.14 -22.75
C HIS C 224 12.27 51.53 -21.40
N CYS C 225 13.28 50.77 -20.96
CA CYS C 225 13.97 51.06 -19.67
C CYS C 225 15.43 51.39 -19.87
N LEU C 226 15.88 52.44 -19.19
CA LEU C 226 17.30 52.68 -18.97
C LEU C 226 17.70 51.91 -17.72
N SER C 227 18.74 51.10 -17.83
CA SER C 227 19.31 50.40 -16.66
C SER C 227 20.68 50.95 -16.24
N TYR C 228 20.90 51.01 -14.94
CA TYR C 228 22.08 51.64 -14.40
C TYR C 228 22.61 50.85 -13.23
N ILE C 229 23.94 50.84 -13.09
CA ILE C 229 24.57 50.52 -11.81
C ILE C 229 24.66 51.85 -11.10
N THR C 230 24.17 51.93 -9.86
CA THR C 230 24.00 53.20 -9.17
C THR C 230 24.68 53.25 -7.80
N SER C 231 25.40 54.33 -7.54
CA SER C 231 26.08 54.52 -6.27
C SER C 231 26.04 56.01 -5.85
N VAL C 232 25.00 56.39 -5.12
CA VAL C 232 24.77 57.77 -4.74
C VAL C 232 25.41 58.00 -3.40
N ASP C 233 26.17 59.07 -3.30
CA ASP C 233 26.87 59.43 -2.07
C ASP C 233 27.26 60.91 -2.14
N HIS C 234 27.25 61.56 -0.98
CA HIS C 234 27.57 62.98 -0.93
C HIS C 234 29.07 63.15 -1.10
N ASP C 235 29.81 62.16 -0.60
CA ASP C 235 31.23 62.00 -0.87
C ASP C 235 31.32 61.31 -2.26
N SER C 236 31.57 62.08 -3.31
CA SER C 236 31.59 61.60 -4.70
C SER C 236 32.65 60.50 -4.97
N ASN C 237 33.86 60.73 -4.47
CA ASN C 237 34.97 59.81 -4.55
C ASN C 237 34.72 58.49 -3.83
N ARG C 238 34.11 58.55 -2.65
CA ARG C 238 33.65 57.36 -1.99
C ARG C 238 32.71 56.56 -2.88
N ALA C 239 31.72 57.20 -3.49
CA ALA C 239 30.80 56.51 -4.36
C ALA C 239 31.53 55.82 -5.51
N LYS C 240 32.50 56.51 -6.10
CA LYS C 240 33.21 56.02 -7.26
C LYS C 240 34.06 54.82 -6.85
N ASP C 241 34.71 54.94 -5.69
CA ASP C 241 35.55 53.88 -5.11
C ASP C 241 34.75 52.61 -4.94
N ILE C 242 33.54 52.77 -4.38
CA ILE C 242 32.64 51.65 -4.11
C ILE C 242 32.23 51.01 -5.44
N CYS C 243 31.87 51.82 -6.41
CA CYS C 243 31.48 51.25 -7.70
C CYS C 243 32.64 50.55 -8.43
N ARG C 244 33.84 51.12 -8.36
CA ARG C 244 34.95 50.55 -9.07
C ARG C 244 35.36 49.19 -8.48
N ASN C 245 35.26 49.05 -7.15
CA ASN C 245 35.55 47.79 -6.47
C ASN C 245 34.55 46.70 -6.83
N PHE C 246 33.25 47.05 -6.77
CA PHE C 246 32.19 46.17 -7.23
C PHE C 246 32.41 45.71 -8.65
N LEU C 247 32.81 46.64 -9.50
CA LEU C 247 32.99 46.32 -10.91
C LEU C 247 34.18 45.39 -11.14
N GLY C 248 35.24 45.56 -10.33
CA GLY C 248 36.35 44.61 -10.34
C GLY C 248 35.83 43.20 -10.07
N HIS C 249 35.08 43.04 -8.98
CA HIS C 249 34.53 41.74 -8.56
C HIS C 249 33.61 41.16 -9.61
N TRP C 250 32.63 41.97 -10.04
N TRP C 250 32.66 42.00 -10.05
CA TRP C 250 31.67 41.61 -11.10
CA TRP C 250 31.65 41.70 -11.04
C TRP C 250 32.38 41.06 -12.32
C TRP C 250 32.25 41.21 -12.38
N TYR C 251 33.38 41.79 -12.77
CA TYR C 251 34.06 41.45 -14.02
C TYR C 251 34.82 40.13 -13.87
N ASP C 252 35.51 39.96 -12.74
CA ASP C 252 36.08 38.69 -12.37
C ASP C 252 35.05 37.59 -12.45
N SER C 253 33.88 37.82 -11.85
CA SER C 253 32.79 36.83 -11.91
C SER C 253 32.33 36.52 -13.33
N TYR C 254 32.26 37.58 -14.14
CA TYR C 254 31.80 37.46 -15.49
C TYR C 254 32.76 36.59 -16.34
N VAL C 255 34.06 36.89 -16.31
CA VAL C 255 35.00 36.11 -17.12
C VAL C 255 35.06 34.64 -16.67
N ASN C 256 34.96 34.42 -15.37
CA ASN C 256 34.87 33.10 -14.80
C ASN C 256 33.62 32.40 -15.26
N ALA C 257 32.47 33.08 -15.20
CA ALA C 257 31.24 32.47 -15.74
C ALA C 257 31.41 32.04 -17.17
N THR C 258 31.89 32.95 -18.03
CA THR C 258 31.91 32.62 -19.46
C THR C 258 32.89 31.50 -19.80
N LYS C 259 33.87 31.25 -18.94
CA LYS C 259 34.87 30.24 -19.25
C LYS C 259 34.81 28.96 -18.39
N ILE C 260 33.70 28.79 -17.67
CA ILE C 260 33.61 27.77 -16.62
C ILE C 260 33.85 26.38 -17.20
N PHE C 261 33.52 26.19 -18.47
CA PHE C 261 33.34 24.86 -19.04
C PHE C 261 34.37 24.57 -20.11
N ASP C 262 35.21 25.56 -20.41
CA ASP C 262 36.54 25.32 -20.95
C ASP C 262 37.38 24.47 -20.00
N ASP C 263 38.22 23.62 -20.56
CA ASP C 263 39.00 22.67 -19.76
C ASP C 263 38.21 21.40 -19.47
N SER C 264 37.13 21.21 -20.22
CA SER C 264 36.23 20.03 -20.00
C SER C 264 36.22 19.01 -21.12
N ASP C 265 36.53 17.76 -20.78
CA ASP C 265 36.45 16.68 -21.76
C ASP C 265 35.05 16.03 -21.94
N GLN C 266 34.10 16.41 -21.09
CA GLN C 266 32.72 15.85 -21.08
C GLN C 266 31.82 16.77 -21.90
N THR C 267 31.85 16.62 -23.22
CA THR C 267 31.24 17.61 -24.11
C THR C 267 29.88 17.21 -24.71
N LYS C 268 29.48 15.95 -24.57
CA LYS C 268 28.16 15.51 -25.05
C LYS C 268 27.05 15.71 -23.98
N GLY C 269 25.95 16.30 -24.44
CA GLY C 269 24.74 16.42 -23.65
C GLY C 269 23.53 16.06 -24.48
N TYR C 270 22.51 15.48 -23.83
CA TYR C 270 21.32 15.02 -24.52
C TYR C 270 20.25 16.10 -24.53
N ASP C 271 19.84 16.46 -25.73
CA ASP C 271 18.93 17.59 -25.91
C ASP C 271 17.50 17.01 -26.01
N PHE C 272 16.62 17.38 -25.07
CA PHE C 272 15.25 16.83 -25.05
C PHE C 272 14.24 17.59 -25.93
N ASN C 273 14.55 18.81 -26.37
CA ASN C 273 13.70 19.51 -27.35
C ASN C 273 13.66 18.76 -28.70
N LYS C 274 14.76 18.09 -29.06
CA LYS C 274 14.88 17.48 -30.38
C LYS C 274 14.44 16.00 -30.50
N GLY C 275 14.83 15.08 -29.63
CA GLY C 275 15.95 15.14 -28.75
C GLY C 275 16.94 14.10 -29.29
N GLN C 276 18.20 14.37 -29.01
CA GLN C 276 19.30 13.60 -29.53
C GLN C 276 20.50 14.24 -28.88
N TRP C 277 21.60 13.51 -28.86
CA TRP C 277 22.83 14.08 -28.37
C TRP C 277 23.38 15.24 -29.23
N ARG C 278 23.95 16.22 -28.54
CA ARG C 278 24.76 17.26 -29.15
C ARG C 278 26.16 17.19 -28.54
N ASP C 279 27.16 17.50 -29.36
CA ASP C 279 28.52 17.66 -28.85
C ASP C 279 28.63 19.16 -28.62
N PHE C 280 29.02 19.54 -27.41
CA PHE C 280 29.07 20.95 -27.05
C PHE C 280 30.50 21.50 -27.11
N VAL C 281 30.94 21.86 -28.32
CA VAL C 281 32.33 22.29 -28.55
C VAL C 281 32.46 23.82 -28.47
N LEU C 282 33.39 24.31 -27.63
CA LEU C 282 33.51 25.78 -27.35
C LEU C 282 33.57 26.77 -28.55
N LYS C 283 34.75 26.90 -29.18
CA LYS C 283 35.04 27.92 -30.22
C LYS C 283 36.40 27.64 -30.86
N ARG C 291 36.53 47.00 -21.66
CA ARG C 291 36.75 47.64 -20.33
C ARG C 291 35.44 48.08 -19.71
N ILE C 292 35.06 47.45 -18.61
CA ILE C 292 33.89 47.88 -17.88
C ILE C 292 34.25 48.65 -16.62
N ASP C 293 35.54 48.70 -16.28
CA ASP C 293 35.93 49.36 -15.01
C ASP C 293 35.78 50.89 -15.09
N TYR C 294 35.93 51.47 -16.29
CA TYR C 294 35.52 52.88 -16.45
C TYR C 294 34.01 53.11 -16.59
N SER C 295 33.20 52.06 -16.48
N SER C 295 33.22 52.05 -16.46
CA SER C 295 31.77 52.24 -16.71
CA SER C 295 31.76 52.13 -16.62
C SER C 295 31.09 53.06 -15.62
C SER C 295 31.12 53.08 -15.63
N TYR C 296 31.73 53.21 -14.47
CA TYR C 296 31.23 54.11 -13.41
C TYR C 296 31.07 55.59 -13.93
N GLU C 297 31.84 55.96 -14.96
CA GLU C 297 31.79 57.32 -15.52
C GLU C 297 30.47 57.69 -16.22
N ILE C 298 29.83 56.69 -16.81
CA ILE C 298 28.62 56.86 -17.61
C ILE C 298 27.37 56.30 -16.85
N ASN C 299 27.55 56.10 -15.54
CA ASN C 299 26.50 55.64 -14.63
C ASN C 299 26.34 56.60 -13.49
N PRO C 300 25.12 56.61 -12.87
CA PRO C 300 24.84 57.50 -11.77
C PRO C 300 25.65 57.08 -10.56
N VAL C 301 26.92 57.51 -10.58
CA VAL C 301 27.90 57.17 -9.57
C VAL C 301 28.61 58.51 -9.18
N GLY C 302 28.27 59.00 -8.00
CA GLY C 302 28.76 60.26 -7.52
C GLY C 302 27.75 60.86 -6.56
N THR C 303 27.78 62.18 -6.39
CA THR C 303 26.76 62.91 -5.64
C THR C 303 25.38 62.87 -6.36
N PRO C 304 24.30 63.09 -5.61
CA PRO C 304 22.96 63.26 -6.23
C PRO C 304 22.98 64.10 -7.47
N GLU C 305 23.68 65.23 -7.41
CA GLU C 305 23.73 66.19 -8.51
C GLU C 305 24.35 65.57 -9.75
N GLU C 306 25.44 64.82 -9.59
CA GLU C 306 26.07 64.10 -10.71
C GLU C 306 25.21 62.99 -11.26
N CYS C 307 24.55 62.27 -10.36
CA CYS C 307 23.55 61.28 -10.75
C CYS C 307 22.44 61.84 -11.63
N ILE C 308 21.92 63.01 -11.27
CA ILE C 308 20.80 63.62 -11.99
C ILE C 308 21.24 63.99 -13.39
N ALA C 309 22.47 64.52 -13.48
CA ALA C 309 23.07 64.95 -14.73
C ALA C 309 23.29 63.79 -15.66
N ILE C 310 23.94 62.75 -15.15
CA ILE C 310 24.15 61.58 -15.97
C ILE C 310 22.82 61.01 -16.50
N ILE C 311 21.80 60.89 -15.63
CA ILE C 311 20.52 60.30 -16.06
C ILE C 311 19.72 61.21 -17.01
N GLN C 312 19.58 62.47 -16.63
CA GLN C 312 18.95 63.45 -17.50
C GLN C 312 19.47 63.49 -18.92
N GLN C 313 20.78 63.33 -19.06
CA GLN C 313 21.41 63.29 -20.36
C GLN C 313 20.88 62.13 -21.19
N ASP C 314 20.79 60.95 -20.56
CA ASP C 314 20.27 59.77 -21.21
C ASP C 314 18.77 59.91 -21.52
N ILE C 315 17.98 60.41 -20.56
CA ILE C 315 16.56 60.71 -20.89
C ILE C 315 16.44 61.60 -22.13
N ASP C 316 17.14 62.74 -22.10
CA ASP C 316 17.19 63.71 -23.22
C ASP C 316 17.60 63.10 -24.57
N ALA C 317 18.52 62.14 -24.53
CA ALA C 317 18.92 61.47 -25.78
C ALA C 317 17.96 60.41 -26.30
N THR C 318 17.11 59.86 -25.42
CA THR C 318 16.39 58.61 -25.78
C THR C 318 14.86 58.72 -25.68
N GLY C 319 14.38 59.67 -24.87
CA GLY C 319 12.95 59.75 -24.58
C GLY C 319 12.36 58.69 -23.63
N ILE C 320 13.23 57.96 -22.93
CA ILE C 320 12.88 56.91 -21.97
C ILE C 320 12.50 57.56 -20.65
N ASP C 321 11.36 57.15 -20.07
CA ASP C 321 10.92 57.67 -18.76
C ASP C 321 10.84 56.57 -17.67
N ASN C 322 11.60 55.50 -17.87
CA ASN C 322 11.59 54.39 -16.94
C ASN C 322 13.05 54.07 -16.56
N ILE C 323 13.42 54.42 -15.32
CA ILE C 323 14.77 54.41 -14.83
C ILE C 323 14.97 53.23 -13.84
N CYS C 324 15.81 52.28 -14.25
CA CYS C 324 16.07 51.05 -13.48
C CYS C 324 17.49 50.97 -12.94
N CYS C 325 17.60 50.97 -11.61
CA CYS C 325 18.86 51.07 -10.93
C CYS C 325 19.14 49.87 -10.07
N GLY C 326 20.41 49.48 -10.06
CA GLY C 326 20.88 48.51 -9.13
C GLY C 326 21.74 49.19 -8.11
N PHE C 327 21.48 48.89 -6.83
CA PHE C 327 22.14 49.45 -5.67
C PHE C 327 23.02 48.48 -4.84
N GLU C 328 23.22 47.26 -5.32
CA GLU C 328 23.90 46.21 -4.55
C GLU C 328 25.44 46.35 -4.43
N ALA C 329 26.05 47.24 -5.20
CA ALA C 329 27.48 47.58 -4.99
C ALA C 329 27.69 48.21 -3.60
N ASN C 330 26.62 48.79 -3.06
CA ASN C 330 26.69 49.70 -1.91
C ASN C 330 26.82 49.05 -0.55
N GLY C 331 27.38 47.85 -0.48
CA GLY C 331 27.77 47.34 0.82
C GLY C 331 26.71 46.46 1.43
N SER C 332 26.38 46.76 2.68
CA SER C 332 25.45 45.98 3.48
C SER C 332 23.98 46.27 3.12
N GLU C 333 23.08 45.40 3.57
CA GLU C 333 21.65 45.59 3.35
C GLU C 333 21.19 46.97 3.87
N GLU C 334 21.61 47.35 5.07
CA GLU C 334 21.32 48.68 5.68
C GLU C 334 21.83 49.80 4.80
N GLU C 335 23.12 49.71 4.46
CA GLU C 335 23.74 50.60 3.49
C GLU C 335 23.06 50.61 2.11
N ILE C 336 22.76 49.44 1.56
CA ILE C 336 21.99 49.37 0.30
C ILE C 336 20.67 50.12 0.36
N ILE C 337 19.91 49.92 1.44
CA ILE C 337 18.59 50.59 1.58
C ILE C 337 18.75 52.10 1.75
N ALA C 338 19.70 52.48 2.61
CA ALA C 338 20.07 53.89 2.84
C ALA C 338 20.36 54.58 1.49
N SER C 339 21.13 53.89 0.64
CA SER C 339 21.43 54.34 -0.72
C SER C 339 20.19 54.53 -1.61
N MET C 340 19.24 53.59 -1.52
CA MET C 340 17.98 53.60 -2.24
C MET C 340 17.16 54.82 -1.79
N LYS C 341 17.16 55.08 -0.49
CA LYS C 341 16.39 56.19 0.04
C LYS C 341 16.96 57.55 -0.44
N LEU C 342 18.29 57.63 -0.57
CA LEU C 342 18.97 58.87 -0.98
C LEU C 342 18.70 59.07 -2.46
N PHE C 343 18.68 57.99 -3.23
CA PHE C 343 18.29 58.12 -4.61
C PHE C 343 16.82 58.57 -4.70
N GLN C 344 15.98 58.02 -3.82
CA GLN C 344 14.55 58.38 -3.79
C GLN C 344 14.34 59.88 -3.53
N SER C 345 14.96 60.36 -2.46
CA SER C 345 14.82 61.75 -2.07
C SER C 345 15.63 62.73 -3.00
N ASP C 346 16.91 62.45 -3.23
CA ASP C 346 17.80 63.47 -3.84
C ASP C 346 18.05 63.36 -5.32
N VAL C 347 17.40 62.42 -5.99
CA VAL C 347 17.61 62.21 -7.43
C VAL C 347 16.28 62.09 -8.18
N MET C 348 15.39 61.22 -7.69
CA MET C 348 14.07 61.03 -8.28
C MET C 348 13.25 62.30 -8.61
N PRO C 349 13.03 63.20 -7.63
CA PRO C 349 12.20 64.38 -7.85
C PRO C 349 12.72 65.33 -8.97
N TYR C 350 14.00 65.21 -9.30
CA TYR C 350 14.72 66.22 -10.07
C TYR C 350 14.94 65.81 -11.52
N LEU C 351 14.48 64.61 -11.85
CA LEU C 351 14.56 64.06 -13.20
C LEU C 351 13.28 64.45 -13.94
N LYS C 352 13.41 64.66 -15.25
CA LYS C 352 12.33 65.22 -16.02
C LYS C 352 12.19 64.42 -17.30
N GLU C 353 10.97 64.27 -17.80
CA GLU C 353 10.78 63.65 -19.11
C GLU C 353 11.52 64.51 -20.17
N LYS C 354 11.85 63.91 -21.31
CA LYS C 354 12.43 64.63 -22.44
C LYS C 354 11.38 65.65 -22.94
N GLN C 355 11.73 66.94 -22.99
CA GLN C 355 10.89 68.06 -23.40
C GLN C 355 10.37 67.85 -24.82
N MET D 1 0.19 13.31 14.89
CA MET D 1 -0.29 13.59 13.52
C MET D 1 -0.18 15.03 13.11
N LYS D 2 0.08 15.23 11.82
CA LYS D 2 -0.01 16.54 11.20
C LYS D 2 -1.20 16.58 10.20
N PHE D 3 -1.59 17.80 9.85
CA PHE D 3 -2.72 18.04 9.00
C PHE D 3 -2.45 19.19 8.08
N GLY D 4 -3.07 19.11 6.90
CA GLY D 4 -2.88 20.15 5.90
C GLY D 4 -4.03 20.22 4.92
N LEU D 5 -3.88 21.14 3.97
CA LEU D 5 -4.79 21.31 2.88
C LEU D 5 -3.98 21.02 1.67
N PHE D 6 -4.65 20.50 0.64
CA PHE D 6 -4.05 20.51 -0.66
C PHE D 6 -5.02 21.13 -1.64
N PHE D 7 -4.46 21.57 -2.76
CA PHE D 7 -5.25 22.18 -3.83
C PHE D 7 -5.00 21.47 -5.13
N LEU D 8 -6.08 20.87 -5.67
CA LEU D 8 -6.08 20.21 -6.98
C LEU D 8 -6.26 21.26 -8.09
N ASN D 9 -7.04 22.31 -7.80
CA ASN D 9 -7.36 23.35 -8.79
C ASN D 9 -8.02 22.80 -10.10
N PHE D 10 -9.05 21.98 -9.95
CA PHE D 10 -9.81 21.43 -11.07
C PHE D 10 -10.71 22.56 -11.61
N MET D 11 -10.63 22.84 -12.91
CA MET D 11 -11.50 23.82 -13.54
C MET D 11 -12.50 23.09 -14.41
N ASN D 12 -13.55 23.79 -14.83
CA ASN D 12 -14.42 23.28 -15.91
C ASN D 12 -15.07 24.45 -16.68
N SER D 13 -16.07 24.15 -17.51
CA SER D 13 -16.86 25.22 -18.26
C SER D 13 -17.43 26.34 -17.42
N LYS D 14 -17.90 26.02 -16.22
CA LYS D 14 -18.49 27.05 -15.37
C LYS D 14 -17.51 27.63 -14.37
N ARG D 15 -16.34 27.00 -14.20
CA ARG D 15 -15.41 27.42 -13.14
C ARG D 15 -14.03 27.60 -13.74
N SER D 16 -13.67 28.84 -14.00
CA SER D 16 -12.45 29.12 -14.76
C SER D 16 -11.16 28.82 -13.95
N SER D 17 -10.06 28.66 -14.65
CA SER D 17 -8.75 28.57 -14.04
C SER D 17 -8.45 29.79 -13.20
N ASP D 18 -8.93 30.97 -13.63
CA ASP D 18 -8.83 32.23 -12.90
C ASP D 18 -9.52 32.13 -11.52
N GLN D 19 -10.75 31.62 -11.53
N GLN D 19 -10.76 31.62 -11.54
CA GLN D 19 -11.59 31.52 -10.32
CA GLN D 19 -11.61 31.45 -10.37
C GLN D 19 -10.95 30.55 -9.36
C GLN D 19 -10.92 30.56 -9.37
N VAL D 20 -10.46 29.40 -9.83
CA VAL D 20 -9.87 28.39 -8.94
C VAL D 20 -8.56 28.88 -8.25
N ILE D 21 -7.75 29.60 -9.00
CA ILE D 21 -6.54 30.14 -8.46
C ILE D 21 -6.87 31.19 -7.40
N GLU D 22 -7.85 32.05 -7.68
CA GLU D 22 -8.32 33.01 -6.69
C GLU D 22 -8.88 32.35 -5.41
N GLU D 23 -9.63 31.26 -5.58
CA GLU D 23 -10.17 30.51 -4.44
C GLU D 23 -9.06 29.89 -3.62
N MET D 24 -8.03 29.34 -4.28
CA MET D 24 -6.83 28.78 -3.59
C MET D 24 -6.11 29.81 -2.79
N LEU D 25 -5.82 30.94 -3.42
CA LEU D 25 -5.20 32.03 -2.69
C LEU D 25 -6.01 32.50 -1.51
N ASP D 26 -7.32 32.69 -1.71
N ASP D 26 -7.33 32.70 -1.72
CA ASP D 26 -8.19 33.09 -0.61
CA ASP D 26 -8.22 33.12 -0.63
C ASP D 26 -8.12 32.06 0.52
C ASP D 26 -8.26 32.07 0.51
N THR D 27 -8.29 30.78 0.16
CA THR D 27 -8.36 29.73 1.19
C THR D 27 -7.04 29.59 1.96
N ALA D 28 -5.92 29.73 1.25
CA ALA D 28 -4.61 29.75 1.91
C ALA D 28 -4.48 30.78 3.05
N HIS D 29 -4.95 31.99 2.80
CA HIS D 29 -4.97 33.05 3.77
C HIS D 29 -5.94 32.75 4.92
N TYR D 30 -7.09 32.15 4.60
CA TYR D 30 -8.04 31.73 5.65
C TYR D 30 -7.46 30.70 6.65
N VAL D 31 -6.80 29.66 6.16
CA VAL D 31 -6.36 28.56 7.01
C VAL D 31 -4.99 28.80 7.67
N ASP D 32 -4.31 29.87 7.27
CA ASP D 32 -2.94 30.14 7.75
C ASP D 32 -2.94 30.50 9.24
N GLN D 33 -4.08 31.06 9.63
N GLN D 33 -3.97 31.11 9.80
CA GLN D 33 -4.45 31.44 10.99
CA GLN D 33 -3.91 31.27 11.28
C GLN D 33 -5.01 30.29 11.85
C GLN D 33 -4.56 30.09 12.03
N LEU D 34 -5.04 29.08 11.29
CA LEU D 34 -5.66 27.89 11.91
C LEU D 34 -4.62 26.79 12.25
N LYS D 35 -5.07 25.58 12.60
CA LYS D 35 -4.16 24.48 12.98
C LYS D 35 -3.84 23.51 11.82
N PHE D 36 -3.81 24.02 10.60
CA PHE D 36 -3.37 23.26 9.43
C PHE D 36 -1.90 23.52 9.23
N ASP D 37 -1.04 22.52 9.25
N ASP D 37 -1.11 22.46 9.24
CA ASP D 37 0.35 22.89 9.20
CA ASP D 37 0.33 22.59 9.24
C ASP D 37 1.05 22.63 7.85
C ASP D 37 0.89 22.85 7.85
N THR D 38 0.30 22.21 6.84
CA THR D 38 0.83 22.19 5.47
C THR D 38 -0.18 22.68 4.42
N LEU D 39 0.30 23.41 3.40
CA LEU D 39 -0.48 23.69 2.21
C LEU D 39 0.29 23.09 1.06
N ALA D 40 -0.36 22.18 0.32
CA ALA D 40 0.30 21.46 -0.78
C ALA D 40 -0.42 21.74 -2.11
N VAL D 41 0.37 21.69 -3.19
CA VAL D 41 -0.06 22.12 -4.49
C VAL D 41 0.15 20.97 -5.47
N TYR D 42 -0.92 20.64 -6.19
CA TYR D 42 -0.92 19.58 -7.14
C TYR D 42 -0.56 20.03 -8.56
N GLU D 43 0.23 19.20 -9.22
CA GLU D 43 0.67 19.37 -10.62
C GLU D 43 -0.14 18.53 -11.63
N ASN D 44 -0.56 19.23 -12.68
CA ASN D 44 -1.23 18.66 -13.80
C ASN D 44 -0.92 19.53 -15.04
N HIS D 45 -0.82 18.91 -16.22
CA HIS D 45 -0.68 19.62 -17.49
C HIS D 45 -1.79 19.27 -18.47
N PHE D 46 -2.29 20.27 -19.19
CA PHE D 46 -3.00 20.11 -20.49
C PHE D 46 -4.43 19.59 -20.38
N SER D 47 -5.05 19.69 -19.20
CA SER D 47 -6.44 19.23 -19.03
C SER D 47 -7.12 20.12 -17.97
N ASN D 48 -8.45 20.10 -17.88
CA ASN D 48 -9.19 20.83 -16.86
C ASN D 48 -8.85 20.38 -15.42
N ASN D 49 -8.25 19.20 -15.28
CA ASN D 49 -8.11 18.54 -13.98
C ASN D 49 -6.81 18.90 -13.28
N GLY D 50 -6.69 20.18 -13.01
CA GLY D 50 -5.49 20.76 -12.46
C GLY D 50 -4.97 21.83 -13.45
N VAL D 51 -5.20 23.10 -13.13
CA VAL D 51 -4.67 24.22 -13.92
C VAL D 51 -3.28 24.76 -13.46
N VAL D 52 -2.55 24.01 -12.58
CA VAL D 52 -1.19 24.38 -12.14
C VAL D 52 -0.17 23.35 -12.65
N GLY D 53 0.63 23.74 -13.65
CA GLY D 53 1.66 22.87 -14.19
C GLY D 53 3.01 23.10 -13.49
N ALA D 54 3.10 24.17 -12.72
CA ALA D 54 4.34 24.53 -12.02
C ALA D 54 4.06 24.69 -10.53
N PRO D 55 4.01 23.58 -9.80
CA PRO D 55 3.73 23.65 -8.38
C PRO D 55 4.73 24.46 -7.54
N LEU D 56 6.00 24.47 -7.98
CA LEU D 56 7.06 25.19 -7.22
C LEU D 56 6.93 26.71 -7.36
N THR D 57 6.36 27.17 -8.47
CA THR D 57 6.10 28.62 -8.67
C THR D 57 4.91 29.03 -7.80
N VAL D 58 3.81 28.27 -7.88
CA VAL D 58 2.69 28.48 -6.94
C VAL D 58 3.17 28.41 -5.51
N ALA D 59 3.99 27.42 -5.18
CA ALA D 59 4.53 27.28 -3.80
C ALA D 59 5.23 28.57 -3.32
N GLY D 60 6.04 29.16 -4.20
CA GLY D 60 6.69 30.45 -3.94
C GLY D 60 5.74 31.55 -3.58
N PHE D 61 4.70 31.72 -4.40
CA PHE D 61 3.65 32.73 -4.08
C PHE D 61 2.99 32.46 -2.71
N LEU D 62 2.62 31.20 -2.44
CA LEU D 62 1.91 30.87 -1.21
C LEU D 62 2.77 31.14 0.01
N LEU D 63 4.06 30.82 -0.12
CA LEU D 63 5.04 31.16 0.89
C LEU D 63 5.16 32.68 1.10
N GLY D 64 5.19 33.44 0.00
CA GLY D 64 5.30 34.90 0.12
C GLY D 64 4.11 35.47 0.86
N MET D 65 2.90 34.93 0.61
CA MET D 65 1.66 35.46 1.23
C MET D 65 1.28 34.84 2.59
N THR D 66 1.96 33.81 3.04
CA THR D 66 1.60 33.22 4.34
C THR D 66 2.71 33.41 5.31
N LYS D 67 2.40 33.22 6.60
N LYS D 67 2.43 33.19 6.60
CA LYS D 67 3.41 33.24 7.66
CA LYS D 67 3.50 33.21 7.63
C LYS D 67 3.67 31.86 8.27
C LYS D 67 3.65 31.93 8.45
N ASN D 68 2.61 31.10 8.53
CA ASN D 68 2.69 29.97 9.47
C ASN D 68 2.87 28.62 8.80
N ALA D 69 2.07 28.39 7.77
CA ALA D 69 2.02 27.03 7.23
C ALA D 69 3.29 26.70 6.50
N LYS D 70 3.66 25.43 6.59
N LYS D 70 3.71 25.44 6.61
CA LYS D 70 4.63 24.85 5.69
CA LYS D 70 4.66 24.89 5.64
C LYS D 70 3.96 24.67 4.33
C LYS D 70 3.93 24.84 4.32
N VAL D 71 4.69 24.93 3.24
CA VAL D 71 4.14 24.84 1.88
C VAL D 71 4.85 23.73 1.13
N ALA D 72 4.09 22.85 0.48
CA ALA D 72 4.69 21.72 -0.22
C ALA D 72 4.27 21.61 -1.65
N SER D 73 5.12 21.08 -2.51
CA SER D 73 4.65 20.52 -3.80
C SER D 73 4.08 19.16 -3.45
N LEU D 74 2.92 18.81 -4.00
CA LEU D 74 2.27 17.55 -3.67
C LEU D 74 2.87 16.36 -4.44
N ASN D 75 3.26 16.59 -5.70
CA ASN D 75 3.60 15.52 -6.65
C ASN D 75 4.40 16.15 -7.77
N HIS D 76 5.38 16.98 -7.46
CA HIS D 76 6.17 17.55 -8.55
C HIS D 76 6.77 16.42 -9.41
N VAL D 77 6.45 16.41 -10.69
CA VAL D 77 6.81 15.33 -11.63
C VAL D 77 8.20 15.63 -12.16
N ILE D 78 9.17 14.96 -11.57
CA ILE D 78 10.55 15.16 -11.90
C ILE D 78 10.95 14.39 -13.18
N THR D 79 10.26 13.28 -13.49
CA THR D 79 10.59 12.44 -14.64
C THR D 79 10.53 13.17 -15.98
N THR D 80 9.64 14.16 -16.10
CA THR D 80 9.43 14.88 -17.34
C THR D 80 10.21 16.21 -17.40
N HIS D 81 10.92 16.51 -16.32
CA HIS D 81 11.47 17.85 -16.08
C HIS D 81 12.99 17.77 -15.99
N HIS D 82 13.69 18.91 -16.14
CA HIS D 82 15.14 18.88 -15.98
C HIS D 82 15.48 18.95 -14.51
N PRO D 83 16.24 17.96 -13.98
CA PRO D 83 16.51 17.83 -12.55
C PRO D 83 17.32 18.97 -11.94
N VAL D 84 18.03 19.75 -12.75
CA VAL D 84 18.84 20.85 -12.21
C VAL D 84 17.92 22.03 -11.96
N ARG D 85 16.97 22.23 -12.87
CA ARG D 85 15.85 23.11 -12.65
C ARG D 85 15.10 22.81 -11.34
N VAL D 86 14.70 21.55 -11.15
CA VAL D 86 13.98 21.13 -9.90
C VAL D 86 14.78 21.46 -8.65
N ALA D 87 16.05 21.06 -8.67
CA ALA D 87 16.95 21.23 -7.52
C ALA D 87 17.15 22.70 -7.22
N GLU D 88 17.44 23.49 -8.26
CA GLU D 88 17.59 24.92 -8.10
C GLU D 88 16.36 25.58 -7.43
N GLU D 89 15.19 25.29 -8.02
CA GLU D 89 13.94 25.87 -7.59
C GLU D 89 13.53 25.42 -6.21
N ALA D 90 13.78 24.15 -5.87
CA ALA D 90 13.43 23.67 -4.52
C ALA D 90 14.33 24.29 -3.46
N CYS D 91 15.64 24.38 -3.75
CA CYS D 91 16.61 25.04 -2.82
C CYS D 91 16.33 26.55 -2.69
N LEU D 92 15.88 27.15 -3.79
CA LEU D 92 15.42 28.55 -3.88
C LEU D 92 14.26 28.81 -2.93
N LEU D 93 13.19 28.01 -3.01
CA LEU D 93 12.09 28.11 -2.03
C LEU D 93 12.54 27.86 -0.58
N ASP D 94 13.40 26.88 -0.41
CA ASP D 94 13.99 26.59 0.91
C ASP D 94 14.72 27.84 1.51
N GLN D 95 15.54 28.51 0.70
CA GLN D 95 16.21 29.74 1.14
C GLN D 95 15.28 30.92 1.35
N MET D 96 14.42 31.17 0.36
CA MET D 96 13.52 32.30 0.44
C MET D 96 12.59 32.32 1.62
N SER D 97 12.12 31.14 2.05
CA SER D 97 11.18 31.03 3.13
C SER D 97 11.85 30.58 4.40
N GLU D 98 13.19 30.44 4.36
CA GLU D 98 13.96 29.95 5.50
C GLU D 98 13.44 28.61 6.03
N GLY D 99 13.38 27.60 5.16
CA GLY D 99 13.03 26.24 5.59
C GLY D 99 11.57 25.87 5.73
N ARG D 100 10.64 26.67 5.19
CA ARG D 100 9.20 26.38 5.27
C ARG D 100 8.67 25.61 4.07
N PHE D 101 9.54 25.22 3.12
CA PHE D 101 9.15 24.45 1.96
C PHE D 101 9.39 22.94 2.08
N ALA D 102 8.38 22.15 1.76
CA ALA D 102 8.57 20.70 1.66
C ALA D 102 8.51 20.23 0.20
N PHE D 103 9.42 19.34 -0.20
CA PHE D 103 9.49 18.86 -1.59
C PHE D 103 8.81 17.50 -1.79
N GLY D 104 7.51 17.53 -2.12
CA GLY D 104 6.82 16.34 -2.57
C GLY D 104 6.94 16.17 -4.07
N PHE D 105 7.30 14.97 -4.47
CA PHE D 105 7.65 14.71 -5.85
C PHE D 105 7.10 13.34 -6.26
N SER D 106 7.14 13.03 -7.57
CA SER D 106 6.39 11.97 -8.17
C SER D 106 7.08 11.51 -9.44
N ASP D 107 6.87 10.24 -9.79
CA ASP D 107 7.12 9.75 -11.13
C ASP D 107 5.96 10.24 -12.01
N CYS D 108 6.07 10.09 -13.33
CA CYS D 108 5.00 10.52 -14.24
C CYS D 108 3.90 9.47 -14.29
N GLU D 109 2.63 9.95 -14.28
CA GLU D 109 1.46 9.08 -14.21
C GLU D 109 0.72 9.03 -15.56
N LYS D 110 1.13 9.86 -16.52
N LYS D 110 1.12 9.88 -16.51
CA LYS D 110 0.51 9.93 -17.82
CA LYS D 110 0.49 9.96 -17.83
C LYS D 110 1.53 9.75 -18.94
C LYS D 110 1.53 9.75 -18.93
N SER D 111 1.52 8.57 -19.55
CA SER D 111 2.41 8.30 -20.70
C SER D 111 2.35 9.43 -21.72
N ALA D 112 1.18 10.07 -21.87
CA ALA D 112 1.13 11.20 -22.79
C ALA D 112 2.16 12.27 -22.47
N ASP D 113 2.47 12.50 -21.19
CA ASP D 113 3.26 13.67 -20.81
C ASP D 113 4.73 13.36 -21.06
N MET D 114 5.08 12.11 -20.78
CA MET D 114 6.35 11.53 -21.17
C MET D 114 6.64 11.80 -22.66
N ARG D 115 5.70 11.40 -23.53
N ARG D 115 5.72 11.42 -23.54
CA ARG D 115 5.90 11.56 -24.98
CA ARG D 115 5.98 11.55 -24.97
C ARG D 115 6.10 13.02 -25.30
C ARG D 115 5.97 13.01 -25.43
N PHE D 116 5.31 13.86 -24.66
CA PHE D 116 5.33 15.31 -24.91
C PHE D 116 6.71 15.93 -24.69
N PHE D 117 7.37 15.50 -23.62
CA PHE D 117 8.61 16.12 -23.22
C PHE D 117 9.72 15.19 -23.66
N ASN D 118 9.39 14.31 -24.61
CA ASN D 118 10.34 13.45 -25.30
C ASN D 118 11.13 12.65 -24.33
N ARG D 119 10.45 12.12 -23.30
CA ARG D 119 11.10 11.29 -22.32
C ARG D 119 10.71 9.86 -22.65
N PRO D 120 11.67 8.92 -22.57
CA PRO D 120 11.40 7.50 -23.01
C PRO D 120 10.57 6.68 -22.00
N THR D 121 9.31 6.44 -22.33
CA THR D 121 8.45 5.49 -21.58
C THR D 121 9.11 4.14 -21.31
N ASP D 122 9.97 3.70 -22.24
N ASP D 122 9.96 3.67 -22.25
CA ASP D 122 10.64 2.40 -22.11
CA ASP D 122 10.63 2.36 -22.08
C ASP D 122 11.79 2.34 -21.08
C ASP D 122 11.70 2.33 -20.97
N SER D 123 12.17 3.49 -20.53
CA SER D 123 13.16 3.54 -19.44
C SER D 123 12.71 4.53 -18.38
N GLN D 124 11.39 4.69 -18.25
CA GLN D 124 10.83 5.70 -17.35
C GLN D 124 11.42 5.69 -15.94
N PHE D 125 11.43 4.51 -15.32
CA PHE D 125 11.77 4.42 -13.91
C PHE D 125 13.25 4.69 -13.71
N GLN D 126 14.06 4.28 -14.68
CA GLN D 126 15.48 4.53 -14.63
C GLN D 126 15.80 6.02 -14.72
N LEU D 127 15.09 6.71 -15.61
CA LEU D 127 15.17 8.14 -15.77
C LEU D 127 14.78 8.87 -14.45
N PHE D 128 13.74 8.37 -13.77
CA PHE D 128 13.19 8.97 -12.58
C PHE D 128 14.21 8.81 -11.50
N SER D 129 14.84 7.63 -11.42
CA SER D 129 15.89 7.38 -10.43
C SER D 129 17.06 8.31 -10.62
N GLU D 130 17.42 8.51 -11.90
CA GLU D 130 18.53 9.34 -12.31
C GLU D 130 18.27 10.80 -12.01
N CYS D 131 17.08 11.29 -12.36
CA CYS D 131 16.59 12.60 -11.90
C CYS D 131 16.75 12.80 -10.40
N HIS D 132 16.33 11.84 -9.59
CA HIS D 132 16.36 12.06 -8.14
C HIS D 132 17.79 12.03 -7.61
N LYS D 133 18.65 11.22 -8.23
CA LYS D 133 20.06 11.17 -7.85
C LYS D 133 20.73 12.54 -7.97
N ILE D 134 20.48 13.20 -9.11
CA ILE D 134 20.97 14.55 -9.39
C ILE D 134 20.41 15.58 -8.40
N ILE D 135 19.08 15.53 -8.17
CA ILE D 135 18.41 16.47 -7.26
C ILE D 135 18.98 16.27 -5.90
N ASN D 136 19.02 15.02 -5.47
CA ASN D 136 19.48 14.67 -4.11
C ASN D 136 20.98 14.97 -3.87
N ASP D 137 21.83 14.77 -4.89
CA ASP D 137 23.23 15.26 -4.82
C ASP D 137 23.30 16.77 -4.65
N ALA D 138 22.56 17.50 -5.49
CA ALA D 138 22.41 18.95 -5.30
C ALA D 138 22.01 19.21 -3.85
N PHE D 139 20.85 18.69 -3.42
CA PHE D 139 20.37 18.97 -2.03
C PHE D 139 21.38 18.77 -0.89
N THR D 140 22.06 17.61 -0.93
CA THR D 140 22.97 17.20 0.15
C THR D 140 24.39 17.85 0.06
N THR D 141 24.84 18.19 -1.14
CA THR D 141 26.22 18.64 -1.34
C THR D 141 26.37 20.07 -1.94
N GLY D 142 25.35 20.53 -2.65
CA GLY D 142 25.39 21.81 -3.37
C GLY D 142 25.81 21.63 -4.80
N TYR D 143 26.14 20.40 -5.18
CA TYR D 143 26.79 20.11 -6.47
C TYR D 143 26.16 18.84 -7.07
N CYS D 144 26.17 18.77 -8.39
CA CYS D 144 25.89 17.51 -9.07
C CYS D 144 26.82 17.36 -10.28
N HIS D 145 26.96 16.13 -10.78
CA HIS D 145 27.82 15.78 -11.90
C HIS D 145 27.37 14.43 -12.52
N PRO D 146 26.37 14.49 -13.42
CA PRO D 146 25.96 13.27 -14.07
C PRO D 146 26.70 12.97 -15.37
N ASN D 147 26.77 11.67 -15.65
CA ASN D 147 27.29 11.14 -16.89
C ASN D 147 26.54 9.82 -17.22
N ASN D 148 25.37 9.93 -17.86
CA ASN D 148 24.52 8.75 -18.08
C ASN D 148 23.67 8.90 -19.34
N ASP D 149 22.80 7.93 -19.63
CA ASP D 149 22.04 7.91 -20.90
C ASP D 149 21.13 9.10 -21.00
N PHE D 150 20.82 9.68 -19.84
CA PHE D 150 19.83 10.75 -19.83
C PHE D 150 20.43 12.13 -19.65
N TYR D 151 21.42 12.23 -18.76
CA TYR D 151 22.07 13.53 -18.49
C TYR D 151 23.58 13.38 -18.39
N SER D 152 24.29 14.23 -19.12
CA SER D 152 25.74 14.31 -19.01
C SER D 152 26.19 15.77 -19.11
N PHE D 153 26.74 16.31 -18.04
CA PHE D 153 27.35 17.66 -18.09
C PHE D 153 28.39 17.75 -17.00
N PRO D 154 29.35 18.71 -17.11
CA PRO D 154 30.42 18.82 -16.11
C PRO D 154 29.83 19.18 -14.76
N LYS D 155 30.59 18.92 -13.70
CA LYS D 155 30.19 19.23 -12.35
C LYS D 155 29.88 20.74 -12.21
N ILE D 156 28.82 21.06 -11.46
CA ILE D 156 28.29 22.41 -11.34
C ILE D 156 27.80 22.65 -9.94
N SER D 157 28.00 23.87 -9.43
CA SER D 157 27.30 24.25 -8.18
C SER D 157 25.83 24.48 -8.53
N VAL D 158 24.93 23.96 -7.72
CA VAL D 158 23.50 24.13 -7.99
C VAL D 158 23.07 25.25 -7.02
N ASN D 159 22.72 26.41 -7.56
CA ASN D 159 22.52 27.56 -6.68
C ASN D 159 21.06 28.02 -6.65
N PRO D 160 20.59 28.53 -5.48
CA PRO D 160 21.33 28.69 -4.23
C PRO D 160 21.45 27.35 -3.49
N HIS D 161 22.50 27.19 -2.68
CA HIS D 161 22.62 25.96 -1.89
C HIS D 161 21.48 25.95 -0.86
N ALA D 162 21.11 24.77 -0.38
CA ALA D 162 19.95 24.59 0.47
C ALA D 162 20.13 25.34 1.78
N PHE D 163 19.03 25.93 2.26
CA PHE D 163 18.97 26.48 3.61
C PHE D 163 19.05 25.37 4.69
N THR D 164 18.20 24.37 4.54
CA THR D 164 18.14 23.22 5.41
C THR D 164 19.20 22.22 4.97
N GLU D 165 20.17 21.99 5.85
CA GLU D 165 21.14 20.92 5.75
C GLU D 165 20.48 19.62 5.26
N GLY D 166 20.94 19.08 4.14
CA GLY D 166 20.25 17.94 3.56
C GLY D 166 19.23 18.28 2.49
N GLY D 167 18.91 19.57 2.34
CA GLY D 167 17.84 20.07 1.47
C GLY D 167 16.51 20.08 2.20
N PRO D 168 15.46 20.55 1.50
CA PRO D 168 14.15 20.55 2.10
C PRO D 168 13.70 19.10 2.33
N ALA D 169 12.84 18.89 3.33
CA ALA D 169 12.28 17.55 3.56
C ALA D 169 11.54 17.04 2.29
N GLN D 170 11.83 15.79 1.89
CA GLN D 170 11.26 15.13 0.69
C GLN D 170 10.18 14.10 1.06
N PHE D 171 9.30 13.81 0.12
CA PHE D 171 8.33 12.72 0.22
C PHE D 171 7.93 12.35 -1.18
N VAL D 172 7.59 11.07 -1.39
N VAL D 172 7.58 11.07 -1.36
CA VAL D 172 7.38 10.57 -2.73
CA VAL D 172 7.38 10.51 -2.69
C VAL D 172 5.98 9.99 -3.01
C VAL D 172 5.91 10.11 -2.91
N ASN D 173 5.37 10.48 -4.08
CA ASN D 173 4.08 9.99 -4.49
C ASN D 173 4.12 8.45 -4.63
N ALA D 174 3.24 7.75 -3.92
CA ALA D 174 3.10 6.28 -4.05
C ALA D 174 2.28 5.94 -5.28
N THR D 175 2.94 5.86 -6.43
CA THR D 175 2.29 5.68 -7.73
C THR D 175 2.47 4.25 -8.33
N SER D 176 3.39 3.44 -7.78
CA SER D 176 3.67 2.09 -8.29
C SER D 176 4.42 1.32 -7.26
N LYS D 177 4.35 -0.02 -7.30
CA LYS D 177 5.13 -0.89 -6.43
C LYS D 177 6.64 -0.59 -6.55
N GLU D 178 7.13 -0.40 -7.77
CA GLU D 178 8.52 -0.10 -8.08
C GLU D 178 9.02 1.16 -7.35
N VAL D 179 8.28 2.26 -7.48
CA VAL D 179 8.61 3.49 -6.73
C VAL D 179 8.55 3.35 -5.22
N VAL D 180 7.53 2.66 -4.72
CA VAL D 180 7.38 2.41 -3.29
C VAL D 180 8.60 1.65 -2.70
N GLU D 181 9.07 0.64 -3.41
CA GLU D 181 10.18 -0.16 -2.99
C GLU D 181 11.47 0.66 -3.03
N TRP D 182 11.63 1.44 -4.11
CA TRP D 182 12.74 2.36 -4.29
C TRP D 182 12.80 3.39 -3.14
N ALA D 183 11.63 3.93 -2.74
CA ALA D 183 11.49 4.87 -1.57
C ALA D 183 11.87 4.21 -0.26
N ALA D 184 11.36 2.99 -0.06
CA ALA D 184 11.60 2.23 1.16
C ALA D 184 13.10 1.97 1.32
N LYS D 185 13.77 1.69 0.21
CA LYS D 185 15.20 1.47 0.26
C LYS D 185 16.00 2.71 0.71
N LEU D 186 15.46 3.90 0.41
CA LEU D 186 16.07 5.18 0.78
C LEU D 186 15.50 5.78 2.05
N GLY D 187 14.56 5.09 2.73
CA GLY D 187 13.99 5.63 3.98
C GLY D 187 13.10 6.85 3.75
N LEU D 188 12.55 6.99 2.54
CA LEU D 188 11.80 8.20 2.17
C LEU D 188 10.31 8.06 2.47
N PRO D 189 9.68 9.10 3.07
CA PRO D 189 8.21 9.08 3.29
C PRO D 189 7.49 9.01 1.96
N LEU D 190 6.36 8.34 1.97
CA LEU D 190 5.46 8.30 0.88
C LEU D 190 4.31 9.32 1.10
N VAL D 191 3.68 9.78 0.00
CA VAL D 191 2.29 10.24 0.10
C VAL D 191 1.35 9.24 -0.58
N PHE D 192 0.33 8.79 0.15
CA PHE D 192 -0.69 7.87 -0.36
C PHE D 192 -1.79 8.71 -0.98
N ARG D 193 -2.28 8.32 -2.14
CA ARG D 193 -3.16 9.19 -2.90
C ARG D 193 -4.65 8.99 -2.61
N TRP D 194 -5.36 10.10 -2.58
CA TRP D 194 -6.80 10.11 -2.40
C TRP D 194 -7.52 9.28 -3.45
N ASP D 195 -6.92 9.14 -4.63
CA ASP D 195 -7.57 8.47 -5.73
C ASP D 195 -7.22 6.99 -5.88
N ASP D 196 -6.31 6.51 -5.02
CA ASP D 196 -6.14 5.06 -4.73
C ASP D 196 -7.18 4.50 -3.75
N SER D 197 -7.45 3.19 -3.86
CA SER D 197 -8.41 2.55 -2.97
C SER D 197 -7.76 2.38 -1.58
N ASN D 198 -8.60 2.31 -0.55
CA ASN D 198 -8.09 1.82 0.76
C ASN D 198 -7.24 0.53 0.68
N ALA D 199 -7.70 -0.45 -0.06
CA ALA D 199 -6.93 -1.71 -0.22
C ALA D 199 -5.54 -1.48 -0.83
N GLN D 200 -5.48 -0.56 -1.82
CA GLN D 200 -4.24 -0.26 -2.56
C GLN D 200 -3.25 0.50 -1.68
N ARG D 201 -3.77 1.41 -0.88
CA ARG D 201 -2.94 2.11 0.08
C ARG D 201 -2.38 1.16 1.17
N LYS D 202 -3.20 0.23 1.69
N LYS D 202 -3.20 0.25 1.68
CA LYS D 202 -2.69 -0.77 2.65
CA LYS D 202 -2.73 -0.80 2.61
C LYS D 202 -1.60 -1.63 1.99
C LYS D 202 -1.59 -1.57 1.97
N GLU D 203 -1.84 -2.06 0.76
CA GLU D 203 -0.84 -2.83 -0.02
C GLU D 203 0.52 -2.10 -0.15
N TYR D 204 0.47 -0.82 -0.56
CA TYR D 204 1.65 0.06 -0.60
C TYR D 204 2.37 0.26 0.72
N ALA D 205 1.63 0.49 1.80
CA ALA D 205 2.21 0.61 3.12
C ALA D 205 2.90 -0.71 3.55
N GLY D 206 2.29 -1.86 3.27
CA GLY D 206 2.88 -3.11 3.69
C GLY D 206 4.12 -3.44 2.87
N LEU D 207 4.07 -3.18 1.56
CA LEU D 207 5.24 -3.30 0.71
C LEU D 207 6.41 -2.41 1.18
N TYR D 208 6.14 -1.15 1.50
CA TYR D 208 7.15 -0.27 2.06
C TYR D 208 7.79 -0.83 3.35
N HIS D 209 6.94 -1.32 4.25
N HIS D 209 6.96 -1.35 4.23
CA HIS D 209 7.38 -1.93 5.53
CA HIS D 209 7.50 -1.82 5.48
C HIS D 209 8.25 -3.17 5.26
C HIS D 209 8.19 -3.21 5.34
N GLU D 210 7.77 -4.01 4.34
CA GLU D 210 8.44 -5.27 3.93
C GLU D 210 9.79 -5.03 3.25
N VAL D 211 9.83 -4.07 2.31
CA VAL D 211 11.09 -3.73 1.66
C VAL D 211 12.07 -3.11 2.63
N ALA D 212 11.59 -2.24 3.50
CA ALA D 212 12.50 -1.56 4.41
C ALA D 212 13.21 -2.62 5.28
N GLN D 213 12.43 -3.42 6.03
CA GLN D 213 12.94 -4.57 6.84
C GLN D 213 13.94 -5.47 6.07
N ALA D 214 13.55 -5.99 4.92
CA ALA D 214 14.44 -6.73 4.06
C ALA D 214 15.85 -6.08 3.83
N HIS D 215 15.94 -4.74 3.88
CA HIS D 215 17.16 -4.00 3.57
C HIS D 215 17.79 -3.34 4.76
N GLY D 216 17.17 -3.45 5.93
CA GLY D 216 17.71 -2.91 7.16
C GLY D 216 17.58 -1.41 7.35
N VAL D 217 16.71 -0.78 6.57
CA VAL D 217 16.43 0.66 6.71
C VAL D 217 15.51 0.93 7.89
N ASP D 218 15.93 1.74 8.86
CA ASP D 218 15.09 2.08 10.00
C ASP D 218 14.00 3.06 9.54
N VAL D 219 12.77 2.58 9.38
CA VAL D 219 11.68 3.50 8.99
C VAL D 219 10.75 3.87 10.15
N SER D 220 11.29 3.77 11.36
CA SER D 220 10.50 3.91 12.55
C SER D 220 10.15 5.38 12.72
N GLN D 221 10.99 6.28 12.18
CA GLN D 221 10.69 7.72 12.23
C GLN D 221 10.04 8.30 10.93
N VAL D 222 9.73 7.44 9.97
CA VAL D 222 9.17 7.91 8.71
C VAL D 222 7.71 8.29 8.86
N ARG D 223 7.34 9.49 8.40
CA ARG D 223 5.98 9.94 8.55
C ARG D 223 5.32 10.04 7.21
N HIS D 224 4.57 9.00 6.85
CA HIS D 224 3.83 9.00 5.60
C HIS D 224 2.71 10.06 5.62
N LYS D 225 2.36 10.54 4.44
CA LYS D 225 1.24 11.43 4.22
C LYS D 225 0.10 10.66 3.49
N LEU D 226 -1.11 11.10 3.77
CA LEU D 226 -2.31 10.67 3.06
C LEU D 226 -3.03 11.90 2.55
N THR D 227 -3.39 11.88 1.28
CA THR D 227 -4.39 12.84 0.76
C THR D 227 -5.80 12.27 0.78
N LEU D 228 -6.77 13.11 1.17
CA LEU D 228 -8.20 12.75 1.10
C LEU D 228 -9.04 13.88 0.58
N LEU D 229 -10.08 13.61 -0.18
CA LEU D 229 -11.08 14.68 -0.42
C LEU D 229 -12.06 14.77 0.74
N VAL D 230 -12.47 15.99 1.06
CA VAL D 230 -13.43 16.24 2.12
C VAL D 230 -14.60 17.01 1.46
N ASN D 231 -15.81 16.47 1.58
CA ASN D 231 -17.06 17.23 1.21
C ASN D 231 -18.13 16.83 2.22
N GLN D 232 -18.52 17.74 3.10
CA GLN D 232 -19.53 17.45 4.12
C GLN D 232 -20.80 18.28 3.90
N ASN D 233 -21.93 17.57 3.89
CA ASN D 233 -23.24 18.20 3.74
C ASN D 233 -24.23 17.45 4.65
N VAL D 234 -25.09 18.12 5.40
CA VAL D 234 -26.17 17.45 6.17
C VAL D 234 -27.03 16.48 5.31
N ASP D 235 -27.13 16.79 4.04
CA ASP D 235 -27.68 15.92 3.03
C ASP D 235 -26.53 15.20 2.37
N GLY D 236 -26.32 13.93 2.77
CA GLY D 236 -25.26 13.10 2.26
C GLY D 236 -25.29 12.87 0.76
N GLU D 237 -26.47 12.72 0.17
N GLU D 237 -26.51 12.71 0.21
CA GLU D 237 -26.48 12.54 -1.29
CA GLU D 237 -26.73 12.57 -1.24
C GLU D 237 -26.20 13.81 -2.10
C GLU D 237 -26.19 13.79 -2.05
N ALA D 238 -26.39 14.99 -1.51
CA ALA D 238 -25.92 16.26 -2.10
C ALA D 238 -24.38 16.32 -2.08
N ALA D 239 -23.76 15.92 -0.97
CA ALA D 239 -22.30 15.78 -0.92
C ALA D 239 -21.71 14.84 -2.01
N ARG D 240 -22.24 13.62 -2.07
CA ARG D 240 -21.89 12.65 -3.10
C ARG D 240 -22.20 13.13 -4.54
N ALA D 241 -23.34 13.81 -4.77
CA ALA D 241 -23.64 14.30 -6.13
C ALA D 241 -22.74 15.42 -6.50
N GLU D 242 -22.44 16.35 -5.60
CA GLU D 242 -21.44 17.43 -5.89
C GLU D 242 -20.08 16.92 -6.21
N ALA D 243 -19.59 15.97 -5.42
CA ALA D 243 -18.24 15.45 -5.59
C ALA D 243 -18.13 14.57 -6.83
N ARG D 244 -19.26 14.01 -7.25
CA ARG D 244 -19.30 13.13 -8.41
C ARG D 244 -19.32 13.92 -9.70
N VAL D 245 -19.89 15.11 -9.66
CA VAL D 245 -19.76 16.08 -10.74
C VAL D 245 -18.33 16.61 -10.84
N TYR D 246 -17.77 17.01 -9.70
CA TYR D 246 -16.37 17.43 -9.62
C TYR D 246 -15.36 16.40 -10.14
N LEU D 247 -15.62 15.11 -9.90
CA LEU D 247 -14.60 14.06 -10.20
C LEU D 247 -14.72 13.33 -11.52
N GLU D 248 -15.87 13.49 -12.18
CA GLU D 248 -16.20 12.70 -13.35
C GLU D 248 -15.15 12.67 -14.45
N GLU D 249 -14.70 13.84 -14.91
N GLU D 249 -14.73 13.84 -14.92
CA GLU D 249 -13.73 13.93 -16.02
CA GLU D 249 -13.73 13.95 -16.01
C GLU D 249 -12.34 13.44 -15.63
C GLU D 249 -12.43 13.28 -15.57
N PHE D 250 -11.98 13.62 -14.36
CA PHE D 250 -10.78 12.99 -13.80
C PHE D 250 -10.90 11.48 -13.82
N VAL D 251 -12.02 10.94 -13.39
CA VAL D 251 -12.14 9.46 -13.34
C VAL D 251 -12.05 8.87 -14.79
N ARG D 252 -12.81 9.44 -15.74
CA ARG D 252 -12.77 9.05 -17.14
C ARG D 252 -11.39 9.17 -17.86
N GLU D 253 -10.47 9.98 -17.34
CA GLU D 253 -9.07 9.95 -17.79
C GLU D 253 -8.41 8.57 -17.70
N SER D 254 -8.77 7.77 -16.70
CA SER D 254 -8.08 6.49 -16.39
C SER D 254 -8.96 5.25 -16.31
N TYR D 255 -10.28 5.42 -16.44
CA TYR D 255 -11.22 4.31 -16.19
C TYR D 255 -12.17 4.19 -17.35
N SER D 256 -12.37 2.95 -17.79
CA SER D 256 -13.26 2.66 -18.94
C SER D 256 -14.73 3.02 -18.62
N ASN D 257 -15.51 3.28 -19.65
CA ASN D 257 -16.96 3.39 -19.47
C ASN D 257 -17.52 2.28 -18.58
N THR D 258 -16.97 1.09 -18.69
CA THR D 258 -17.47 -0.08 -18.00
C THR D 258 -16.95 -0.12 -16.56
N ASP D 259 -15.81 0.52 -16.32
CA ASP D 259 -15.18 0.51 -14.98
C ASP D 259 -15.51 1.75 -14.15
N PHE D 260 -16.12 2.76 -14.77
CA PHE D 260 -16.29 4.09 -14.20
C PHE D 260 -17.10 4.16 -12.89
N GLU D 261 -18.30 3.58 -12.91
CA GLU D 261 -19.19 3.69 -11.76
C GLU D 261 -18.56 3.08 -10.51
N GLN D 262 -18.27 1.78 -10.60
CA GLN D 262 -17.55 1.05 -9.55
C GLN D 262 -16.43 1.95 -8.90
N LYS D 263 -15.58 2.55 -9.72
CA LYS D 263 -14.54 3.46 -9.29
C LYS D 263 -15.08 4.76 -8.63
N MET D 264 -16.11 5.37 -9.22
CA MET D 264 -16.70 6.56 -8.69
C MET D 264 -17.35 6.26 -7.33
N GLY D 265 -18.10 5.15 -7.25
CA GLY D 265 -18.71 4.66 -5.98
C GLY D 265 -17.68 4.53 -4.87
N GLU D 266 -16.56 3.92 -5.19
CA GLU D 266 -15.52 3.77 -4.20
C GLU D 266 -14.88 5.11 -3.77
N LEU D 267 -14.61 6.00 -4.71
CA LEU D 267 -14.09 7.32 -4.37
C LEU D 267 -15.04 8.09 -3.45
N LEU D 268 -16.35 7.99 -3.73
CA LEU D 268 -17.36 8.70 -3.00
C LEU D 268 -17.60 8.15 -1.60
N SER D 269 -17.23 6.88 -1.39
CA SER D 269 -17.41 6.26 -0.10
C SER D 269 -16.10 6.13 0.70
N GLU D 270 -14.96 6.08 0.02
CA GLU D 270 -13.69 5.95 0.75
C GLU D 270 -13.06 7.31 1.14
N ASN D 271 -13.35 8.37 0.35
CA ASN D 271 -12.97 9.70 0.71
C ASN D 271 -13.90 10.23 1.78
N ALA D 272 -13.53 11.36 2.38
CA ALA D 272 -14.29 11.88 3.50
C ALA D 272 -15.48 12.70 2.98
N ILE D 273 -16.36 12.01 2.25
CA ILE D 273 -17.47 12.65 1.53
C ILE D 273 -18.80 12.18 2.12
N GLY D 274 -19.74 13.08 2.44
CA GLY D 274 -21.07 12.67 2.92
C GLY D 274 -21.52 13.53 4.08
N THR D 275 -22.28 12.96 5.01
CA THR D 275 -22.66 13.69 6.21
C THR D 275 -21.42 13.89 7.06
N TYR D 276 -21.50 14.72 8.11
CA TYR D 276 -20.41 14.84 9.09
C TYR D 276 -19.95 13.45 9.57
N GLU D 277 -20.88 12.63 10.01
CA GLU D 277 -20.63 11.24 10.44
C GLU D 277 -19.99 10.35 9.38
N GLU D 278 -20.51 10.39 8.16
CA GLU D 278 -19.91 9.56 7.12
C GLU D 278 -18.48 10.01 6.81
N SER D 279 -18.29 11.32 6.72
CA SER D 279 -17.05 11.94 6.34
C SER D 279 -15.93 11.66 7.36
N THR D 280 -16.26 11.85 8.65
CA THR D 280 -15.30 11.66 9.73
C THR D 280 -14.89 10.19 9.87
N GLN D 281 -15.90 9.31 9.87
CA GLN D 281 -15.63 7.89 9.86
C GLN D 281 -14.76 7.43 8.68
N ALA D 282 -15.00 7.95 7.48
CA ALA D 282 -14.20 7.53 6.31
C ALA D 282 -12.72 7.93 6.43
N ALA D 283 -12.49 9.10 7.00
CA ALA D 283 -11.16 9.64 7.25
C ALA D 283 -10.43 8.76 8.23
N ARG D 284 -11.13 8.39 9.29
CA ARG D 284 -10.58 7.47 10.31
C ARG D 284 -10.12 6.12 9.72
N VAL D 285 -11.02 5.47 8.95
CA VAL D 285 -10.68 4.22 8.22
C VAL D 285 -9.51 4.38 7.28
N ALA D 286 -9.49 5.47 6.52
CA ALA D 286 -8.42 5.73 5.55
C ALA D 286 -7.03 5.78 6.20
N ILE D 287 -6.92 6.49 7.32
CA ILE D 287 -5.70 6.54 8.13
C ILE D 287 -5.38 5.16 8.70
N GLU D 288 -6.34 4.48 9.31
CA GLU D 288 -6.11 3.11 9.80
C GLU D 288 -5.52 2.21 8.73
N CYS D 289 -6.05 2.24 7.51
CA CYS D 289 -5.57 1.32 6.44
C CYS D 289 -4.11 1.53 6.01
N CYS D 290 -3.60 2.77 6.03
CA CYS D 290 -2.29 3.06 5.47
C CYS D 290 -1.21 3.48 6.51
N GLY D 291 -1.59 3.85 7.75
CA GLY D 291 -0.60 4.25 8.75
C GLY D 291 -0.05 5.68 8.61
N ALA D 292 -0.66 6.49 7.75
CA ALA D 292 -0.21 7.87 7.57
C ALA D 292 -0.15 8.69 8.88
N ALA D 293 0.93 9.45 9.06
CA ALA D 293 0.99 10.34 10.19
C ALA D 293 0.54 11.75 9.83
N ASP D 294 0.53 12.09 8.53
CA ASP D 294 0.06 13.42 8.09
C ASP D 294 -1.14 13.27 7.17
N LEU D 295 -2.20 14.05 7.42
CA LEU D 295 -3.42 13.99 6.61
C LEU D 295 -3.60 15.31 5.92
N LEU D 296 -3.55 15.31 4.59
CA LEU D 296 -3.79 16.50 3.77
C LEU D 296 -5.17 16.35 3.14
N MET D 297 -5.98 17.37 3.29
CA MET D 297 -7.37 17.30 2.83
C MET D 297 -7.64 18.33 1.72
N SER D 298 -8.42 17.96 0.70
CA SER D 298 -8.96 19.00 -0.25
C SER D 298 -10.47 19.25 -0.02
N PHE D 299 -10.84 20.52 0.20
CA PHE D 299 -12.21 20.95 0.49
C PHE D 299 -12.84 21.55 -0.76
N GLU D 300 -12.10 21.56 -1.88
CA GLU D 300 -12.45 22.35 -3.07
C GLU D 300 -13.74 21.95 -3.77
N SER D 301 -14.13 20.69 -3.67
CA SER D 301 -15.35 20.24 -4.36
C SER D 301 -16.64 20.86 -3.82
N MET D 302 -16.60 21.45 -2.60
CA MET D 302 -17.72 22.24 -2.05
C MET D 302 -17.73 23.65 -2.69
N GLU D 303 -18.55 23.82 -3.74
CA GLU D 303 -18.75 25.07 -4.48
C GLU D 303 -19.20 26.25 -3.59
N ASP D 304 -20.19 26.00 -2.72
CA ASP D 304 -20.58 27.03 -1.79
C ASP D 304 -19.46 27.41 -0.84
N LYS D 305 -18.99 28.65 -1.01
CA LYS D 305 -17.89 29.17 -0.22
C LYS D 305 -18.13 29.17 1.33
N ALA D 306 -19.30 29.60 1.80
CA ALA D 306 -19.60 29.57 3.24
C ALA D 306 -19.69 28.13 3.79
N GLN D 307 -20.27 27.24 3.00
CA GLN D 307 -20.27 25.82 3.33
C GLN D 307 -18.85 25.28 3.40
N GLN D 308 -18.07 25.55 2.38
CA GLN D 308 -16.69 25.12 2.44
C GLN D 308 -15.94 25.63 3.68
N ARG D 309 -16.02 26.93 3.99
CA ARG D 309 -15.30 27.47 5.18
C ARG D 309 -15.78 26.88 6.53
N ALA D 310 -17.09 26.65 6.64
CA ALA D 310 -17.64 26.06 7.85
C ALA D 310 -17.13 24.63 8.10
N VAL D 311 -16.86 23.90 7.02
CA VAL D 311 -16.35 22.54 7.12
C VAL D 311 -14.85 22.58 7.48
N ILE D 312 -14.13 23.50 6.86
CA ILE D 312 -12.75 23.74 7.24
C ILE D 312 -12.69 24.03 8.74
N ASP D 313 -13.63 24.85 9.24
CA ASP D 313 -13.70 25.14 10.69
C ASP D 313 -13.95 23.90 11.57
N VAL D 314 -14.83 23.00 11.11
N VAL D 314 -14.82 23.00 11.14
CA VAL D 314 -15.18 21.80 11.85
CA VAL D 314 -15.13 21.83 11.96
C VAL D 314 -13.96 20.88 11.90
C VAL D 314 -14.05 20.75 11.84
N VAL D 315 -13.25 20.82 10.78
CA VAL D 315 -12.05 20.02 10.69
C VAL D 315 -11.00 20.63 11.62
N ASN D 316 -10.79 21.94 11.54
CA ASN D 316 -9.98 22.63 12.56
C ASN D 316 -10.26 22.22 14.05
N ALA D 317 -11.53 22.35 14.48
CA ALA D 317 -11.96 21.92 15.85
C ALA D 317 -11.58 20.46 16.14
N ASN D 318 -11.72 19.57 15.15
CA ASN D 318 -11.28 18.17 15.27
C ASN D 318 -9.77 17.98 15.39
N ILE D 319 -9.02 18.83 14.69
CA ILE D 319 -7.59 18.86 14.82
C ILE D 319 -7.22 19.35 16.23
N VAL D 320 -7.80 20.45 16.69
CA VAL D 320 -7.62 20.88 18.07
C VAL D 320 -7.82 19.74 19.07
N LYS D 321 -8.93 19.00 18.94
CA LYS D 321 -9.22 17.86 19.81
C LYS D 321 -8.21 16.72 19.69
N TYR D 322 -7.81 16.37 18.48
CA TYR D 322 -6.84 15.30 18.24
C TYR D 322 -5.51 15.59 18.94
N HIS D 323 -5.00 16.83 18.80
CA HIS D 323 -3.77 17.20 19.46
C HIS D 323 -3.91 17.14 21.01
N SER D 324 -5.10 17.35 21.57
CA SER D 324 -5.38 17.11 23.02
C SER D 324 -5.24 15.66 23.46
N LEU D 325 -5.68 14.75 22.61
CA LEU D 325 -5.70 13.35 22.93
C LEU D 325 -4.38 12.66 22.46
#